data_6W89
#
_entry.id   6W89
#
_cell.length_a   187.559
_cell.length_b   187.559
_cell.length_c   82.398
_cell.angle_alpha   90.000
_cell.angle_beta   90.000
_cell.angle_gamma   120.000
#
_symmetry.space_group_name_H-M   'P 32'
#
loop_
_entity.id
_entity.type
_entity.pdbx_description
1 polymer 'DNA (cytosine-5)-methyltransferase 3A'
2 polymer 'DNA (cytosine-5)-methyltransferase 3-like'
3 polymer 'CGA DNA (25-MER)'
4 non-polymer 'CITRIC ACID'
5 non-polymer S-ADENOSYL-L-HOMOCYSTEINE
6 water water
#
loop_
_entity_poly.entity_id
_entity_poly.type
_entity_poly.pdbx_seq_one_letter_code
_entity_poly.pdbx_strand_id
1 'polypeptide(L)'
;AEKRKPIRVLSLFDGIATGLLVLKDLGIQVDRYIASEVCEDSITVGMVRHQGKIMYVGDVRSVTQKHIQEWGPFDLVIGG
SPCNDLSIVNPARKGLYEGTGRLFFEFYRLLHDARPKEGDDRPFFWLFENVVAMGVSDKRDISRFLESNPVMIDAKEVSA
AHRARYFWGNLPGMNRPLASTVNDKLELQECLEHGRIAKFSKVRTITTRSNSIKQGKDQHFPVFMNEKEDILWCTEMERV
FGFPVHYTDVSNMSHLARQRLLGRSWSVPVIRHLFAPLKEYFACV
;
A,D,G,J
2 'polypeptide(L)'
;MFETVPVWRRQPVRVLSLFEDIKKELTSLGFLESGSDPGQLKHVVDVTDTVRKDVEEWGPFDLVYGATPPLGHTCDRPPS
WYLFQFHRLLQYARPKPGSPRPFFWMFVDNLVLNKEDLDVASRFLEMEPVTIPDVHGGSLQNAVRVWSNIPAIRSRHWAL
VSEEELSLLAQNKQSSKLAAKWPTKLVKNCFLPLREYFKYFSTELTSSL
;
B,C,H,I
3 'polydeoxyribonucleotide'
;(DC)(DA)(DT)(DG)(PYO)(DG)(DA)(DT)(DC)(DT)(DA)(DA)(DT)(DT)(DA)(DG)(DA)(DT)(DC)
(DG)(DC)(DA)(DT)(DG)(DG)
;
E,F,K,L
#
loop_
_chem_comp.id
_chem_comp.type
_chem_comp.name
_chem_comp.formula
CIT non-polymer 'CITRIC ACID' 'C6 H8 O7'
DA DNA linking 2'-DEOXYADENOSINE-5'-MONOPHOSPHATE 'C10 H14 N5 O6 P'
DC DNA linking 2'-DEOXYCYTIDINE-5'-MONOPHOSPHATE 'C9 H14 N3 O7 P'
DG DNA linking 2'-DEOXYGUANOSINE-5'-MONOPHOSPHATE 'C10 H14 N5 O7 P'
DT DNA linking THYMIDINE-5'-MONOPHOSPHATE 'C10 H15 N2 O8 P'
PYO RNA linking 1-(BETA-D-RIBOFURANOSYL)-PYRIMIDIN-2-ONE-5'-PHOSPHATE 'C9 H13 N2 O8 P'
SAH non-polymer S-ADENOSYL-L-HOMOCYSTEINE 'C14 H20 N6 O5 S'
#
# COMPACT_ATOMS: atom_id res chain seq x y z
N ALA A 1 23.78 -1.82 -14.16
CA ALA A 1 23.85 -0.83 -13.09
C ALA A 1 22.56 -0.03 -13.00
N GLU A 2 21.48 -0.71 -12.64
CA GLU A 2 20.19 -0.08 -12.37
C GLU A 2 19.75 -0.45 -10.96
N LYS A 3 18.89 0.39 -10.39
CA LYS A 3 18.44 0.22 -9.01
C LYS A 3 17.13 -0.55 -9.00
N ARG A 4 17.09 -1.61 -8.19
CA ARG A 4 15.92 -2.46 -8.12
C ARG A 4 14.86 -1.83 -7.21
N LYS A 5 13.64 -2.36 -7.30
CA LYS A 5 12.49 -1.79 -6.61
C LYS A 5 11.99 -2.72 -5.51
N PRO A 6 11.34 -2.17 -4.49
CA PRO A 6 10.65 -3.04 -3.52
C PRO A 6 9.59 -3.87 -4.23
N ILE A 7 9.38 -5.05 -3.72
CA ILE A 7 8.57 -6.08 -4.35
C ILE A 7 7.10 -5.86 -4.02
N ARG A 8 6.22 -6.25 -4.95
CA ARG A 8 4.78 -6.16 -4.78
C ARG A 8 4.24 -7.57 -4.92
N VAL A 9 3.56 -8.06 -3.88
CA VAL A 9 3.23 -9.47 -3.76
C VAL A 9 1.72 -9.60 -3.62
N LEU A 10 1.16 -10.52 -4.37
CA LEU A 10 -0.21 -10.94 -4.19
C LEU A 10 -0.16 -12.34 -3.58
N SER A 11 -0.69 -12.49 -2.37
CA SER A 11 -0.58 -13.76 -1.65
C SER A 11 -2.00 -14.29 -1.44
N LEU A 12 -2.31 -15.42 -2.06
CA LEU A 12 -3.62 -16.06 -1.95
C LEU A 12 -3.55 -17.18 -0.93
N PHE A 13 -4.60 -17.30 -0.11
CA PHE A 13 -4.62 -18.26 0.98
C PHE A 13 -3.44 -18.00 1.91
N ASP A 14 -3.39 -16.78 2.44
CA ASP A 14 -2.16 -16.29 3.03
C ASP A 14 -1.84 -16.99 4.33
N GLY A 15 -2.86 -17.44 5.07
CA GLY A 15 -2.65 -18.16 6.30
C GLY A 15 -2.16 -17.26 7.42
N ILE A 16 -1.01 -17.60 7.99
CA ILE A 16 -0.46 -16.76 9.05
C ILE A 16 0.68 -15.92 8.48
N ALA A 17 0.60 -15.61 7.19
CA ALA A 17 1.46 -14.62 6.53
C ALA A 17 2.93 -15.04 6.54
N THR A 18 3.17 -16.33 6.33
CA THR A 18 4.54 -16.83 6.25
C THR A 18 5.32 -16.15 5.15
N GLY A 19 4.67 -15.86 4.02
CA GLY A 19 5.35 -15.23 2.92
C GLY A 19 5.94 -13.88 3.28
N LEU A 20 5.13 -13.01 3.89
CA LEU A 20 5.67 -11.72 4.33
C LEU A 20 6.74 -11.91 5.40
N LEU A 21 6.55 -12.90 6.29
CA LEU A 21 7.54 -13.13 7.34
C LEU A 21 8.89 -13.44 6.73
N VAL A 22 8.92 -14.26 5.69
CA VAL A 22 10.23 -14.59 5.17
C VAL A 22 10.82 -13.42 4.38
N LEU A 23 10.02 -12.79 3.52
CA LEU A 23 10.52 -11.67 2.74
C LEU A 23 11.21 -10.65 3.64
N LYS A 24 10.60 -10.35 4.79
CA LYS A 24 11.25 -9.49 5.78
C LYS A 24 12.52 -10.14 6.32
N ASP A 25 12.51 -11.45 6.55
CA ASP A 25 13.71 -12.12 7.05
C ASP A 25 14.84 -12.12 6.04
N LEU A 26 14.55 -11.87 4.77
CA LEU A 26 15.57 -11.85 3.74
C LEU A 26 16.09 -10.45 3.45
N GLY A 27 15.50 -9.44 4.09
CA GLY A 27 15.85 -8.06 3.81
C GLY A 27 15.23 -7.51 2.55
N ILE A 28 14.32 -8.24 1.92
CA ILE A 28 13.64 -7.78 0.70
C ILE A 28 12.62 -6.72 1.09
N GLN A 29 12.77 -5.52 0.53
CA GLN A 29 11.80 -4.48 0.81
C GLN A 29 10.47 -4.80 0.13
N VAL A 30 9.38 -4.50 0.82
CA VAL A 30 8.05 -4.89 0.39
C VAL A 30 7.20 -3.64 0.29
N ASP A 31 6.74 -3.35 -0.93
CA ASP A 31 5.92 -2.18 -1.17
C ASP A 31 4.46 -2.48 -0.88
N ARG A 32 3.99 -3.64 -1.34
CA ARG A 32 2.59 -4.00 -1.22
C ARG A 32 2.47 -5.44 -0.81
N TYR A 33 1.66 -5.73 0.21
CA TYR A 33 1.34 -7.12 0.55
C TYR A 33 -0.17 -7.28 0.62
N ILE A 34 -0.71 -7.77 -0.49
CA ILE A 34 -2.14 -7.97 -0.64
C ILE A 34 -2.43 -9.45 -0.39
N ALA A 35 -3.27 -9.72 0.60
CA ALA A 35 -3.52 -11.08 1.04
C ALA A 35 -5.00 -11.37 0.97
N SER A 36 -5.33 -12.52 0.39
CA SER A 36 -6.69 -13.03 0.42
C SER A 36 -6.71 -14.19 1.40
N GLU A 37 -7.53 -14.05 2.44
CA GLU A 37 -7.67 -15.05 3.50
C GLU A 37 -9.03 -14.83 4.13
N VAL A 38 -9.64 -15.91 4.62
CA VAL A 38 -10.99 -15.83 5.19
C VAL A 38 -11.03 -16.16 6.68
N CYS A 39 -10.04 -16.89 7.21
CA CYS A 39 -10.04 -17.30 8.60
C CYS A 39 -9.69 -16.12 9.51
N GLU A 40 -10.55 -15.85 10.49
CA GLU A 40 -10.32 -14.67 11.34
C GLU A 40 -9.11 -14.85 12.25
N ASP A 41 -8.82 -16.07 12.69
CA ASP A 41 -7.62 -16.31 13.47
C ASP A 41 -6.38 -16.06 12.63
N SER A 42 -6.35 -16.63 11.42
CA SER A 42 -5.27 -16.35 10.48
C SER A 42 -5.07 -14.86 10.31
N ILE A 43 -6.16 -14.15 9.99
CA ILE A 43 -6.06 -12.72 9.71
C ILE A 43 -5.53 -11.98 10.92
N THR A 44 -5.94 -12.38 12.13
CA THR A 44 -5.49 -11.67 13.32
C THR A 44 -4.00 -11.85 13.54
N VAL A 45 -3.46 -13.04 13.27
CA VAL A 45 -2.03 -13.26 13.41
C VAL A 45 -1.26 -12.38 12.45
N GLY A 46 -1.64 -12.40 11.17
CA GLY A 46 -1.00 -11.53 10.19
C GLY A 46 -1.12 -10.05 10.56
N MET A 47 -2.31 -9.62 10.97
CA MET A 47 -2.49 -8.21 11.28
C MET A 47 -1.59 -7.79 12.44
N VAL A 48 -1.51 -8.63 13.48
CA VAL A 48 -0.74 -8.27 14.66
C VAL A 48 0.75 -8.43 14.41
N ARG A 49 1.17 -9.54 13.82
CA ARG A 49 2.60 -9.81 13.70
C ARG A 49 3.27 -8.98 12.62
N HIS A 50 2.49 -8.32 11.75
CA HIS A 50 3.06 -7.44 10.74
C HIS A 50 2.42 -6.05 10.80
N GLN A 51 1.82 -5.71 11.94
CA GLN A 51 1.54 -4.32 12.29
C GLN A 51 0.72 -3.59 11.23
N GLY A 52 -0.15 -4.31 10.54
CA GLY A 52 -1.07 -3.69 9.60
C GLY A 52 -0.49 -3.44 8.23
N LYS A 53 0.69 -4.01 7.94
CA LYS A 53 1.28 -3.88 6.63
C LYS A 53 0.43 -4.61 5.59
N ILE A 54 -0.02 -5.82 5.92
CA ILE A 54 -0.82 -6.62 5.00
C ILE A 54 -2.12 -5.92 4.67
N MET A 55 -2.50 -5.93 3.39
CA MET A 55 -3.81 -5.48 2.98
C MET A 55 -4.67 -6.69 2.68
N TYR A 56 -5.73 -6.86 3.47
CA TYR A 56 -6.60 -7.99 3.32
C TYR A 56 -7.74 -7.64 2.38
N VAL A 57 -8.07 -8.58 1.48
CA VAL A 57 -9.07 -8.37 0.44
C VAL A 57 -10.20 -9.38 0.53
N GLY A 58 -10.17 -10.30 1.49
CA GLY A 58 -11.27 -11.21 1.72
C GLY A 58 -11.18 -12.49 0.91
N ASP A 59 -12.34 -13.01 0.49
CA ASP A 59 -12.42 -14.30 -0.17
C ASP A 59 -11.76 -14.25 -1.54
N VAL A 60 -10.94 -15.26 -1.85
CA VAL A 60 -10.23 -15.29 -3.13
C VAL A 60 -11.19 -15.19 -4.29
N ARG A 61 -12.43 -15.67 -4.11
CA ARG A 61 -13.36 -15.63 -5.23
C ARG A 61 -14.01 -14.28 -5.40
N SER A 62 -13.86 -13.38 -4.43
CA SER A 62 -14.30 -12.00 -4.57
C SER A 62 -13.33 -11.14 -5.38
N VAL A 63 -12.20 -11.71 -5.82
CA VAL A 63 -11.13 -10.95 -6.47
C VAL A 63 -11.29 -11.06 -7.98
N THR A 64 -11.63 -9.96 -8.64
CA THR A 64 -11.88 -9.96 -10.07
C THR A 64 -10.64 -9.53 -10.84
N GLN A 65 -10.72 -9.68 -12.16
CA GLN A 65 -9.65 -9.18 -13.02
C GLN A 65 -9.50 -7.68 -12.87
N LYS A 66 -10.61 -6.95 -12.75
CA LYS A 66 -10.53 -5.52 -12.51
C LYS A 66 -9.72 -5.20 -11.26
N HIS A 67 -9.92 -5.97 -10.18
CA HIS A 67 -9.15 -5.74 -8.95
C HIS A 67 -7.66 -5.92 -9.19
N ILE A 68 -7.28 -7.00 -9.87
CA ILE A 68 -5.87 -7.26 -10.15
C ILE A 68 -5.24 -6.08 -10.88
N GLN A 69 -5.94 -5.51 -11.85
CA GLN A 69 -5.37 -4.44 -12.65
C GLN A 69 -5.21 -3.18 -11.82
N GLU A 70 -6.20 -2.85 -11.00
CA GLU A 70 -6.10 -1.69 -10.12
C GLU A 70 -5.00 -1.88 -9.08
N TRP A 71 -4.97 -3.03 -8.42
CA TRP A 71 -4.08 -3.25 -7.29
C TRP A 71 -2.68 -3.57 -7.74
N GLY A 72 -2.53 -4.07 -8.95
CA GLY A 72 -1.24 -4.43 -9.47
C GLY A 72 -0.53 -3.22 -9.99
N PRO A 73 0.59 -3.43 -10.69
CA PRO A 73 1.10 -4.74 -11.08
C PRO A 73 1.76 -5.49 -9.92
N PHE A 74 1.84 -6.81 -10.05
CA PHE A 74 2.46 -7.64 -9.03
C PHE A 74 3.72 -8.26 -9.61
N ASP A 75 4.72 -8.41 -8.75
CA ASP A 75 5.97 -9.05 -9.12
C ASP A 75 6.07 -10.47 -8.59
N LEU A 76 5.18 -10.83 -7.65
CA LEU A 76 5.22 -12.14 -7.01
C LEU A 76 3.80 -12.56 -6.69
N VAL A 77 3.42 -13.76 -7.11
CA VAL A 77 2.12 -14.33 -6.80
C VAL A 77 2.39 -15.66 -6.11
N ILE A 78 1.94 -15.81 -4.86
CA ILE A 78 2.20 -17.01 -4.07
C ILE A 78 0.93 -17.51 -3.42
N GLY A 79 0.88 -18.80 -3.17
CA GLY A 79 -0.22 -19.37 -2.40
C GLY A 79 -0.17 -20.88 -2.35
N GLY A 80 -0.94 -21.42 -1.43
CA GLY A 80 -1.24 -22.83 -1.40
C GLY A 80 -2.70 -23.03 -1.03
N SER A 81 -3.48 -23.58 -1.95
CA SER A 81 -4.89 -23.77 -1.70
C SER A 81 -5.13 -24.90 -0.69
N PRO A 82 -6.30 -24.90 -0.04
CA PRO A 82 -6.61 -25.97 0.92
C PRO A 82 -6.43 -27.36 0.34
N CYS A 83 -5.99 -28.27 1.19
CA CYS A 83 -5.67 -29.62 0.75
C CYS A 83 -6.56 -30.64 1.43
N ASN A 84 -7.54 -30.20 2.23
CA ASN A 84 -8.37 -31.14 2.96
C ASN A 84 -9.28 -31.95 2.05
N ASP A 85 -9.47 -31.55 0.79
CA ASP A 85 -10.17 -32.37 -0.18
C ASP A 85 -9.21 -32.94 -1.23
N LEU A 86 -7.90 -32.77 -1.02
CA LEU A 86 -6.88 -33.33 -1.91
C LEU A 86 -6.03 -34.40 -1.23
N SER A 87 -5.65 -34.19 0.03
CA SER A 87 -4.79 -35.14 0.74
C SER A 87 -5.46 -36.49 0.91
N ILE A 88 -4.70 -37.55 0.67
CA ILE A 88 -5.21 -38.92 0.84
C ILE A 88 -5.26 -39.35 2.31
N VAL A 89 -4.93 -38.44 3.25
CA VAL A 89 -5.20 -38.71 4.65
C VAL A 89 -6.69 -38.63 4.94
N ASN A 90 -7.46 -37.94 4.09
CA ASN A 90 -8.89 -37.78 4.30
C ASN A 90 -9.64 -38.81 3.50
N PRO A 91 -10.33 -39.76 4.13
CA PRO A 91 -11.07 -40.76 3.35
C PRO A 91 -12.29 -40.19 2.64
N ALA A 92 -12.76 -39.01 3.04
CA ALA A 92 -13.94 -38.36 2.47
C ALA A 92 -13.58 -37.20 1.54
N ARG A 93 -12.32 -37.14 1.10
CA ARG A 93 -11.88 -36.05 0.22
C ARG A 93 -12.74 -35.97 -1.04
N LYS A 94 -13.16 -34.75 -1.38
CA LYS A 94 -14.04 -34.53 -2.53
C LYS A 94 -13.28 -34.26 -3.82
N GLY A 95 -11.95 -34.16 -3.76
CA GLY A 95 -11.14 -34.11 -4.95
C GLY A 95 -10.89 -32.71 -5.45
N LEU A 96 -10.13 -32.63 -6.54
CA LEU A 96 -9.68 -31.35 -7.08
C LEU A 96 -10.84 -30.50 -7.61
N TYR A 97 -11.92 -31.12 -8.09
CA TYR A 97 -12.99 -30.39 -8.74
C TYR A 97 -14.18 -30.10 -7.82
N GLU A 98 -14.11 -30.50 -6.55
CA GLU A 98 -15.22 -30.32 -5.63
C GLU A 98 -14.69 -29.89 -4.26
N GLY A 99 -15.64 -29.56 -3.39
CA GLY A 99 -15.30 -29.13 -2.04
C GLY A 99 -14.33 -27.97 -2.07
N THR A 100 -13.37 -28.00 -1.15
CA THR A 100 -12.35 -26.98 -1.17
C THR A 100 -11.29 -27.24 -2.23
N GLY A 101 -11.30 -28.43 -2.84
CA GLY A 101 -10.33 -28.73 -3.87
C GLY A 101 -10.33 -27.70 -4.98
N ARG A 102 -11.52 -27.39 -5.50
CA ARG A 102 -11.68 -26.46 -6.62
C ARG A 102 -11.20 -25.05 -6.33
N LEU A 103 -10.79 -24.74 -5.09
CA LEU A 103 -10.23 -23.42 -4.82
C LEU A 103 -8.87 -23.26 -5.47
N PHE A 104 -8.24 -24.37 -5.84
CA PHE A 104 -7.01 -24.31 -6.64
C PHE A 104 -7.22 -23.49 -7.92
N PHE A 105 -8.33 -23.72 -8.62
CA PHE A 105 -8.53 -23.01 -9.87
C PHE A 105 -8.62 -21.50 -9.68
N GLU A 106 -8.97 -21.04 -8.48
CA GLU A 106 -8.94 -19.60 -8.23
C GLU A 106 -7.51 -19.08 -8.22
N PHE A 107 -6.55 -19.91 -7.79
CA PHE A 107 -5.15 -19.52 -7.93
C PHE A 107 -4.77 -19.45 -9.39
N TYR A 108 -5.11 -20.49 -10.15
CA TYR A 108 -4.87 -20.51 -11.58
C TYR A 108 -5.45 -19.29 -12.26
N ARG A 109 -6.65 -18.89 -11.87
CA ARG A 109 -7.31 -17.75 -12.52
C ARG A 109 -6.59 -16.45 -12.22
N LEU A 110 -6.38 -16.16 -10.94
CA LEU A 110 -5.75 -14.91 -10.56
C LEU A 110 -4.29 -14.85 -11.06
N LEU A 111 -3.63 -15.99 -11.13
CA LEU A 111 -2.28 -16.01 -11.69
C LEU A 111 -2.32 -15.61 -13.16
N HIS A 112 -3.27 -16.17 -13.91
CA HIS A 112 -3.44 -15.75 -15.29
C HIS A 112 -3.73 -14.26 -15.38
N ASP A 113 -4.56 -13.75 -14.46
CA ASP A 113 -4.93 -12.35 -14.47
C ASP A 113 -3.73 -11.46 -14.15
N ALA A 114 -2.80 -11.94 -13.34
CA ALA A 114 -1.69 -11.14 -12.85
C ALA A 114 -0.45 -11.25 -13.72
N ARG A 115 -0.43 -12.17 -14.69
CA ARG A 115 0.73 -12.35 -15.54
C ARG A 115 0.96 -11.14 -16.43
N PRO A 116 2.21 -10.80 -16.71
CA PRO A 116 2.49 -9.76 -17.71
C PRO A 116 2.17 -10.27 -19.11
N LYS A 117 1.56 -9.39 -19.91
CA LYS A 117 1.26 -9.73 -21.30
C LYS A 117 2.52 -10.12 -22.05
N GLU A 118 2.36 -11.05 -22.99
CA GLU A 118 3.50 -11.49 -23.78
C GLU A 118 4.08 -10.29 -24.52
N GLY A 119 5.41 -10.16 -24.46
CA GLY A 119 6.09 -8.96 -24.87
C GLY A 119 6.60 -8.12 -23.73
N ASP A 120 5.98 -8.23 -22.55
CA ASP A 120 6.47 -7.57 -21.35
C ASP A 120 7.40 -8.52 -20.62
N ASP A 121 8.68 -8.16 -20.55
CA ASP A 121 9.69 -9.02 -19.95
C ASP A 121 10.10 -8.56 -18.56
N ARG A 122 9.27 -7.76 -17.89
CA ARG A 122 9.51 -7.38 -16.50
C ARG A 122 9.58 -8.63 -15.62
N PRO A 123 10.36 -8.58 -14.54
CA PRO A 123 10.47 -9.76 -13.64
C PRO A 123 9.13 -10.12 -13.03
N PHE A 124 8.74 -11.38 -13.21
CA PHE A 124 7.51 -11.90 -12.63
C PHE A 124 7.72 -13.32 -12.12
N PHE A 125 7.41 -13.53 -10.84
CA PHE A 125 7.67 -14.79 -10.16
C PHE A 125 6.42 -15.27 -9.45
N TRP A 126 6.24 -16.59 -9.42
CA TRP A 126 5.06 -17.17 -8.80
C TRP A 126 5.43 -18.51 -8.19
N LEU A 127 4.75 -18.86 -7.10
CA LEU A 127 4.97 -20.13 -6.44
C LEU A 127 3.65 -20.71 -5.98
N PHE A 128 3.46 -22.01 -6.23
CA PHE A 128 2.29 -22.71 -5.74
C PHE A 128 2.70 -23.99 -5.04
N GLU A 129 2.12 -24.24 -3.87
CA GLU A 129 2.51 -25.33 -2.99
C GLU A 129 1.33 -26.23 -2.69
N ASN A 130 1.59 -27.54 -2.60
CA ASN A 130 0.59 -28.44 -2.06
C ASN A 130 1.25 -29.75 -1.65
N VAL A 131 0.43 -30.71 -1.22
CA VAL A 131 0.91 -31.93 -0.60
C VAL A 131 1.37 -32.92 -1.67
N VAL A 132 2.29 -33.79 -1.29
CA VAL A 132 2.66 -34.92 -2.13
C VAL A 132 1.59 -36.02 -2.05
N ALA A 133 0.88 -36.11 -0.93
CA ALA A 133 -0.05 -37.21 -0.68
C ALA A 133 -1.44 -36.89 -1.24
N MET A 134 -1.50 -36.67 -2.55
CA MET A 134 -2.73 -36.41 -3.28
C MET A 134 -2.88 -37.41 -4.41
N GLY A 135 -4.08 -37.45 -4.98
CA GLY A 135 -4.35 -38.41 -6.05
C GLY A 135 -3.51 -38.15 -7.29
N VAL A 136 -3.16 -39.24 -7.97
CA VAL A 136 -2.28 -39.13 -9.14
C VAL A 136 -2.90 -38.26 -10.22
N SER A 137 -4.22 -38.36 -10.41
CA SER A 137 -4.88 -37.53 -11.41
C SER A 137 -5.05 -36.09 -10.94
N ASP A 138 -5.04 -35.83 -9.63
CA ASP A 138 -5.11 -34.44 -9.18
C ASP A 138 -3.78 -33.73 -9.36
N LYS A 139 -2.66 -34.45 -9.18
CA LYS A 139 -1.36 -33.84 -9.47
C LYS A 139 -1.19 -33.63 -10.97
N ARG A 140 -1.70 -34.57 -11.77
CA ARG A 140 -1.69 -34.39 -13.22
C ARG A 140 -2.40 -33.10 -13.62
N ASP A 141 -3.61 -32.89 -13.11
CA ASP A 141 -4.38 -31.74 -13.56
C ASP A 141 -3.76 -30.43 -13.07
N ILE A 142 -3.23 -30.41 -11.84
CA ILE A 142 -2.60 -29.20 -11.32
C ILE A 142 -1.42 -28.80 -12.20
N SER A 143 -0.60 -29.77 -12.60
CA SER A 143 0.50 -29.49 -13.51
C SER A 143 0.00 -29.06 -14.88
N ARG A 144 -1.15 -29.61 -15.32
CA ARG A 144 -1.70 -29.23 -16.62
C ARG A 144 -2.19 -27.79 -16.60
N PHE A 145 -2.80 -27.36 -15.50
CA PHE A 145 -3.32 -26.00 -15.45
C PHE A 145 -2.24 -24.98 -15.15
N LEU A 146 -1.14 -25.42 -14.55
CA LEU A 146 -0.01 -24.54 -14.30
C LEU A 146 1.08 -24.68 -15.36
N GLU A 147 0.98 -25.69 -16.22
CA GLU A 147 1.91 -25.87 -17.33
C GLU A 147 3.34 -26.08 -16.85
N SER A 148 3.48 -26.63 -15.65
CA SER A 148 4.78 -26.86 -15.05
C SER A 148 4.75 -28.15 -14.25
N ASN A 149 5.87 -28.82 -14.20
CA ASN A 149 5.90 -29.88 -13.20
C ASN A 149 6.43 -29.33 -11.88
N PRO A 150 6.03 -29.92 -10.76
CA PRO A 150 6.44 -29.37 -9.46
C PRO A 150 7.80 -29.90 -9.04
N VAL A 151 8.33 -29.28 -8.00
CA VAL A 151 9.56 -29.70 -7.34
C VAL A 151 9.18 -30.27 -5.99
N MET A 152 9.77 -31.42 -5.64
CA MET A 152 9.51 -32.07 -4.36
C MET A 152 10.59 -31.66 -3.36
N ILE A 153 10.18 -30.89 -2.35
CA ILE A 153 11.08 -30.43 -1.30
C ILE A 153 10.55 -30.93 0.03
N ASP A 154 11.30 -31.83 0.68
CA ASP A 154 10.95 -32.34 2.01
C ASP A 154 11.63 -31.47 3.08
N ALA A 155 10.83 -30.93 4.01
CA ALA A 155 11.37 -30.07 5.06
C ALA A 155 12.31 -30.80 6.00
N LYS A 156 12.41 -32.13 5.89
CA LYS A 156 13.19 -32.89 6.85
C LYS A 156 14.66 -32.51 6.80
N GLU A 157 15.15 -32.07 5.64
CA GLU A 157 16.58 -31.76 5.56
C GLU A 157 16.92 -30.39 6.11
N VAL A 158 15.94 -29.56 6.46
CA VAL A 158 16.23 -28.26 7.05
C VAL A 158 15.44 -28.00 8.34
N SER A 159 14.80 -29.02 8.90
CA SER A 159 14.01 -28.81 10.12
C SER A 159 13.92 -30.14 10.87
N ALA A 160 13.12 -30.14 11.94
CA ALA A 160 12.97 -31.30 12.82
C ALA A 160 11.72 -32.12 12.51
N ALA A 161 11.04 -31.84 11.41
CA ALA A 161 9.85 -32.58 11.02
C ALA A 161 9.95 -33.01 9.57
N HIS A 162 9.40 -34.18 9.29
CA HIS A 162 9.12 -34.57 7.91
C HIS A 162 8.00 -33.71 7.38
N ARG A 163 8.14 -33.23 6.13
CA ARG A 163 7.05 -32.52 5.47
C ARG A 163 7.36 -32.49 3.97
N ALA A 164 6.90 -33.52 3.25
CA ALA A 164 7.10 -33.61 1.81
C ALA A 164 6.02 -32.79 1.11
N ARG A 165 6.45 -31.71 0.44
CA ARG A 165 5.54 -30.81 -0.25
C ARG A 165 5.91 -30.64 -1.71
N TYR A 166 4.89 -30.48 -2.56
CA TYR A 166 5.09 -30.13 -3.96
C TYR A 166 5.16 -28.61 -4.12
N PHE A 167 5.98 -28.16 -5.07
CA PHE A 167 6.15 -26.73 -5.34
C PHE A 167 6.18 -26.52 -6.83
N TRP A 168 5.13 -25.91 -7.36
CA TRP A 168 5.12 -25.42 -8.73
C TRP A 168 5.59 -23.97 -8.73
N GLY A 169 6.26 -23.58 -9.80
CA GLY A 169 6.62 -22.18 -9.94
C GLY A 169 7.78 -21.99 -10.88
N ASN A 170 8.21 -20.72 -10.95
CA ASN A 170 9.26 -20.28 -11.86
C ASN A 170 10.37 -19.54 -11.13
N LEU A 171 10.43 -19.66 -9.80
CA LEU A 171 11.49 -19.03 -9.05
C LEU A 171 12.84 -19.56 -9.50
N PRO A 172 13.88 -18.73 -9.48
CA PRO A 172 15.21 -19.20 -9.90
C PRO A 172 15.74 -20.23 -8.92
N GLY A 173 16.48 -21.21 -9.44
CA GLY A 173 17.10 -22.23 -8.62
C GLY A 173 16.15 -23.05 -7.78
N MET A 174 14.91 -23.25 -8.24
CA MET A 174 13.93 -23.98 -7.45
C MET A 174 14.38 -25.42 -7.16
N ASN A 175 15.11 -26.06 -8.07
CA ASN A 175 15.57 -27.42 -7.84
C ASN A 175 17.01 -27.50 -7.41
N ARG A 176 17.60 -26.41 -7.02
CA ARG A 176 18.96 -26.53 -6.53
C ARG A 176 18.92 -27.25 -5.20
N PRO A 177 20.02 -27.90 -4.83
CA PRO A 177 20.04 -28.68 -3.59
C PRO A 177 19.81 -27.82 -2.36
N LEU A 178 19.00 -28.33 -1.45
CA LEU A 178 18.80 -27.69 -0.16
C LEU A 178 20.06 -27.83 0.69
N ALA A 179 20.28 -26.84 1.56
CA ALA A 179 21.46 -26.86 2.41
C ALA A 179 21.09 -26.40 3.80
N SER A 180 21.48 -27.16 4.81
CA SER A 180 21.14 -26.88 6.19
C SER A 180 21.98 -25.71 6.66
N THR A 181 21.38 -24.53 6.71
CA THR A 181 22.03 -23.38 7.27
C THR A 181 22.13 -23.51 8.79
N VAL A 182 22.93 -22.62 9.40
CA VAL A 182 23.19 -22.76 10.83
C VAL A 182 22.08 -22.19 11.69
N ASN A 183 21.08 -21.51 11.12
CA ASN A 183 19.91 -21.09 11.89
C ASN A 183 18.76 -22.07 11.79
N ASP A 184 18.97 -23.24 11.19
CA ASP A 184 18.00 -24.32 11.21
C ASP A 184 18.25 -25.22 12.41
N LYS A 185 17.18 -25.66 13.04
CA LYS A 185 17.25 -26.68 14.08
C LYS A 185 16.77 -28.00 13.48
N LEU A 186 17.72 -28.90 13.25
CA LEU A 186 17.48 -30.15 12.52
C LEU A 186 16.94 -31.27 13.39
N GLU A 187 17.10 -31.19 14.71
CA GLU A 187 16.65 -32.25 15.60
C GLU A 187 15.63 -31.70 16.59
N LEU A 188 14.67 -32.56 16.94
CA LEU A 188 13.59 -32.17 17.85
C LEU A 188 14.14 -31.59 19.16
N GLN A 189 15.22 -32.17 19.68
CA GLN A 189 15.75 -31.71 20.96
C GLN A 189 16.02 -30.21 20.95
N GLU A 190 16.55 -29.69 19.84
CA GLU A 190 16.87 -28.27 19.74
C GLU A 190 15.64 -27.37 19.69
N CYS A 191 14.45 -27.92 19.50
CA CYS A 191 13.20 -27.15 19.52
C CYS A 191 12.48 -27.18 20.86
N LEU A 192 12.95 -27.96 21.85
CA LEU A 192 12.19 -28.16 23.07
C LEU A 192 12.56 -27.12 24.11
N GLU A 193 11.61 -26.83 25.00
CA GLU A 193 11.87 -25.93 26.11
C GLU A 193 12.77 -26.60 27.15
N HIS A 194 13.27 -25.78 28.08
CA HIS A 194 14.19 -26.30 29.09
C HIS A 194 13.57 -27.45 29.86
N GLY A 195 14.37 -28.46 30.15
CA GLY A 195 13.94 -29.52 31.03
C GLY A 195 13.21 -30.67 30.38
N ARG A 196 13.24 -30.75 29.05
CA ARG A 196 12.47 -31.74 28.32
C ARG A 196 13.38 -32.49 27.36
N ILE A 197 13.11 -33.78 27.19
CA ILE A 197 13.97 -34.67 26.43
C ILE A 197 13.20 -35.21 25.22
N ALA A 198 13.75 -35.01 24.04
CA ALA A 198 13.19 -35.58 22.83
C ALA A 198 13.38 -37.09 22.80
N LYS A 199 12.33 -37.81 22.40
CA LYS A 199 12.44 -39.25 22.16
C LYS A 199 12.70 -39.59 20.70
N PHE A 200 12.65 -38.59 19.82
CA PHE A 200 12.83 -38.75 18.39
C PHE A 200 13.74 -37.65 17.88
N SER A 201 14.59 -37.98 16.91
CA SER A 201 15.40 -36.94 16.29
C SER A 201 14.55 -36.06 15.38
N LYS A 202 13.65 -36.67 14.60
CA LYS A 202 12.71 -35.95 13.73
C LYS A 202 11.31 -36.50 13.91
N VAL A 203 10.33 -35.60 14.00
CA VAL A 203 8.93 -35.99 14.14
C VAL A 203 8.31 -36.20 12.76
N ARG A 204 7.19 -36.91 12.71
N ARG A 204 7.18 -36.90 12.74
CA ARG A 204 6.51 -37.13 11.45
CA ARG A 204 6.43 -37.14 11.52
C ARG A 204 5.75 -35.86 11.06
C ARG A 204 5.68 -35.87 11.12
N THR A 205 4.97 -35.93 9.99
CA THR A 205 4.31 -34.74 9.47
C THR A 205 3.24 -34.25 10.42
N ILE A 206 3.27 -32.95 10.71
CA ILE A 206 2.34 -32.33 11.64
C ILE A 206 1.16 -31.80 10.84
N THR A 207 -0.02 -32.37 11.08
CA THR A 207 -1.26 -31.90 10.49
C THR A 207 -1.95 -30.96 11.47
N THR A 208 -3.22 -30.66 11.20
CA THR A 208 -4.03 -29.92 12.14
C THR A 208 -4.58 -30.80 13.25
N ARG A 209 -4.28 -32.10 13.22
CA ARG A 209 -4.88 -33.08 14.11
C ARG A 209 -3.89 -33.57 15.16
N SER A 210 -4.39 -33.79 16.39
CA SER A 210 -3.53 -34.14 17.52
C SER A 210 -2.80 -35.46 17.31
N ASN A 211 -3.43 -36.43 16.64
CA ASN A 211 -2.80 -37.72 16.43
C ASN A 211 -1.53 -37.63 15.59
N SER A 212 -1.30 -36.51 14.90
CA SER A 212 -0.08 -36.34 14.12
C SER A 212 1.12 -35.99 14.98
N ILE A 213 0.89 -35.46 16.20
CA ILE A 213 1.99 -35.14 17.09
C ILE A 213 2.50 -36.39 17.80
N LYS A 214 1.62 -37.38 18.00
CA LYS A 214 2.10 -38.67 18.49
C LYS A 214 2.65 -39.46 17.32
N GLN A 215 3.71 -40.21 17.58
CA GLN A 215 4.56 -40.73 16.54
C GLN A 215 4.19 -42.17 16.21
N GLY A 216 3.91 -42.42 14.94
CA GLY A 216 3.73 -43.76 14.45
C GLY A 216 2.33 -44.30 14.69
N LYS A 217 2.18 -45.58 14.37
CA LYS A 217 0.89 -46.25 14.54
C LYS A 217 0.63 -46.55 16.00
N ASP A 218 1.68 -46.76 16.79
CA ASP A 218 1.54 -46.97 18.22
C ASP A 218 1.31 -45.69 19.00
N GLN A 219 1.27 -44.54 18.33
CA GLN A 219 1.00 -43.26 18.97
C GLN A 219 1.99 -42.98 20.10
N HIS A 220 3.28 -43.01 19.77
CA HIS A 220 4.31 -42.74 20.76
C HIS A 220 4.35 -41.25 21.08
N PHE A 221 4.49 -40.94 22.37
CA PHE A 221 4.69 -39.55 22.78
C PHE A 221 6.06 -39.06 22.33
N PRO A 222 6.17 -37.79 21.91
CA PRO A 222 7.43 -37.27 21.38
C PRO A 222 8.46 -36.89 22.44
N VAL A 223 8.06 -36.49 23.64
CA VAL A 223 9.00 -35.88 24.57
C VAL A 223 8.81 -36.46 25.97
N PHE A 224 9.93 -36.52 26.70
CA PHE A 224 10.00 -36.86 28.11
C PHE A 224 10.27 -35.59 28.92
N MET A 225 9.45 -35.36 29.94
CA MET A 225 9.68 -34.36 30.97
C MET A 225 9.39 -35.01 32.32
N ASN A 226 10.35 -34.90 33.26
CA ASN A 226 10.19 -35.44 34.61
C ASN A 226 10.02 -36.96 34.59
N GLU A 227 10.58 -37.62 33.57
CA GLU A 227 10.33 -39.03 33.29
C GLU A 227 8.87 -39.32 32.96
N LYS A 228 8.10 -38.31 32.57
CA LYS A 228 6.71 -38.49 32.19
C LYS A 228 6.52 -38.12 30.73
N GLU A 229 5.71 -38.92 30.03
CA GLU A 229 5.49 -38.69 28.61
C GLU A 229 4.68 -37.42 28.39
N ASP A 230 4.92 -36.78 27.25
CA ASP A 230 4.24 -35.53 26.90
C ASP A 230 4.28 -35.33 25.40
N ILE A 231 3.38 -34.48 24.91
CA ILE A 231 3.31 -34.10 23.51
C ILE A 231 4.09 -32.80 23.36
N LEU A 232 4.20 -32.30 22.13
CA LEU A 232 4.88 -31.02 21.90
C LEU A 232 4.02 -29.86 22.34
N TRP A 233 4.68 -28.84 22.88
CA TRP A 233 3.94 -27.60 23.20
C TRP A 233 3.92 -26.73 21.95
N CYS A 234 3.04 -25.75 21.96
CA CYS A 234 2.87 -24.81 20.84
C CYS A 234 4.18 -24.18 20.44
N THR A 235 4.94 -23.68 21.39
CA THR A 235 6.23 -23.03 21.10
C THR A 235 7.20 -24.04 20.48
N GLU A 236 7.10 -25.31 20.83
CA GLU A 236 8.00 -26.31 20.23
C GLU A 236 7.55 -26.58 18.79
N MET A 237 6.25 -26.57 18.52
CA MET A 237 5.81 -26.74 17.14
C MET A 237 6.30 -25.57 16.29
N GLU A 238 6.16 -24.34 16.82
CA GLU A 238 6.60 -23.17 16.10
C GLU A 238 8.08 -23.26 15.71
N ARG A 239 8.92 -23.76 16.64
CA ARG A 239 10.34 -23.94 16.33
C ARG A 239 10.53 -25.05 15.31
N VAL A 240 9.73 -26.12 15.43
CA VAL A 240 9.79 -27.19 14.42
C VAL A 240 9.41 -26.66 13.04
N PHE A 241 8.48 -25.71 12.99
CA PHE A 241 8.09 -25.16 11.70
C PHE A 241 8.97 -23.99 11.28
N GLY A 242 9.86 -23.53 12.17
CA GLY A 242 10.74 -22.43 11.88
C GLY A 242 10.20 -21.05 12.18
N PHE A 243 9.04 -20.94 12.82
CA PHE A 243 8.51 -19.62 13.14
C PHE A 243 9.20 -19.06 14.38
N PRO A 244 9.17 -17.74 14.56
CA PRO A 244 9.60 -17.19 15.84
C PRO A 244 8.72 -17.75 16.95
N VAL A 245 9.33 -17.97 18.12
CA VAL A 245 8.59 -18.48 19.27
C VAL A 245 7.50 -17.48 19.68
N HIS A 246 6.31 -18.01 20.00
CA HIS A 246 5.12 -17.25 20.38
C HIS A 246 4.51 -16.49 19.22
N TYR A 247 4.92 -16.80 17.99
CA TYR A 247 4.34 -16.16 16.81
C TYR A 247 2.82 -16.28 16.82
N THR A 248 2.29 -17.48 17.10
CA THR A 248 0.85 -17.72 17.11
C THR A 248 0.22 -17.47 18.48
N ASP A 249 0.95 -16.92 19.44
CA ASP A 249 0.35 -16.65 20.76
C ASP A 249 -0.41 -15.32 20.70
N VAL A 250 -1.55 -15.35 19.99
CA VAL A 250 -2.44 -14.21 19.88
C VAL A 250 -3.88 -14.71 19.98
N SER A 251 -4.78 -13.80 20.36
CA SER A 251 -6.23 -13.98 20.21
C SER A 251 -6.81 -15.04 21.15
N ASN A 252 -6.14 -15.31 22.26
CA ASN A 252 -6.60 -16.29 23.24
C ASN A 252 -6.79 -17.67 22.61
N MET A 253 -6.09 -17.93 21.52
CA MET A 253 -6.20 -19.21 20.85
C MET A 253 -5.75 -20.35 21.74
N SER A 254 -6.53 -21.42 21.76
CA SER A 254 -6.13 -22.64 22.44
C SER A 254 -4.92 -23.26 21.73
N HIS A 255 -4.34 -24.28 22.36
CA HIS A 255 -3.22 -24.91 21.70
C HIS A 255 -3.65 -25.66 20.44
N LEU A 256 -4.91 -26.10 20.36
CA LEU A 256 -5.38 -26.78 19.15
C LEU A 256 -5.64 -25.80 18.02
N ALA A 257 -6.25 -24.65 18.33
CA ALA A 257 -6.39 -23.61 17.32
C ALA A 257 -5.03 -23.16 16.78
N ARG A 258 -4.02 -23.03 17.65
CA ARG A 258 -2.68 -22.70 17.18
C ARG A 258 -2.15 -23.80 16.27
N GLN A 259 -2.34 -25.06 16.67
CA GLN A 259 -1.91 -26.16 15.83
C GLN A 259 -2.69 -26.18 14.51
N ARG A 260 -3.94 -25.74 14.53
CA ARG A 260 -4.69 -25.64 13.28
CA ARG A 260 -4.70 -25.65 13.27
C ARG A 260 -3.99 -24.71 12.30
N LEU A 261 -3.52 -23.57 12.78
CA LEU A 261 -2.80 -22.62 11.95
C LEU A 261 -1.47 -23.19 11.49
N LEU A 262 -0.71 -23.78 12.42
CA LEU A 262 0.62 -24.28 12.08
C LEU A 262 0.54 -25.48 11.16
N GLY A 263 -0.44 -26.35 11.37
CA GLY A 263 -0.59 -27.54 10.54
C GLY A 263 -0.99 -27.27 9.10
N ARG A 264 -1.53 -26.09 8.80
CA ARG A 264 -1.81 -25.72 7.42
C ARG A 264 -0.68 -24.93 6.77
N SER A 265 0.34 -24.52 7.53
CA SER A 265 1.27 -23.52 7.06
C SER A 265 2.49 -24.14 6.36
N TRP A 266 3.39 -23.26 5.92
CA TRP A 266 4.62 -23.67 5.27
C TRP A 266 5.73 -23.81 6.30
N SER A 267 6.65 -24.73 6.03
CA SER A 267 7.87 -24.78 6.80
C SER A 267 8.74 -23.60 6.40
N VAL A 268 9.13 -22.79 7.38
CA VAL A 268 9.78 -21.51 7.09
C VAL A 268 11.12 -21.68 6.38
N PRO A 269 12.03 -22.55 6.83
CA PRO A 269 13.31 -22.66 6.09
C PRO A 269 13.13 -23.10 4.65
N VAL A 270 12.10 -23.92 4.36
CA VAL A 270 11.86 -24.37 2.99
C VAL A 270 11.54 -23.19 2.10
N ILE A 271 10.62 -22.34 2.55
CA ILE A 271 10.27 -21.16 1.77
C ILE A 271 11.47 -20.24 1.64
N ARG A 272 12.20 -20.04 2.76
CA ARG A 272 13.36 -19.16 2.74
C ARG A 272 14.36 -19.61 1.68
N HIS A 273 14.53 -20.92 1.54
CA HIS A 273 15.36 -21.46 0.46
C HIS A 273 14.77 -21.13 -0.91
N LEU A 274 13.44 -21.09 -1.03
CA LEU A 274 12.81 -20.81 -2.31
C LEU A 274 12.80 -19.32 -2.64
N PHE A 275 12.64 -18.46 -1.63
CA PHE A 275 12.61 -17.02 -1.85
C PHE A 275 14.00 -16.41 -1.94
N ALA A 276 15.04 -17.12 -1.52
CA ALA A 276 16.37 -16.50 -1.39
C ALA A 276 16.87 -15.86 -2.68
N PRO A 277 16.79 -16.49 -3.87
CA PRO A 277 17.27 -15.82 -5.08
C PRO A 277 16.41 -14.64 -5.53
N LEU A 278 15.34 -14.29 -4.82
CA LEU A 278 14.58 -13.10 -5.15
C LEU A 278 15.26 -11.80 -4.73
N LYS A 279 16.19 -11.85 -3.77
CA LYS A 279 16.84 -10.62 -3.32
C LYS A 279 17.85 -10.09 -4.33
N GLU A 280 18.12 -10.84 -5.40
CA GLU A 280 18.90 -10.35 -6.52
C GLU A 280 18.01 -9.69 -7.58
N TYR A 281 16.69 -9.71 -7.39
CA TYR A 281 15.77 -9.10 -8.34
C TYR A 281 14.98 -7.93 -7.77
N PHE A 282 15.11 -7.63 -6.49
CA PHE A 282 14.34 -6.58 -5.84
C PHE A 282 15.21 -5.89 -4.79
N ALA A 283 14.79 -4.69 -4.41
CA ALA A 283 15.54 -3.87 -3.46
C ALA A 283 15.61 -4.55 -2.10
N CYS A 284 16.70 -4.30 -1.39
CA CYS A 284 17.00 -5.02 -0.16
C CYS A 284 17.55 -4.06 0.90
N VAL A 285 18.01 -4.64 2.00
CA VAL A 285 18.45 -3.94 3.22
C VAL A 285 17.27 -3.20 3.83
N MET B 1 -13.81 -5.18 -29.69
CA MET B 1 -13.65 -5.38 -31.13
C MET B 1 -14.96 -5.79 -31.80
N PHE B 2 -15.95 -4.91 -31.73
CA PHE B 2 -17.29 -5.20 -32.26
C PHE B 2 -17.50 -4.62 -33.65
N GLU B 3 -16.47 -4.67 -34.51
CA GLU B 3 -16.54 -4.10 -35.85
C GLU B 3 -16.60 -5.22 -36.89
N THR B 4 -17.12 -4.88 -38.07
CA THR B 4 -17.34 -5.82 -39.16
C THR B 4 -16.32 -5.63 -40.27
N VAL B 5 -16.39 -6.51 -41.26
CA VAL B 5 -15.53 -6.39 -42.45
C VAL B 5 -16.37 -6.57 -43.70
N PRO B 6 -15.95 -5.97 -44.83
CA PRO B 6 -16.68 -6.15 -46.08
C PRO B 6 -16.72 -7.61 -46.49
N VAL B 7 -17.75 -7.93 -47.30
CA VAL B 7 -18.06 -9.32 -47.64
C VAL B 7 -16.90 -9.99 -48.34
N TRP B 8 -16.16 -9.26 -49.17
CA TRP B 8 -15.10 -9.83 -49.97
C TRP B 8 -13.79 -10.04 -49.20
N ARG B 9 -13.72 -9.60 -47.95
CA ARG B 9 -12.51 -9.75 -47.15
C ARG B 9 -12.78 -10.65 -45.94
N ARG B 10 -13.53 -11.73 -46.15
CA ARG B 10 -13.92 -12.65 -45.08
C ARG B 10 -13.44 -14.06 -45.43
N GLN B 11 -12.65 -14.63 -44.53
CA GLN B 11 -12.06 -15.95 -44.69
C GLN B 11 -12.94 -17.01 -44.02
N PRO B 12 -12.79 -18.27 -44.42
CA PRO B 12 -13.50 -19.33 -43.71
C PRO B 12 -13.09 -19.38 -42.26
N VAL B 13 -14.07 -19.57 -41.39
CA VAL B 13 -13.83 -19.58 -39.96
C VAL B 13 -13.15 -20.87 -39.56
N ARG B 14 -12.19 -20.76 -38.65
CA ARG B 14 -11.49 -21.90 -38.07
C ARG B 14 -12.00 -22.06 -36.64
N VAL B 15 -12.53 -23.24 -36.33
CA VAL B 15 -13.28 -23.44 -35.09
C VAL B 15 -12.70 -24.63 -34.34
N LEU B 16 -12.42 -24.41 -33.06
CA LEU B 16 -12.05 -25.48 -32.14
C LEU B 16 -13.26 -25.78 -31.27
N SER B 17 -13.71 -27.02 -31.31
CA SER B 17 -14.85 -27.44 -30.51
C SER B 17 -14.42 -28.48 -29.50
N LEU B 18 -14.94 -28.38 -28.28
CA LEU B 18 -14.61 -29.27 -27.20
C LEU B 18 -15.88 -29.89 -26.65
N PHE B 19 -15.79 -31.17 -26.28
CA PHE B 19 -16.85 -31.93 -25.61
C PHE B 19 -18.08 -32.11 -26.47
N GLU B 20 -18.00 -31.76 -27.74
CA GLU B 20 -19.16 -31.76 -28.63
C GLU B 20 -18.67 -31.45 -30.02
N ASP B 21 -19.12 -32.22 -31.01
CA ASP B 21 -18.85 -31.86 -32.39
C ASP B 21 -20.03 -31.04 -32.89
N ILE B 22 -19.77 -29.80 -33.26
CA ILE B 22 -20.79 -28.93 -33.81
C ILE B 22 -20.61 -28.76 -35.31
N LYS B 23 -19.94 -29.70 -35.96
CA LYS B 23 -19.77 -29.64 -37.40
C LYS B 23 -21.10 -29.51 -38.12
N LYS B 24 -22.09 -30.31 -37.74
CA LYS B 24 -23.36 -30.32 -38.47
C LYS B 24 -24.07 -28.98 -38.40
N GLU B 25 -24.08 -28.34 -37.23
CA GLU B 25 -24.74 -27.04 -37.13
C GLU B 25 -24.09 -26.02 -38.04
N LEU B 26 -22.75 -25.91 -37.98
CA LEU B 26 -22.08 -24.85 -38.74
C LEU B 26 -22.08 -25.08 -40.25
N THR B 27 -22.05 -26.33 -40.72
CA THR B 27 -22.19 -26.54 -42.14
C THR B 27 -23.62 -26.23 -42.57
N SER B 28 -24.58 -26.52 -41.71
CA SER B 28 -25.99 -26.26 -42.00
C SER B 28 -26.26 -24.77 -42.11
N LEU B 29 -25.39 -23.93 -41.58
CA LEU B 29 -25.46 -22.49 -41.80
C LEU B 29 -24.42 -22.00 -42.79
N GLY B 30 -23.65 -22.90 -43.40
CA GLY B 30 -22.68 -22.50 -44.39
C GLY B 30 -21.42 -21.84 -43.88
N PHE B 31 -20.96 -22.20 -42.68
CA PHE B 31 -19.64 -21.78 -42.21
C PHE B 31 -18.52 -22.65 -42.74
N LEU B 32 -18.83 -23.90 -43.08
CA LEU B 32 -17.88 -24.88 -43.57
C LEU B 32 -18.41 -25.39 -44.91
N GLU B 33 -17.50 -25.73 -45.83
CA GLU B 33 -17.94 -26.42 -47.04
C GLU B 33 -17.57 -27.90 -46.95
N SER B 34 -18.33 -28.71 -47.70
CA SER B 34 -18.39 -30.15 -47.54
C SER B 34 -17.11 -30.88 -47.97
N GLY B 35 -16.10 -30.17 -48.48
CA GLY B 35 -14.81 -30.79 -48.68
C GLY B 35 -14.21 -31.31 -47.40
N SER B 36 -13.27 -32.24 -47.54
CA SER B 36 -12.71 -32.98 -46.40
C SER B 36 -12.08 -32.08 -45.34
N GLN B 40 -10.85 -27.22 -41.21
CA GLN B 40 -11.14 -25.89 -40.70
C GLN B 40 -11.67 -25.96 -39.28
N LEU B 41 -12.26 -27.10 -38.93
CA LEU B 41 -12.80 -27.33 -37.60
C LEU B 41 -12.04 -28.49 -36.96
N LYS B 42 -11.51 -28.26 -35.76
CA LYS B 42 -10.90 -29.31 -34.95
C LYS B 42 -11.80 -29.58 -33.75
N HIS B 43 -12.24 -30.83 -33.62
CA HIS B 43 -12.95 -31.31 -32.43
C HIS B 43 -11.98 -32.18 -31.63
N VAL B 44 -11.82 -31.89 -30.34
CA VAL B 44 -10.82 -32.61 -29.54
C VAL B 44 -11.48 -33.62 -28.63
N VAL B 45 -11.06 -34.87 -28.81
CA VAL B 45 -11.27 -36.07 -27.99
C VAL B 45 -11.39 -35.78 -26.51
N ASP B 46 -10.26 -35.81 -25.84
CA ASP B 46 -10.15 -35.83 -24.40
C ASP B 46 -9.10 -34.78 -24.05
N VAL B 47 -9.54 -33.69 -23.44
CA VAL B 47 -8.66 -32.54 -23.28
C VAL B 47 -7.70 -32.70 -22.12
N THR B 48 -7.77 -33.82 -21.38
CA THR B 48 -7.01 -33.93 -20.14
C THR B 48 -5.51 -33.86 -20.40
N ASP B 49 -5.05 -34.28 -21.57
CA ASP B 49 -3.62 -34.25 -21.87
C ASP B 49 -3.29 -33.33 -23.03
N THR B 50 -4.18 -32.44 -23.44
CA THR B 50 -3.83 -31.46 -24.46
C THR B 50 -3.08 -30.31 -23.80
N VAL B 51 -1.84 -30.13 -24.19
CA VAL B 51 -1.01 -29.06 -23.67
C VAL B 51 -1.19 -27.82 -24.53
N ARG B 52 -0.29 -26.85 -24.39
CA ARG B 52 -0.41 -25.60 -25.13
C ARG B 52 0.10 -25.73 -26.56
N LYS B 53 1.24 -26.38 -26.75
CA LYS B 53 1.77 -26.59 -28.09
C LYS B 53 0.77 -27.30 -28.99
N ASP B 54 -0.04 -28.20 -28.43
CA ASP B 54 -1.02 -28.94 -29.22
C ASP B 54 -2.04 -27.99 -29.86
N VAL B 55 -2.63 -27.11 -29.06
CA VAL B 55 -3.62 -26.17 -29.58
C VAL B 55 -2.99 -25.30 -30.66
N GLU B 56 -1.76 -24.87 -30.44
CA GLU B 56 -1.09 -24.02 -31.42
C GLU B 56 -0.76 -24.77 -32.70
N GLU B 57 -0.28 -26.02 -32.59
CA GLU B 57 0.03 -26.79 -33.78
C GLU B 57 -1.22 -27.12 -34.59
N TRP B 58 -2.39 -27.06 -33.96
CA TRP B 58 -3.66 -27.26 -34.64
C TRP B 58 -4.10 -26.03 -35.38
N GLY B 59 -3.16 -25.16 -35.74
CA GLY B 59 -3.47 -23.98 -36.49
C GLY B 59 -4.22 -22.97 -35.64
N PRO B 60 -4.25 -21.73 -36.09
CA PRO B 60 -4.97 -20.70 -35.36
C PRO B 60 -6.47 -20.90 -35.48
N PHE B 61 -7.20 -20.41 -34.48
CA PHE B 61 -8.65 -20.55 -34.40
C PHE B 61 -9.31 -19.19 -34.27
N ASP B 62 -10.41 -18.99 -34.98
CA ASP B 62 -11.20 -17.79 -34.80
C ASP B 62 -12.35 -17.97 -33.83
N LEU B 63 -12.66 -19.21 -33.44
CA LEU B 63 -13.76 -19.44 -32.52
C LEU B 63 -13.52 -20.71 -31.75
N VAL B 64 -13.73 -20.64 -30.44
CA VAL B 64 -13.58 -21.76 -29.53
C VAL B 64 -14.94 -22.03 -28.93
N TYR B 65 -15.44 -23.26 -29.08
CA TYR B 65 -16.77 -23.62 -28.61
C TYR B 65 -16.65 -24.70 -27.54
N GLY B 66 -17.38 -24.52 -26.45
CA GLY B 66 -17.43 -25.56 -25.45
C GLY B 66 -18.82 -25.73 -24.89
N ALA B 67 -19.19 -26.97 -24.60
CA ALA B 67 -20.53 -27.22 -24.11
C ALA B 67 -20.50 -28.32 -23.05
N THR B 68 -21.40 -28.18 -22.09
CA THR B 68 -21.58 -29.27 -21.17
C THR B 68 -22.55 -30.30 -21.75
N PRO B 69 -22.27 -31.58 -21.57
CA PRO B 69 -23.17 -32.62 -22.10
C PRO B 69 -24.57 -32.45 -21.54
N PRO B 70 -25.61 -32.75 -22.32
CA PRO B 70 -26.98 -32.50 -21.86
C PRO B 70 -27.41 -33.49 -20.79
N LEU B 71 -28.51 -33.15 -20.12
CA LEU B 71 -29.08 -33.93 -19.03
C LEU B 71 -29.12 -35.42 -19.35
N GLY B 72 -28.10 -36.15 -18.90
CA GLY B 72 -28.03 -37.57 -19.14
C GLY B 72 -26.95 -38.18 -18.27
N HIS B 73 -26.62 -39.44 -18.56
CA HIS B 73 -25.67 -40.20 -17.76
C HIS B 73 -24.29 -40.30 -18.40
N THR B 74 -23.92 -39.31 -19.24
CA THR B 74 -22.62 -39.29 -19.87
C THR B 74 -21.52 -38.76 -18.95
N CYS B 75 -21.88 -38.18 -17.81
CA CYS B 75 -20.93 -37.47 -16.97
C CYS B 75 -20.02 -38.46 -16.24
N ASP B 76 -19.02 -38.96 -16.97
CA ASP B 76 -17.87 -39.58 -16.34
C ASP B 76 -17.10 -38.58 -15.51
N ARG B 77 -17.28 -37.29 -15.78
CA ARG B 77 -16.61 -36.19 -15.12
C ARG B 77 -17.63 -35.31 -14.39
N PRO B 78 -17.18 -34.52 -13.42
CA PRO B 78 -18.10 -33.58 -12.77
C PRO B 78 -18.45 -32.43 -13.70
N PRO B 79 -19.63 -31.81 -13.52
CA PRO B 79 -20.05 -30.75 -14.45
C PRO B 79 -19.13 -29.55 -14.49
N SER B 80 -18.34 -29.29 -13.45
CA SER B 80 -17.40 -28.17 -13.46
C SER B 80 -16.12 -28.49 -14.21
N TRP B 81 -15.79 -29.77 -14.36
CA TRP B 81 -14.61 -30.15 -15.12
C TRP B 81 -14.63 -29.54 -16.53
N TYR B 82 -15.76 -29.64 -17.23
CA TYR B 82 -15.82 -29.14 -18.60
C TYR B 82 -15.58 -27.64 -18.67
N LEU B 83 -16.02 -26.91 -17.64
CA LEU B 83 -15.86 -25.46 -17.69
C LEU B 83 -14.41 -25.07 -17.42
N PHE B 84 -13.80 -25.63 -16.37
CA PHE B 84 -12.38 -25.39 -16.14
C PHE B 84 -11.57 -25.77 -17.38
N GLN B 85 -11.78 -26.97 -17.91
CA GLN B 85 -11.02 -27.41 -19.08
C GLN B 85 -11.24 -26.47 -20.26
N PHE B 86 -12.47 -25.98 -20.45
CA PHE B 86 -12.75 -25.04 -21.54
C PHE B 86 -11.94 -23.76 -21.35
N HIS B 87 -11.96 -23.20 -20.14
CA HIS B 87 -11.21 -21.98 -19.84
C HIS B 87 -9.72 -22.18 -20.05
N ARG B 88 -9.19 -23.34 -19.68
CA ARG B 88 -7.78 -23.64 -19.88
C ARG B 88 -7.43 -23.61 -21.38
N LEU B 89 -8.11 -24.42 -22.18
CA LEU B 89 -7.81 -24.48 -23.60
C LEU B 89 -8.18 -23.18 -24.31
N LEU B 90 -9.14 -22.43 -23.76
CA LEU B 90 -9.49 -21.15 -24.34
C LEU B 90 -8.31 -20.20 -24.33
N GLN B 91 -7.62 -20.09 -23.19
CA GLN B 91 -6.46 -19.22 -23.13
C GLN B 91 -5.35 -19.71 -24.06
N TYR B 92 -5.23 -21.02 -24.24
CA TYR B 92 -4.23 -21.56 -25.16
C TYR B 92 -4.47 -21.09 -26.58
N ALA B 93 -5.75 -20.84 -26.93
CA ALA B 93 -6.16 -20.56 -28.30
C ALA B 93 -6.39 -19.08 -28.59
N ARG B 94 -6.25 -18.21 -27.59
CA ARG B 94 -6.33 -16.78 -27.85
C ARG B 94 -5.18 -16.38 -28.76
N PRO B 95 -5.35 -15.36 -29.60
CA PRO B 95 -4.26 -14.89 -30.45
C PRO B 95 -3.35 -13.91 -29.73
N LYS B 96 -2.14 -13.76 -30.27
CA LYS B 96 -1.17 -12.86 -29.67
C LYS B 96 -1.68 -11.43 -29.71
N PRO B 97 -1.45 -10.63 -28.65
CA PRO B 97 -1.97 -9.26 -28.59
C PRO B 97 -1.73 -8.39 -29.83
N GLY B 98 -0.89 -8.82 -30.76
CA GLY B 98 -0.73 -8.07 -31.99
C GLY B 98 -1.89 -8.25 -32.95
N SER B 99 -2.36 -9.48 -33.09
CA SER B 99 -3.33 -9.83 -34.13
C SER B 99 -4.54 -8.90 -34.09
N PRO B 100 -5.08 -8.50 -35.25
CA PRO B 100 -6.30 -7.67 -35.25
C PRO B 100 -7.57 -8.39 -35.66
N ARG B 101 -7.45 -9.65 -36.11
CA ARG B 101 -8.60 -10.37 -36.64
C ARG B 101 -9.64 -10.63 -35.54
N PRO B 102 -10.88 -10.99 -35.93
CA PRO B 102 -11.93 -11.22 -34.93
C PRO B 102 -11.78 -12.58 -34.25
N PHE B 103 -11.93 -12.59 -32.92
CA PHE B 103 -11.82 -13.80 -32.12
C PHE B 103 -13.04 -13.94 -31.24
N PHE B 104 -13.73 -15.08 -31.34
CA PHE B 104 -14.93 -15.34 -30.56
C PHE B 104 -14.82 -16.65 -29.80
N TRP B 105 -15.49 -16.69 -28.65
CA TRP B 105 -15.58 -17.92 -27.87
C TRP B 105 -17.03 -18.05 -27.40
N MET B 106 -17.39 -19.25 -26.97
CA MET B 106 -18.73 -19.46 -26.45
C MET B 106 -18.80 -20.74 -25.63
N PHE B 107 -19.39 -20.65 -24.45
CA PHE B 107 -19.63 -21.81 -23.62
C PHE B 107 -21.14 -21.93 -23.38
N VAL B 108 -21.66 -23.14 -23.52
CA VAL B 108 -23.10 -23.38 -23.50
C VAL B 108 -23.40 -24.39 -22.40
N ASP B 109 -24.37 -24.06 -21.55
CA ASP B 109 -24.80 -24.97 -20.49
C ASP B 109 -26.25 -25.36 -20.69
N ASN B 110 -26.51 -26.65 -20.57
CA ASN B 110 -27.87 -27.19 -20.72
C ASN B 110 -28.46 -27.56 -19.36
N LEU B 111 -28.44 -26.59 -18.44
CA LEU B 111 -29.01 -26.73 -17.10
C LEU B 111 -28.33 -27.85 -16.32
N VAL B 112 -27.09 -28.17 -16.72
CA VAL B 112 -26.30 -29.19 -16.03
C VAL B 112 -25.59 -28.64 -14.81
N LEU B 113 -25.38 -27.34 -14.73
CA LEU B 113 -24.64 -26.73 -13.63
C LEU B 113 -25.63 -26.21 -12.59
N ASN B 114 -25.35 -26.48 -11.32
CA ASN B 114 -26.19 -25.97 -10.25
C ASN B 114 -25.70 -24.58 -9.84
N LYS B 115 -26.39 -23.98 -8.86
CA LYS B 115 -26.17 -22.56 -8.57
C LYS B 115 -24.71 -22.26 -8.26
N GLU B 116 -24.02 -23.17 -7.56
CA GLU B 116 -22.62 -22.90 -7.22
C GLU B 116 -21.73 -22.98 -8.45
N ASP B 117 -21.88 -24.05 -9.24
CA ASP B 117 -21.10 -24.19 -10.47
C ASP B 117 -21.36 -23.05 -11.44
N LEU B 118 -22.56 -22.45 -11.40
CA LEU B 118 -22.82 -21.36 -12.32
C LEU B 118 -22.12 -20.08 -11.88
N ASP B 119 -22.11 -19.79 -10.58
CA ASP B 119 -21.34 -18.64 -10.10
C ASP B 119 -19.87 -18.76 -10.47
N VAL B 120 -19.34 -19.99 -10.50
CA VAL B 120 -17.97 -20.20 -10.95
C VAL B 120 -17.84 -19.85 -12.42
N ALA B 121 -18.79 -20.33 -13.23
CA ALA B 121 -18.74 -20.06 -14.66
C ALA B 121 -18.70 -18.58 -14.95
N SER B 122 -19.61 -17.82 -14.34
CA SER B 122 -19.66 -16.38 -14.58
C SER B 122 -18.45 -15.65 -14.04
N ARG B 123 -17.75 -16.23 -13.08
CA ARG B 123 -16.56 -15.61 -12.51
C ARG B 123 -15.33 -15.89 -13.37
N PHE B 124 -15.22 -17.10 -13.90
CA PHE B 124 -14.09 -17.46 -14.75
C PHE B 124 -14.24 -16.95 -16.19
N LEU B 125 -15.42 -16.47 -16.59
CA LEU B 125 -15.60 -15.89 -17.91
C LEU B 125 -16.01 -14.42 -17.85
N GLU B 126 -16.02 -13.81 -16.66
N GLU B 126 -16.03 -13.82 -16.65
CA GLU B 126 -16.20 -12.37 -16.50
CA GLU B 126 -16.22 -12.38 -16.48
C GLU B 126 -17.51 -11.87 -17.13
C GLU B 126 -17.51 -11.88 -17.14
N MET B 127 -18.52 -12.73 -17.20
CA MET B 127 -19.84 -12.30 -17.65
C MET B 127 -20.86 -13.32 -17.19
N GLU B 128 -22.10 -12.85 -16.93
CA GLU B 128 -23.16 -13.76 -16.52
C GLU B 128 -23.85 -14.35 -17.74
N PRO B 129 -24.36 -15.58 -17.64
CA PRO B 129 -24.90 -16.25 -18.83
C PRO B 129 -26.20 -15.62 -19.31
N VAL B 130 -26.55 -15.95 -20.53
CA VAL B 130 -27.82 -15.56 -21.12
C VAL B 130 -28.65 -16.83 -21.31
N THR B 131 -29.86 -16.82 -20.77
CA THR B 131 -30.79 -17.94 -20.88
C THR B 131 -31.55 -17.89 -22.21
N ILE B 132 -31.78 -19.07 -22.81
CA ILE B 132 -32.43 -19.19 -24.10
C ILE B 132 -33.70 -20.04 -23.93
N PRO B 133 -34.89 -19.49 -24.16
CA PRO B 133 -36.10 -20.28 -23.99
C PRO B 133 -36.59 -20.91 -25.30
N ASP B 134 -37.05 -22.15 -25.18
CA ASP B 134 -37.63 -22.91 -26.30
C ASP B 134 -39.14 -22.99 -26.08
N VAL B 135 -39.89 -22.18 -26.83
CA VAL B 135 -41.34 -22.21 -26.81
C VAL B 135 -41.84 -22.72 -28.16
N HIS B 136 -42.70 -23.73 -28.12
CA HIS B 136 -43.20 -24.39 -29.34
C HIS B 136 -42.08 -24.87 -30.25
N LEU B 140 -42.89 -24.56 -23.27
CA LEU B 140 -41.49 -24.62 -22.86
C LEU B 140 -40.97 -26.05 -22.83
N GLN B 141 -40.00 -26.35 -23.69
CA GLN B 141 -39.45 -27.70 -23.79
C GLN B 141 -38.00 -27.79 -23.35
N ASN B 142 -37.21 -26.75 -23.53
CA ASN B 142 -35.80 -26.78 -23.12
C ASN B 142 -35.30 -25.35 -22.98
N ALA B 143 -34.05 -25.24 -22.51
CA ALA B 143 -33.41 -23.94 -22.35
C ALA B 143 -31.91 -24.15 -22.19
N VAL B 144 -31.12 -23.20 -22.71
CA VAL B 144 -29.66 -23.21 -22.55
C VAL B 144 -29.23 -21.88 -21.94
N ARG B 145 -28.11 -21.92 -21.24
CA ARG B 145 -27.41 -20.72 -20.82
C ARG B 145 -26.09 -20.62 -21.56
N VAL B 146 -25.73 -19.41 -21.97
CA VAL B 146 -24.62 -19.20 -22.88
C VAL B 146 -23.74 -18.07 -22.36
N TRP B 147 -22.43 -18.28 -22.37
CA TRP B 147 -21.44 -17.25 -22.15
C TRP B 147 -20.68 -17.05 -23.44
N SER B 148 -20.52 -15.80 -23.88
CA SER B 148 -19.79 -15.54 -25.11
C SER B 148 -19.49 -14.05 -25.23
N ASN B 149 -18.44 -13.74 -25.98
CA ASN B 149 -18.08 -12.38 -26.37
C ASN B 149 -18.83 -11.92 -27.62
N ILE B 150 -19.74 -12.72 -28.14
CA ILE B 150 -20.49 -12.39 -29.34
C ILE B 150 -21.41 -11.21 -29.04
N PRO B 151 -21.23 -10.06 -29.70
CA PRO B 151 -22.00 -8.87 -29.30
C PRO B 151 -23.51 -9.01 -29.47
N ALA B 152 -23.97 -9.64 -30.55
CA ALA B 152 -25.41 -9.71 -30.81
C ALA B 152 -26.12 -10.71 -29.89
N ILE B 153 -25.39 -11.54 -29.15
CA ILE B 153 -25.99 -12.35 -28.09
C ILE B 153 -26.01 -11.59 -26.76
N ARG B 154 -25.40 -10.41 -26.70
CA ARG B 154 -25.48 -9.54 -25.54
C ARG B 154 -26.37 -8.32 -25.75
N SER B 155 -26.76 -8.04 -26.99
CA SER B 155 -27.60 -6.89 -27.33
C SER B 155 -29.02 -7.28 -27.70
N ARG B 156 -29.19 -8.36 -28.47
CA ARG B 156 -30.51 -8.94 -28.64
C ARG B 156 -30.93 -9.65 -27.36
N HIS B 157 -32.21 -9.55 -27.03
CA HIS B 157 -32.76 -10.09 -25.79
C HIS B 157 -33.94 -10.99 -26.13
N TRP B 158 -33.79 -12.29 -25.87
CA TRP B 158 -34.87 -13.24 -26.07
C TRP B 158 -35.76 -13.22 -24.83
N ALA B 159 -36.75 -14.12 -24.81
CA ALA B 159 -37.76 -14.14 -23.76
C ALA B 159 -37.12 -14.46 -22.42
N LEU B 160 -36.96 -13.45 -21.57
CA LEU B 160 -36.31 -13.63 -20.29
C LEU B 160 -37.19 -14.47 -19.36
N VAL B 161 -36.61 -15.53 -18.83
CA VAL B 161 -37.26 -16.50 -17.97
C VAL B 161 -36.46 -16.55 -16.67
N SER B 162 -37.15 -16.73 -15.55
CA SER B 162 -36.47 -16.75 -14.27
C SER B 162 -35.79 -18.11 -14.03
N GLU B 163 -34.78 -18.10 -13.15
CA GLU B 163 -34.05 -19.33 -12.86
C GLU B 163 -34.93 -20.34 -12.11
N GLU B 164 -35.95 -19.85 -11.40
CA GLU B 164 -36.93 -20.75 -10.80
C GLU B 164 -37.78 -21.43 -11.87
N GLU B 165 -37.95 -20.79 -13.02
CA GLU B 165 -38.64 -21.47 -14.11
C GLU B 165 -37.73 -22.52 -14.74
N LEU B 166 -36.47 -22.15 -14.99
CA LEU B 166 -35.50 -23.14 -15.45
C LEU B 166 -35.31 -24.24 -14.42
N SER B 167 -35.33 -23.88 -13.14
CA SER B 167 -35.35 -24.90 -12.08
C SER B 167 -36.35 -26.01 -12.38
N LEU B 168 -37.60 -25.63 -12.69
CA LEU B 168 -38.65 -26.63 -12.84
C LEU B 168 -38.43 -27.48 -14.08
N LEU B 169 -38.02 -26.87 -15.18
CA LEU B 169 -37.73 -27.68 -16.37
C LEU B 169 -36.47 -28.51 -16.16
N ALA B 170 -35.42 -27.91 -15.61
CA ALA B 170 -34.32 -28.74 -15.13
C ALA B 170 -34.89 -29.94 -14.43
N GLN B 171 -35.87 -29.69 -13.55
CA GLN B 171 -36.60 -30.80 -12.90
C GLN B 171 -37.19 -31.77 -13.93
N ASN B 172 -37.95 -31.26 -14.94
CA ASN B 172 -38.56 -32.18 -15.88
C ASN B 172 -37.52 -32.78 -16.81
N LYS B 173 -36.33 -32.17 -16.94
CA LYS B 173 -35.31 -32.77 -17.81
C LYS B 173 -34.56 -33.91 -17.11
N GLN B 174 -34.25 -33.77 -15.82
CA GLN B 174 -33.85 -34.93 -15.01
C GLN B 174 -34.76 -36.10 -15.29
N SER B 175 -36.07 -35.86 -15.17
CA SER B 175 -37.03 -36.95 -15.08
C SER B 175 -37.08 -37.77 -16.36
N SER B 176 -37.08 -37.10 -17.53
CA SER B 176 -37.34 -37.79 -18.78
C SER B 176 -36.10 -38.51 -19.29
N LYS B 177 -34.93 -38.04 -18.92
CA LYS B 177 -33.65 -38.72 -19.26
C LYS B 177 -33.67 -40.17 -18.77
N LYS B 181 -29.84 -36.05 -26.11
CA LYS B 181 -29.03 -35.25 -27.02
C LYS B 181 -29.27 -33.75 -26.80
N TRP B 182 -28.44 -32.91 -27.45
CA TRP B 182 -28.45 -31.48 -27.20
C TRP B 182 -29.51 -30.77 -28.05
N PRO B 183 -30.11 -29.69 -27.53
CA PRO B 183 -31.06 -28.92 -28.35
C PRO B 183 -30.38 -27.97 -29.30
N THR B 184 -30.09 -28.45 -30.51
CA THR B 184 -29.36 -27.65 -31.49
C THR B 184 -30.18 -26.48 -32.00
N LYS B 185 -31.52 -26.57 -31.94
CA LYS B 185 -32.34 -25.42 -32.31
C LYS B 185 -31.99 -24.22 -31.43
N LEU B 186 -31.77 -24.45 -30.13
CA LEU B 186 -31.35 -23.35 -29.28
C LEU B 186 -29.91 -22.95 -29.56
N VAL B 187 -29.06 -23.91 -29.93
CA VAL B 187 -27.65 -23.64 -30.16
C VAL B 187 -27.43 -22.93 -31.49
N LYS B 188 -28.25 -23.26 -32.50
CA LYS B 188 -27.99 -22.78 -33.86
C LYS B 188 -28.11 -21.27 -33.97
N ASN B 189 -29.04 -20.65 -33.22
CA ASN B 189 -29.24 -19.22 -33.34
C ASN B 189 -28.06 -18.41 -32.80
N CYS B 190 -27.26 -18.98 -31.89
CA CYS B 190 -26.13 -18.26 -31.32
C CYS B 190 -24.99 -18.08 -32.32
N PHE B 191 -24.93 -18.92 -33.36
CA PHE B 191 -23.94 -18.75 -34.42
C PHE B 191 -24.43 -17.82 -35.52
N LEU B 192 -25.72 -17.45 -35.50
CA LEU B 192 -26.37 -16.56 -36.47
C LEU B 192 -25.55 -15.29 -36.74
N PRO B 193 -25.26 -14.48 -35.73
CA PRO B 193 -24.56 -13.21 -35.97
C PRO B 193 -23.08 -13.33 -36.28
N LEU B 194 -22.53 -14.53 -36.49
CA LEU B 194 -21.13 -14.61 -36.91
C LEU B 194 -20.94 -14.74 -38.41
N ARG B 195 -22.01 -14.98 -39.18
CA ARG B 195 -21.83 -14.96 -40.63
C ARG B 195 -21.62 -13.55 -41.14
N GLU B 196 -21.97 -12.53 -40.33
CA GLU B 196 -21.56 -11.17 -40.61
C GLU B 196 -20.08 -10.93 -40.33
N TYR B 197 -19.32 -11.98 -40.02
CA TYR B 197 -17.89 -11.86 -39.77
C TYR B 197 -17.02 -12.80 -40.58
N PHE B 198 -17.57 -13.90 -41.10
CA PHE B 198 -16.79 -14.93 -41.80
C PHE B 198 -17.44 -15.22 -43.14
N LYS B 199 -16.86 -16.17 -43.87
CA LYS B 199 -17.30 -16.48 -45.22
C LYS B 199 -18.51 -17.40 -45.19
N TYR B 200 -19.49 -17.09 -46.04
CA TYR B 200 -20.71 -17.88 -46.18
C TYR B 200 -20.54 -18.91 -47.31
N PHE B 201 -21.23 -20.04 -47.17
CA PHE B 201 -21.26 -21.12 -48.15
C PHE B 201 -22.68 -21.69 -48.15
N SER B 202 -23.04 -22.44 -49.18
CA SER B 202 -24.27 -23.23 -49.08
C SER B 202 -24.43 -24.18 -50.26
N THR B 203 -25.31 -25.17 -50.07
CA THR B 203 -25.70 -26.15 -51.08
C THR B 203 -26.08 -25.51 -52.42
N ALA C 1 37.24 -3.89 54.57
CA ALA C 1 35.79 -3.92 54.40
C ALA C 1 35.32 -5.33 54.10
N GLU C 2 34.02 -5.56 54.25
CA GLU C 2 33.41 -6.88 54.07
C GLU C 2 32.47 -6.85 52.87
N LYS C 3 32.74 -7.70 51.89
CA LYS C 3 31.95 -7.72 50.67
C LYS C 3 30.60 -8.40 50.90
N ARG C 4 29.56 -7.89 50.23
CA ARG C 4 28.23 -8.46 50.38
C ARG C 4 28.13 -9.79 49.65
N LYS C 5 27.09 -10.54 49.99
CA LYS C 5 26.93 -11.91 49.54
C LYS C 5 25.62 -12.08 48.76
N PRO C 6 25.56 -13.06 47.87
CA PRO C 6 24.29 -13.35 47.20
C PRO C 6 23.22 -13.74 48.22
N ILE C 7 21.98 -13.47 47.84
CA ILE C 7 20.82 -13.66 48.71
C ILE C 7 20.36 -15.11 48.63
N ARG C 8 19.83 -15.60 49.75
CA ARG C 8 19.30 -16.95 49.89
C ARG C 8 17.84 -16.83 50.29
N VAL C 9 16.94 -17.41 49.49
CA VAL C 9 15.52 -17.10 49.56
C VAL C 9 14.72 -18.36 49.84
N LEU C 10 13.79 -18.26 50.78
CA LEU C 10 12.75 -19.26 51.00
C LEU C 10 11.46 -18.65 50.47
N SER C 11 10.91 -19.22 49.40
CA SER C 11 9.70 -18.73 48.75
C SER C 11 8.54 -19.71 48.92
N LEU C 12 7.59 -19.34 49.77
CA LEU C 12 6.42 -20.15 50.04
C LEU C 12 5.25 -19.70 49.18
N PHE C 13 4.52 -20.68 48.63
CA PHE C 13 3.42 -20.41 47.70
C PHE C 13 3.95 -19.58 46.53
N ASP C 14 4.94 -20.17 45.84
CA ASP C 14 5.77 -19.38 44.94
C ASP C 14 5.01 -19.01 43.67
N GLY C 15 4.01 -19.80 43.27
CA GLY C 15 3.22 -19.45 42.12
C GLY C 15 4.06 -19.57 40.86
N ILE C 16 4.14 -18.48 40.10
CA ILE C 16 4.91 -18.51 38.86
C ILE C 16 6.26 -17.81 39.06
N ALA C 17 6.77 -17.85 40.30
CA ALA C 17 8.15 -17.43 40.61
C ALA C 17 8.38 -15.96 40.33
N THR C 18 7.36 -15.14 40.62
CA THR C 18 7.53 -13.70 40.56
C THR C 18 8.73 -13.23 41.37
N GLY C 19 8.96 -13.84 42.53
CA GLY C 19 10.00 -13.35 43.41
C GLY C 19 11.37 -13.44 42.79
N LEU C 20 11.70 -14.59 42.22
CA LEU C 20 12.98 -14.74 41.53
C LEU C 20 13.04 -13.83 40.30
N LEU C 21 11.91 -13.63 39.62
CA LEU C 21 11.90 -12.77 38.45
C LEU C 21 12.28 -11.35 38.80
N VAL C 22 11.68 -10.81 39.85
CA VAL C 22 11.97 -9.43 40.22
C VAL C 22 13.41 -9.30 40.75
N LEU C 23 13.86 -10.28 41.54
CA LEU C 23 15.23 -10.24 42.06
C LEU C 23 16.25 -10.21 40.93
N LYS C 24 16.03 -11.04 39.90
CA LYS C 24 16.89 -11.02 38.72
C LYS C 24 16.80 -9.69 37.98
N ASP C 25 15.61 -9.10 37.88
CA ASP C 25 15.50 -7.84 37.16
C ASP C 25 16.14 -6.70 37.92
N LEU C 26 16.36 -6.88 39.20
CA LEU C 26 17.04 -5.88 39.99
C LEU C 26 18.56 -6.06 39.98
N GLY C 27 19.07 -7.14 39.42
CA GLY C 27 20.48 -7.44 39.43
C GLY C 27 21.00 -8.14 40.68
N ILE C 28 20.12 -8.47 41.61
CA ILE C 28 20.53 -9.12 42.86
C ILE C 28 20.97 -10.55 42.58
N GLN C 29 22.22 -10.87 42.93
CA GLN C 29 22.69 -12.25 42.86
C GLN C 29 21.89 -13.15 43.80
N VAL C 30 21.57 -14.36 43.33
CA VAL C 30 20.74 -15.30 44.06
C VAL C 30 21.52 -16.60 44.22
N ASP C 31 21.89 -16.94 45.47
CA ASP C 31 22.65 -18.15 45.71
CA ASP C 31 22.64 -18.16 45.73
C ASP C 31 21.75 -19.38 45.64
N ARG C 32 20.60 -19.33 46.32
CA ARG C 32 19.63 -20.40 46.21
C ARG C 32 18.25 -19.82 46.40
N TYR C 33 17.28 -20.46 45.76
CA TYR C 33 15.90 -20.00 45.73
C TYR C 33 15.05 -21.24 45.91
N ILE C 34 14.68 -21.52 47.15
CA ILE C 34 13.93 -22.70 47.51
C ILE C 34 12.46 -22.33 47.51
N ALA C 35 11.65 -23.11 46.78
CA ALA C 35 10.26 -22.74 46.53
C ALA C 35 9.33 -23.86 46.96
N SER C 36 8.32 -23.50 47.74
CA SER C 36 7.25 -24.40 48.11
C SER C 36 6.01 -24.08 47.27
N GLU C 37 5.61 -25.05 46.43
CA GLU C 37 4.45 -24.91 45.56
C GLU C 37 3.94 -26.32 45.21
N VAL C 38 2.63 -26.45 44.98
CA VAL C 38 2.02 -27.74 44.68
C VAL C 38 1.43 -27.81 43.27
N CYS C 39 1.08 -26.68 42.66
CA CYS C 39 0.41 -26.68 41.35
C CYS C 39 1.40 -26.97 40.22
N GLU C 40 1.12 -28.04 39.44
CA GLU C 40 2.02 -28.46 38.35
C GLU C 40 2.26 -27.36 37.33
N ASP C 41 1.23 -26.61 36.95
CA ASP C 41 1.42 -25.56 35.94
C ASP C 41 2.38 -24.51 36.47
N SER C 42 2.16 -24.07 37.71
CA SER C 42 3.04 -23.10 38.36
C SER C 42 4.48 -23.59 38.35
N ILE C 43 4.71 -24.82 38.79
CA ILE C 43 6.07 -25.34 38.85
C ILE C 43 6.68 -25.40 37.45
N THR C 44 5.87 -25.75 36.45
CA THR C 44 6.40 -25.84 35.10
C THR C 44 6.87 -24.48 34.59
N VAL C 45 6.05 -23.44 34.78
CA VAL C 45 6.47 -22.07 34.44
C VAL C 45 7.80 -21.72 35.08
N GLY C 46 7.87 -21.84 36.42
CA GLY C 46 9.10 -21.49 37.12
C GLY C 46 10.28 -22.34 36.68
N MET C 47 10.05 -23.63 36.48
CA MET C 47 11.12 -24.50 35.99
C MET C 47 11.63 -24.01 34.64
N VAL C 48 10.72 -23.77 33.69
CA VAL C 48 11.14 -23.40 32.35
C VAL C 48 11.71 -21.99 32.32
N ARG C 49 10.99 -21.04 32.93
CA ARG C 49 11.39 -19.64 32.80
C ARG C 49 12.65 -19.32 33.61
N HIS C 50 13.11 -20.23 34.48
CA HIS C 50 14.31 -19.98 35.27
C HIS C 50 15.28 -21.15 35.20
N GLN C 51 15.21 -21.95 34.14
CA GLN C 51 16.28 -22.88 33.75
C GLN C 51 16.69 -23.80 34.89
N GLY C 52 15.72 -24.16 35.72
CA GLY C 52 15.99 -25.11 36.78
C GLY C 52 16.77 -24.54 37.94
N LYS C 53 16.78 -23.21 38.08
CA LYS C 53 17.45 -22.59 39.21
C LYS C 53 16.68 -22.85 40.49
N ILE C 54 15.36 -22.86 40.38
CA ILE C 54 14.51 -22.96 41.55
C ILE C 54 14.62 -24.35 42.16
N MET C 55 14.71 -24.39 43.48
CA MET C 55 14.71 -25.61 44.28
C MET C 55 13.29 -25.82 44.77
N TYR C 56 12.58 -26.79 44.17
CA TYR C 56 11.20 -27.08 44.54
C TYR C 56 11.17 -28.14 45.65
N VAL C 57 10.36 -27.88 46.68
CA VAL C 57 10.32 -28.75 47.84
C VAL C 57 8.93 -29.28 48.14
N GLY C 58 7.93 -28.92 47.34
CA GLY C 58 6.62 -29.52 47.50
C GLY C 58 5.69 -28.78 48.45
N ASP C 59 4.75 -29.51 49.04
CA ASP C 59 3.74 -28.93 49.92
C ASP C 59 4.40 -28.21 51.10
N VAL C 60 3.91 -27.00 51.39
CA VAL C 60 4.42 -26.22 52.50
C VAL C 60 4.24 -26.94 53.82
N ARG C 61 3.32 -27.89 53.91
CA ARG C 61 3.14 -28.60 55.17
C ARG C 61 4.12 -29.75 55.33
N SER C 62 4.90 -30.07 54.31
CA SER C 62 5.95 -31.07 54.37
C SER C 62 7.30 -30.49 54.82
N VAL C 63 7.37 -29.19 55.10
CA VAL C 63 8.63 -28.51 55.39
C VAL C 63 8.75 -28.35 56.90
N THR C 64 9.80 -28.93 57.47
CA THR C 64 9.97 -29.03 58.91
C THR C 64 11.00 -28.02 59.39
N GLN C 65 11.12 -27.91 60.73
CA GLN C 65 12.21 -27.12 61.27
C GLN C 65 13.55 -27.72 60.90
N LYS C 66 13.65 -29.05 60.94
CA LYS C 66 14.87 -29.71 60.47
C LYS C 66 15.24 -29.27 59.05
N HIS C 67 14.26 -29.19 58.15
CA HIS C 67 14.54 -28.78 56.78
C HIS C 67 15.09 -27.36 56.74
N ILE C 68 14.41 -26.42 57.41
CA ILE C 68 14.88 -25.04 57.48
C ILE C 68 16.33 -25.00 57.94
N GLN C 69 16.70 -25.86 58.90
CA GLN C 69 18.05 -25.85 59.43
C GLN C 69 19.06 -26.38 58.41
N GLU C 70 18.71 -27.47 57.73
CA GLU C 70 19.61 -28.05 56.73
C GLU C 70 19.74 -27.12 55.53
N TRP C 71 18.61 -26.64 55.02
CA TRP C 71 18.60 -25.90 53.77
C TRP C 71 19.06 -24.47 53.95
N GLY C 72 18.88 -23.92 55.15
CA GLY C 72 19.20 -22.53 55.39
C GLY C 72 20.69 -22.35 55.57
N PRO C 73 21.09 -21.18 56.08
CA PRO C 73 20.15 -20.14 56.49
C PRO C 73 19.60 -19.34 55.33
N PHE C 74 18.53 -18.61 55.60
CA PHE C 74 17.86 -17.79 54.62
C PHE C 74 18.01 -16.33 54.98
N ASP C 75 18.16 -15.49 53.94
CA ASP C 75 18.16 -14.05 54.11
C ASP C 75 16.81 -13.44 53.78
N LEU C 76 15.95 -14.15 53.04
CA LEU C 76 14.69 -13.60 52.58
C LEU C 76 13.63 -14.69 52.57
N VAL C 77 12.50 -14.42 53.21
CA VAL C 77 11.38 -15.36 53.26
C VAL C 77 10.17 -14.61 52.74
N ILE C 78 9.60 -15.09 51.65
CA ILE C 78 8.48 -14.40 51.02
C ILE C 78 7.37 -15.39 50.73
N GLY C 79 6.16 -14.85 50.61
CA GLY C 79 5.04 -15.62 50.15
C GLY C 79 3.72 -14.91 50.30
N GLY C 80 2.70 -15.46 49.65
CA GLY C 80 1.35 -14.99 49.82
C GLY C 80 0.45 -16.20 49.74
N SER C 81 -0.17 -16.53 50.87
CA SER C 81 -0.96 -17.75 50.97
C SER C 81 -2.27 -17.61 50.19
N PRO C 82 -2.86 -18.75 49.78
CA PRO C 82 -4.14 -18.72 49.06
C PRO C 82 -5.18 -17.82 49.72
N CYS C 83 -6.01 -17.20 48.89
CA CYS C 83 -6.94 -16.23 49.42
C CYS C 83 -8.37 -16.60 49.12
N ASN C 84 -8.61 -17.78 48.52
CA ASN C 84 -9.96 -18.14 48.13
C ASN C 84 -10.90 -18.35 49.32
N ASP C 85 -10.37 -18.66 50.50
CA ASP C 85 -11.17 -18.72 51.71
C ASP C 85 -11.01 -17.47 52.56
N LEU C 86 -10.42 -16.41 52.01
CA LEU C 86 -10.24 -15.14 52.70
C LEU C 86 -10.96 -13.97 52.03
N SER C 87 -10.94 -13.89 50.70
CA SER C 87 -11.50 -12.72 50.02
C SER C 87 -13.03 -12.76 50.02
N ILE C 88 -13.64 -11.61 50.31
CA ILE C 88 -15.09 -11.48 50.42
C ILE C 88 -15.76 -11.62 49.05
N VAL C 89 -14.97 -11.86 48.00
CA VAL C 89 -15.56 -12.14 46.70
C VAL C 89 -16.15 -13.54 46.67
N ASN C 90 -15.72 -14.42 47.58
CA ASN C 90 -16.27 -15.76 47.66
C ASN C 90 -17.33 -15.77 48.75
N PRO C 91 -18.62 -15.89 48.41
CA PRO C 91 -19.64 -16.03 49.46
C PRO C 91 -19.49 -17.29 50.29
N ALA C 92 -18.74 -18.28 49.79
CA ALA C 92 -18.53 -19.53 50.51
C ALA C 92 -17.17 -19.61 51.21
N ARG C 93 -16.48 -18.48 51.38
CA ARG C 93 -15.17 -18.49 52.03
C ARG C 93 -15.25 -19.13 53.41
N LYS C 94 -14.33 -20.06 53.68
CA LYS C 94 -14.33 -20.79 54.95
C LYS C 94 -13.46 -20.10 56.02
N GLY C 95 -12.83 -18.97 55.69
CA GLY C 95 -12.16 -18.15 56.68
C GLY C 95 -10.71 -18.54 56.94
N LEU C 96 -10.09 -17.79 57.86
CA LEU C 96 -8.67 -17.96 58.14
C LEU C 96 -8.34 -19.30 58.80
N TYR C 97 -9.27 -19.92 59.51
CA TYR C 97 -8.97 -21.08 60.32
C TYR C 97 -9.38 -22.40 59.69
N GLU C 98 -9.97 -22.39 58.50
CA GLU C 98 -10.31 -23.63 57.80
C GLU C 98 -10.06 -23.43 56.31
N GLY C 99 -10.48 -24.41 55.51
CA GLY C 99 -10.19 -24.46 54.10
C GLY C 99 -8.72 -24.24 53.81
N THR C 100 -8.45 -23.50 52.73
CA THR C 100 -7.07 -23.13 52.44
C THR C 100 -6.61 -21.97 53.32
N GLY C 101 -7.54 -21.26 53.97
CA GLY C 101 -7.16 -20.12 54.79
C GLY C 101 -6.11 -20.48 55.83
N ARG C 102 -6.27 -21.64 56.47
CA ARG C 102 -5.31 -22.07 57.49
C ARG C 102 -3.89 -22.27 56.95
N LEU C 103 -3.68 -22.18 55.63
CA LEU C 103 -2.31 -22.28 55.13
C LEU C 103 -1.50 -21.03 55.42
N PHE C 104 -2.17 -19.94 55.81
CA PHE C 104 -1.44 -18.76 56.30
C PHE C 104 -0.55 -19.13 57.49
N PHE C 105 -1.09 -19.89 58.45
CA PHE C 105 -0.31 -20.20 59.65
C PHE C 105 0.94 -21.00 59.33
N GLU C 106 1.00 -21.67 58.18
CA GLU C 106 2.23 -22.33 57.77
C GLU C 106 3.30 -21.32 57.41
N PHE C 107 2.91 -20.19 56.82
CA PHE C 107 3.88 -19.12 56.61
C PHE C 107 4.39 -18.61 57.94
N TYR C 108 3.47 -18.39 58.88
CA TYR C 108 3.85 -17.92 60.21
C TYR C 108 4.82 -18.89 60.88
N ARG C 109 4.65 -20.19 60.63
CA ARG C 109 5.47 -21.20 61.30
C ARG C 109 6.86 -21.27 60.70
N LEU C 110 6.94 -21.35 59.37
CA LEU C 110 8.26 -21.41 58.73
C LEU C 110 9.01 -20.09 58.89
N LEU C 111 8.29 -18.97 58.99
CA LEU C 111 8.95 -17.71 59.27
C LEU C 111 9.64 -17.74 60.62
N HIS C 112 8.92 -18.19 61.65
CA HIS C 112 9.52 -18.36 62.96
C HIS C 112 10.74 -19.29 62.87
N ASP C 113 10.59 -20.40 62.15
CA ASP C 113 11.67 -21.38 62.06
C ASP C 113 12.91 -20.79 61.40
N ALA C 114 12.73 -19.88 60.45
CA ALA C 114 13.82 -19.32 59.66
C ALA C 114 14.43 -18.06 60.27
N ARG C 115 13.74 -17.43 61.22
CA ARG C 115 14.23 -16.21 61.84
C ARG C 115 15.53 -16.47 62.60
N PRO C 116 16.45 -15.51 62.59
CA PRO C 116 17.66 -15.64 63.39
C PRO C 116 17.33 -15.60 64.88
N LYS C 117 18.12 -16.35 65.65
CA LYS C 117 18.09 -16.29 67.10
C LYS C 117 18.32 -14.86 67.58
N GLU C 118 17.78 -14.53 68.74
CA GLU C 118 18.10 -13.24 69.34
C GLU C 118 19.56 -13.19 69.76
N GLY C 119 20.24 -12.12 69.39
CA GLY C 119 21.67 -12.06 69.44
C GLY C 119 22.33 -12.17 68.09
N ASP C 120 21.68 -12.83 67.13
CA ASP C 120 22.16 -12.89 65.75
C ASP C 120 21.63 -11.68 64.99
N ASP C 121 22.53 -10.80 64.57
CA ASP C 121 22.18 -9.55 63.91
C ASP C 121 22.36 -9.61 62.40
N ARG C 122 22.47 -10.82 61.84
CA ARG C 122 22.61 -10.96 60.41
C ARG C 122 21.37 -10.41 59.70
N PRO C 123 21.54 -9.85 58.50
CA PRO C 123 20.40 -9.27 57.79
C PRO C 123 19.35 -10.33 57.43
N PHE C 124 18.11 -10.08 57.86
CA PHE C 124 17.01 -11.00 57.61
C PHE C 124 15.76 -10.22 57.22
N PHE C 125 15.21 -10.53 56.05
CA PHE C 125 14.06 -9.82 55.53
C PHE C 125 12.95 -10.80 55.18
N TRP C 126 11.71 -10.35 55.34
CA TRP C 126 10.56 -11.18 55.02
C TRP C 126 9.41 -10.31 54.51
N LEU C 127 8.52 -10.95 53.76
CA LEU C 127 7.40 -10.25 53.15
C LEU C 127 6.22 -11.19 53.03
N PHE C 128 5.05 -10.76 53.53
CA PHE C 128 3.83 -11.54 53.36
C PHE C 128 2.75 -10.67 52.74
N GLU C 129 2.10 -11.21 51.70
CA GLU C 129 1.10 -10.50 50.91
C GLU C 129 -0.25 -11.20 50.98
N ASN C 130 -1.32 -10.42 51.02
CA ASN C 130 -2.65 -10.95 50.75
C ASN C 130 -3.59 -9.81 50.37
N VAL C 131 -4.86 -10.16 50.11
CA VAL C 131 -5.82 -9.23 49.53
C VAL C 131 -6.35 -8.29 50.61
N VAL C 132 -6.73 -7.09 50.18
CA VAL C 132 -7.35 -6.14 51.09
C VAL C 132 -8.78 -6.56 51.41
N ALA C 133 -9.47 -7.15 50.45
CA ALA C 133 -10.89 -7.47 50.58
C ALA C 133 -11.13 -8.76 51.36
N MET C 134 -10.65 -8.78 52.61
CA MET C 134 -10.88 -9.87 53.55
C MET C 134 -11.65 -9.35 54.75
N GLY C 135 -11.99 -10.25 55.68
CA GLY C 135 -12.77 -9.85 56.83
C GLY C 135 -11.96 -9.05 57.82
N VAL C 136 -12.67 -8.21 58.57
CA VAL C 136 -12.03 -7.46 59.65
C VAL C 136 -11.28 -8.38 60.59
N SER C 137 -11.93 -9.45 61.06
CA SER C 137 -11.32 -10.28 62.09
C SER C 137 -10.15 -11.08 61.53
N ASP C 138 -10.28 -11.57 60.29
CA ASP C 138 -9.19 -12.32 59.68
C ASP C 138 -7.96 -11.45 59.46
N LYS C 139 -8.14 -10.18 59.06
CA LYS C 139 -7.01 -9.29 58.91
C LYS C 139 -6.37 -9.00 60.25
N ARG C 140 -7.21 -8.86 61.28
CA ARG C 140 -6.72 -8.66 62.63
C ARG C 140 -5.84 -9.81 63.10
N ASP C 141 -6.24 -11.05 62.80
CA ASP C 141 -5.50 -12.18 63.32
C ASP C 141 -4.16 -12.34 62.61
N ILE C 142 -4.14 -12.05 61.31
CA ILE C 142 -2.89 -12.14 60.55
C ILE C 142 -1.85 -11.19 61.13
N SER C 143 -2.28 -9.97 61.46
CA SER C 143 -1.37 -8.99 62.08
C SER C 143 -0.98 -9.40 63.48
N ARG C 144 -1.87 -10.06 64.22
CA ARG C 144 -1.50 -10.59 65.53
C ARG C 144 -0.42 -11.65 65.44
N PHE C 145 -0.52 -12.54 64.44
CA PHE C 145 0.42 -13.65 64.35
C PHE C 145 1.75 -13.22 63.74
N LEU C 146 1.75 -12.18 62.91
CA LEU C 146 2.99 -11.63 62.38
C LEU C 146 3.46 -10.42 63.17
N GLU C 147 2.67 -9.96 64.14
CA GLU C 147 3.08 -8.93 65.08
C GLU C 147 3.39 -7.62 64.37
N SER C 148 2.72 -7.37 63.25
CA SER C 148 2.96 -6.13 62.50
C SER C 148 1.69 -5.76 61.75
N ASN C 149 1.53 -4.48 61.52
CA ASN C 149 0.44 -4.06 60.65
C ASN C 149 0.90 -4.02 59.20
N PRO C 150 0.02 -4.28 58.25
CA PRO C 150 0.41 -4.28 56.84
C PRO C 150 0.47 -2.86 56.29
N VAL C 151 1.02 -2.75 55.08
CA VAL C 151 0.94 -1.52 54.29
C VAL C 151 0.08 -1.83 53.07
N MET C 152 -0.80 -0.89 52.72
CA MET C 152 -1.70 -1.03 51.59
C MET C 152 -1.04 -0.42 50.36
N ILE C 153 -0.73 -1.26 49.38
CA ILE C 153 -0.13 -0.80 48.13
C ILE C 153 -1.05 -1.24 46.99
N ASP C 154 -1.67 -0.26 46.30
CA ASP C 154 -2.51 -0.55 45.14
C ASP C 154 -1.67 -0.48 43.87
N ALA C 155 -1.78 -1.50 43.04
CA ALA C 155 -0.97 -1.56 41.82
C ALA C 155 -1.41 -0.55 40.77
N LYS C 156 -2.56 0.11 40.99
CA LYS C 156 -3.05 1.07 40.01
C LYS C 156 -2.09 2.22 39.79
N GLU C 157 -1.25 2.52 40.80
CA GLU C 157 -0.37 3.67 40.68
C GLU C 157 0.84 3.39 39.80
N VAL C 158 1.16 2.13 39.53
CA VAL C 158 2.33 1.79 38.73
C VAL C 158 1.98 0.82 37.60
N SER C 159 0.69 0.67 37.32
CA SER C 159 0.26 -0.29 36.32
C SER C 159 -1.14 0.09 35.85
N ALA C 160 -1.71 -0.72 34.97
CA ALA C 160 -2.98 -0.41 34.32
C ALA C 160 -4.16 -1.13 34.95
N ALA C 161 -3.99 -1.68 36.16
CA ALA C 161 -5.07 -2.41 36.79
C ALA C 161 -5.18 -2.03 38.26
N HIS C 162 -6.41 -2.02 38.77
CA HIS C 162 -6.63 -1.92 40.20
C HIS C 162 -6.24 -3.25 40.85
N ARG C 163 -5.39 -3.18 41.88
CA ARG C 163 -5.05 -4.37 42.65
C ARG C 163 -4.57 -3.89 44.02
N ALA C 164 -5.52 -3.70 44.93
CA ALA C 164 -5.21 -3.23 46.27
C ALA C 164 -4.81 -4.42 47.13
N ARG C 165 -3.56 -4.44 47.58
CA ARG C 165 -3.01 -5.57 48.33
C ARG C 165 -2.39 -5.10 49.64
N TYR C 166 -2.49 -5.96 50.65
CA TYR C 166 -1.81 -5.77 51.93
C TYR C 166 -0.44 -6.41 51.87
N PHE C 167 0.52 -5.82 52.58
CA PHE C 167 1.88 -6.34 52.61
C PHE C 167 2.40 -6.23 54.03
N TRP C 168 2.60 -7.37 54.66
CA TRP C 168 3.26 -7.44 55.95
C TRP C 168 4.73 -7.79 55.70
N GLY C 169 5.61 -7.21 56.49
CA GLY C 169 7.02 -7.49 56.35
C GLY C 169 7.90 -6.45 57.02
N ASN C 170 9.20 -6.60 56.80
CA ASN C 170 10.21 -5.76 57.43
C ASN C 170 11.21 -5.20 56.42
N LEU C 171 10.83 -5.07 55.16
CA LEU C 171 11.75 -4.55 54.15
C LEU C 171 11.95 -3.04 54.31
N PRO C 172 13.16 -2.55 54.03
CA PRO C 172 13.42 -1.11 54.18
C PRO C 172 12.49 -0.30 53.29
N GLY C 173 11.81 0.67 53.88
CA GLY C 173 11.00 1.61 53.14
C GLY C 173 9.75 1.04 52.50
N MET C 174 9.01 0.21 53.24
CA MET C 174 7.76 -0.31 52.70
C MET C 174 6.67 0.73 52.66
N ASN C 175 6.84 1.85 53.36
CA ASN C 175 5.85 2.93 53.37
C ASN C 175 6.27 4.14 52.55
N ARG C 176 7.42 4.08 51.88
CA ARG C 176 7.83 5.19 51.04
C ARG C 176 6.90 5.29 49.84
N PRO C 177 6.69 6.50 49.33
CA PRO C 177 5.79 6.67 48.18
C PRO C 177 6.21 5.81 46.99
N LEU C 178 5.23 5.43 46.18
CA LEU C 178 5.48 4.70 44.95
C LEU C 178 5.68 5.71 43.82
N ALA C 179 6.76 5.52 43.05
CA ALA C 179 7.01 6.35 41.88
C ALA C 179 6.90 5.50 40.62
N SER C 180 6.35 6.10 39.57
CA SER C 180 6.25 5.42 38.30
C SER C 180 7.60 5.53 37.59
N THR C 181 8.20 4.39 37.27
CA THR C 181 9.31 4.39 36.35
C THR C 181 8.79 4.44 34.92
N VAL C 182 9.68 4.76 34.00
CA VAL C 182 9.30 4.80 32.59
C VAL C 182 9.12 3.41 32.00
N ASN C 183 9.51 2.36 32.73
CA ASN C 183 9.20 1.01 32.31
C ASN C 183 7.79 0.59 32.71
N ASP C 184 7.08 1.40 33.49
CA ASP C 184 5.70 1.07 33.85
C ASP C 184 4.76 1.48 32.73
N LYS C 185 3.79 0.62 32.44
CA LYS C 185 2.72 0.93 31.50
C LYS C 185 1.48 1.31 32.30
N LEU C 186 1.22 2.61 32.42
CA LEU C 186 0.19 3.11 33.32
C LEU C 186 -1.23 2.96 32.78
N GLU C 187 -1.42 2.99 31.47
CA GLU C 187 -2.76 2.92 30.91
C GLU C 187 -2.92 1.65 30.08
N LEU C 188 -4.16 1.17 30.00
CA LEU C 188 -4.44 -0.09 29.33
C LEU C 188 -3.99 -0.08 27.86
N GLN C 189 -4.18 1.04 27.17
CA GLN C 189 -3.78 1.12 25.76
C GLN C 189 -2.33 0.69 25.52
N GLU C 190 -1.43 1.04 26.44
CA GLU C 190 -0.03 0.66 26.31
C GLU C 190 0.23 -0.83 26.48
N CYS C 191 -0.74 -1.62 26.97
CA CYS C 191 -0.61 -3.07 27.12
C CYS C 191 -1.21 -3.89 25.99
N LEU C 192 -1.91 -3.27 25.03
CA LEU C 192 -2.63 -4.01 24.01
C LEU C 192 -1.76 -4.27 22.79
N GLU C 193 -2.09 -5.34 22.06
CA GLU C 193 -1.41 -5.60 20.81
C GLU C 193 -1.83 -4.59 19.74
N HIS C 194 -1.03 -4.52 18.67
CA HIS C 194 -1.33 -3.65 17.54
C HIS C 194 -2.75 -3.85 17.05
N GLY C 195 -3.40 -2.73 16.71
CA GLY C 195 -4.71 -2.77 16.10
C GLY C 195 -5.87 -2.74 17.05
N ARG C 196 -5.61 -2.73 18.35
CA ARG C 196 -6.66 -2.85 19.33
C ARG C 196 -6.72 -1.57 20.16
N ILE C 197 -7.94 -1.14 20.47
CA ILE C 197 -8.20 0.12 21.15
C ILE C 197 -8.75 -0.17 22.54
N ALA C 198 -8.27 0.56 23.54
CA ALA C 198 -8.71 0.37 24.91
C ALA C 198 -9.89 1.27 25.18
N LYS C 199 -10.88 0.73 25.89
CA LYS C 199 -12.04 1.51 26.29
C LYS C 199 -11.89 2.09 27.70
N PHE C 200 -10.84 1.72 28.42
CA PHE C 200 -10.62 2.20 29.78
C PHE C 200 -9.16 2.55 29.98
N SER C 201 -8.92 3.59 30.79
CA SER C 201 -7.57 3.85 31.26
C SER C 201 -7.07 2.71 32.14
N LYS C 202 -7.78 2.42 33.22
CA LYS C 202 -7.45 1.32 34.12
C LYS C 202 -8.57 0.29 34.11
N VAL C 203 -8.21 -0.97 34.28
CA VAL C 203 -9.18 -2.04 34.42
C VAL C 203 -9.32 -2.41 35.90
N ARG C 204 -10.46 -3.01 36.25
CA ARG C 204 -10.69 -3.44 37.62
CA ARG C 204 -10.71 -3.45 37.61
C ARG C 204 -9.84 -4.67 37.94
N THR C 205 -9.98 -5.16 39.17
CA THR C 205 -9.10 -6.23 39.65
C THR C 205 -9.29 -7.51 38.86
N ILE C 206 -8.17 -8.09 38.43
CA ILE C 206 -8.17 -9.30 37.62
C ILE C 206 -8.03 -10.51 38.54
N THR C 207 -9.07 -11.33 38.59
CA THR C 207 -9.06 -12.58 39.32
C THR C 207 -8.77 -13.76 38.38
N THR C 208 -8.95 -14.98 38.89
CA THR C 208 -8.88 -16.18 38.07
C THR C 208 -10.12 -16.38 37.19
N ARG C 209 -11.11 -15.47 37.26
CA ARG C 209 -12.42 -15.68 36.66
C ARG C 209 -12.68 -14.67 35.55
N SER C 210 -13.34 -15.11 34.49
CA SER C 210 -13.45 -14.29 33.27
C SER C 210 -14.26 -13.02 33.51
N ASN C 211 -15.29 -13.07 34.36
CA ASN C 211 -16.10 -11.89 34.65
C ASN C 211 -15.28 -10.73 35.22
N SER C 212 -14.07 -10.96 35.72
CA SER C 212 -13.23 -9.87 36.19
C SER C 212 -12.52 -9.13 35.06
N ILE C 213 -12.54 -9.69 33.85
CA ILE C 213 -11.95 -9.03 32.69
C ILE C 213 -12.91 -7.99 32.13
N LYS C 214 -14.21 -8.28 32.18
CA LYS C 214 -15.21 -7.30 31.77
C LYS C 214 -15.47 -6.33 32.92
N GLN C 215 -15.76 -5.10 32.54
CA GLN C 215 -15.70 -3.97 33.45
C GLN C 215 -17.10 -3.58 33.91
N GLY C 216 -17.15 -3.04 35.12
CA GLY C 216 -18.41 -2.61 35.69
C GLY C 216 -19.35 -3.76 36.01
N LYS C 217 -20.47 -3.45 36.65
CA LYS C 217 -21.47 -4.47 36.89
C LYS C 217 -22.15 -4.87 35.58
N ASP C 218 -22.19 -3.97 34.60
CA ASP C 218 -22.79 -4.25 33.31
C ASP C 218 -21.88 -5.09 32.42
N GLN C 219 -20.68 -5.44 32.89
CA GLN C 219 -19.79 -6.37 32.18
C GLN C 219 -19.41 -5.83 30.80
N HIS C 220 -18.91 -4.59 30.77
CA HIS C 220 -18.44 -3.98 29.52
C HIS C 220 -17.15 -4.64 29.05
N PHE C 221 -17.07 -4.92 27.75
CA PHE C 221 -15.82 -5.35 27.16
C PHE C 221 -14.80 -4.22 27.27
N PRO C 222 -13.53 -4.54 27.52
CA PRO C 222 -12.51 -3.49 27.67
C PRO C 222 -11.82 -3.05 26.39
N VAL C 223 -12.01 -3.74 25.25
CA VAL C 223 -11.21 -3.50 24.06
C VAL C 223 -12.08 -3.50 22.81
N PHE C 224 -11.70 -2.67 21.83
CA PHE C 224 -12.24 -2.67 20.48
C PHE C 224 -11.17 -3.14 19.49
N MET C 225 -11.58 -3.96 18.52
CA MET C 225 -10.69 -4.44 17.46
C MET C 225 -11.46 -4.45 16.15
N ASN C 226 -11.07 -3.56 15.24
CA ASN C 226 -11.81 -3.37 14.00
C ASN C 226 -13.29 -3.15 14.30
N GLU C 227 -13.54 -2.38 15.36
CA GLU C 227 -14.85 -1.94 15.82
C GLU C 227 -15.64 -3.07 16.49
N LYS C 228 -15.03 -4.21 16.78
CA LYS C 228 -15.71 -5.30 17.47
C LYS C 228 -15.22 -5.35 18.91
N GLU C 229 -16.16 -5.47 19.84
CA GLU C 229 -15.80 -5.54 21.26
C GLU C 229 -15.07 -6.85 21.55
N ASP C 230 -14.10 -6.79 22.47
CA ASP C 230 -13.29 -7.96 22.80
C ASP C 230 -12.82 -7.85 24.25
N ILE C 231 -12.34 -8.97 24.78
CA ILE C 231 -11.70 -8.99 26.09
C ILE C 231 -10.20 -8.91 25.89
N LEU C 232 -9.46 -8.79 27.00
CA LEU C 232 -8.00 -8.78 26.95
C LEU C 232 -7.46 -10.17 26.60
N TRP C 233 -6.40 -10.19 25.81
CA TRP C 233 -5.70 -11.42 25.51
C TRP C 233 -4.71 -11.74 26.64
N CYS C 234 -4.18 -12.97 26.58
CA CYS C 234 -3.24 -13.45 27.60
C CYS C 234 -2.00 -12.57 27.69
N THR C 235 -1.34 -12.33 26.56
CA THR C 235 -0.19 -11.45 26.53
C THR C 235 -0.53 -10.06 27.06
N GLU C 236 -1.79 -9.63 26.93
CA GLU C 236 -2.12 -8.30 27.40
C GLU C 236 -2.29 -8.30 28.92
N MET C 237 -2.83 -9.39 29.46
CA MET C 237 -2.85 -9.55 30.90
C MET C 237 -1.43 -9.56 31.46
N GLU C 238 -0.54 -10.29 30.79
CA GLU C 238 0.85 -10.35 31.25
C GLU C 238 1.46 -8.96 31.34
N ARG C 239 1.23 -8.13 30.32
CA ARG C 239 1.70 -6.74 30.38
C ARG C 239 0.99 -5.95 31.46
N VAL C 240 -0.32 -6.16 31.63
CA VAL C 240 -1.02 -5.48 32.71
C VAL C 240 -0.44 -5.88 34.09
N PHE C 241 0.03 -7.11 34.23
CA PHE C 241 0.60 -7.50 35.50
C PHE C 241 2.09 -7.17 35.61
N GLY C 242 2.70 -6.76 34.50
CA GLY C 242 4.12 -6.45 34.47
C GLY C 242 5.06 -7.58 34.13
N PHE C 243 4.56 -8.73 33.74
CA PHE C 243 5.41 -9.85 33.39
C PHE C 243 5.95 -9.70 31.98
N PRO C 244 7.02 -10.41 31.65
CA PRO C 244 7.44 -10.44 30.24
C PRO C 244 6.32 -11.04 29.40
N VAL C 245 6.18 -10.53 28.17
CA VAL C 245 5.19 -11.06 27.25
C VAL C 245 5.49 -12.52 26.95
N HIS C 246 4.44 -13.35 26.96
CA HIS C 246 4.52 -14.80 26.77
C HIS C 246 5.20 -15.50 27.93
N TYR C 247 5.31 -14.82 29.08
CA TYR C 247 5.88 -15.47 30.26
C TYR C 247 5.17 -16.79 30.57
N THR C 248 3.83 -16.80 30.50
CA THR C 248 3.06 -17.98 30.83
C THR C 248 2.70 -18.82 29.59
N ASP C 249 3.25 -18.51 28.42
CA ASP C 249 3.00 -19.34 27.24
C ASP C 249 3.83 -20.60 27.35
N VAL C 250 3.37 -21.50 28.23
CA VAL C 250 4.05 -22.74 28.58
C VAL C 250 3.00 -23.83 28.71
N SER C 251 3.37 -25.05 28.33
CA SER C 251 2.66 -26.27 28.76
C SER C 251 1.28 -26.41 28.12
N ASN C 252 1.09 -25.86 26.93
CA ASN C 252 -0.20 -25.93 26.22
C ASN C 252 -1.36 -25.39 27.06
N MET C 253 -1.08 -24.45 27.96
CA MET C 253 -2.13 -23.91 28.82
C MET C 253 -3.11 -23.08 28.00
N SER C 254 -4.40 -23.32 28.24
CA SER C 254 -5.47 -22.48 27.72
C SER C 254 -5.36 -21.07 28.29
N HIS C 255 -6.08 -20.14 27.67
CA HIS C 255 -6.06 -18.77 28.18
C HIS C 255 -6.61 -18.70 29.59
N LEU C 256 -7.56 -19.58 29.93
CA LEU C 256 -8.11 -19.60 31.28
C LEU C 256 -7.13 -20.19 32.28
N ALA C 257 -6.39 -21.24 31.89
CA ALA C 257 -5.33 -21.73 32.76
C ALA C 257 -4.22 -20.70 32.92
N ARG C 258 -3.87 -19.99 31.85
CA ARG C 258 -2.92 -18.89 32.01
C ARG C 258 -3.49 -17.79 32.90
N GLN C 259 -4.80 -17.53 32.81
CA GLN C 259 -5.42 -16.53 33.66
C GLN C 259 -5.54 -17.00 35.11
N ARG C 260 -5.60 -18.30 35.33
CA ARG C 260 -5.59 -18.82 36.68
CA ARG C 260 -5.59 -18.79 36.70
C ARG C 260 -4.28 -18.47 37.38
N LEU C 261 -3.15 -18.64 36.68
CA LEU C 261 -1.85 -18.32 37.25
C LEU C 261 -1.69 -16.81 37.48
N LEU C 262 -2.03 -16.01 36.47
CA LEU C 262 -1.85 -14.57 36.57
C LEU C 262 -2.76 -13.95 37.62
N GLY C 263 -4.01 -14.44 37.71
CA GLY C 263 -4.96 -13.84 38.62
C GLY C 263 -4.68 -14.12 40.08
N ARG C 264 -3.78 -15.07 40.36
CA ARG C 264 -3.33 -15.32 41.73
C ARG C 264 -2.00 -14.66 42.06
N SER C 265 -1.34 -14.03 41.07
CA SER C 265 0.05 -13.63 41.23
C SER C 265 0.18 -12.20 41.77
N TRP C 266 1.42 -11.77 41.92
CA TRP C 266 1.71 -10.41 42.36
C TRP C 266 1.86 -9.50 41.16
N SER C 267 1.56 -8.22 41.37
CA SER C 267 1.87 -7.20 40.37
C SER C 267 3.38 -6.94 40.35
N VAL C 268 4.02 -7.25 39.24
CA VAL C 268 5.48 -7.20 39.16
C VAL C 268 6.06 -5.85 39.56
N PRO C 269 5.60 -4.70 39.03
CA PRO C 269 6.18 -3.42 39.49
C PRO C 269 6.06 -3.21 41.00
N VAL C 270 4.99 -3.71 41.63
CA VAL C 270 4.83 -3.52 43.07
C VAL C 270 5.93 -4.25 43.83
N ILE C 271 6.19 -5.51 43.46
CA ILE C 271 7.25 -6.26 44.11
C ILE C 271 8.61 -5.62 43.85
N ARG C 272 8.82 -5.09 42.63
CA ARG C 272 10.07 -4.40 42.36
C ARG C 272 10.25 -3.21 43.28
N HIS C 273 9.17 -2.45 43.53
CA HIS C 273 9.24 -1.35 44.48
C HIS C 273 9.56 -1.85 45.89
N LEU C 274 9.10 -3.05 46.23
CA LEU C 274 9.34 -3.56 47.57
C LEU C 274 10.72 -4.18 47.70
N PHE C 275 11.24 -4.77 46.63
CA PHE C 275 12.53 -5.44 46.70
C PHE C 275 13.70 -4.51 46.40
N ALA C 276 13.46 -3.35 45.79
CA ALA C 276 14.56 -2.50 45.35
C ALA C 276 15.56 -2.17 46.45
N PRO C 277 15.16 -1.83 47.69
CA PRO C 277 16.16 -1.55 48.73
C PRO C 277 16.97 -2.76 49.14
N LEU C 278 16.64 -3.97 48.69
CA LEU C 278 17.49 -5.09 49.04
C LEU C 278 18.81 -5.06 48.30
N LYS C 279 18.92 -4.27 47.21
CA LYS C 279 20.16 -4.21 46.46
C LYS C 279 21.32 -3.72 47.33
N GLU C 280 21.04 -2.86 48.30
CA GLU C 280 22.10 -2.37 49.16
C GLU C 280 22.51 -3.40 50.22
N TYR C 281 21.79 -4.52 50.35
CA TYR C 281 22.16 -5.52 51.35
C TYR C 281 22.83 -6.76 50.77
N PHE C 282 22.75 -6.99 49.46
CA PHE C 282 23.28 -8.20 48.87
C PHE C 282 24.05 -7.88 47.59
N ALA C 283 24.82 -8.86 47.13
CA ALA C 283 25.66 -8.74 45.94
C ALA C 283 24.81 -8.58 44.69
N CYS C 284 25.34 -7.83 43.72
CA CYS C 284 24.62 -7.54 42.50
C CYS C 284 25.54 -7.57 41.29
N VAL C 285 24.98 -8.03 40.16
CA VAL C 285 25.66 -8.09 38.88
C VAL C 285 25.92 -6.69 38.33
N TRP D 8 16.33 -28.81 96.23
CA TRP D 8 16.32 -27.98 97.42
C TRP D 8 15.79 -26.57 97.13
N ARG D 9 16.61 -25.76 96.47
CA ARG D 9 16.27 -24.38 96.12
C ARG D 9 15.29 -24.39 94.95
N ARG D 10 14.02 -24.63 95.27
CA ARG D 10 12.95 -24.75 94.29
C ARG D 10 11.88 -23.70 94.59
N GLN D 11 11.85 -22.64 93.79
CA GLN D 11 10.91 -21.55 93.97
C GLN D 11 9.51 -21.98 93.52
N PRO D 12 8.48 -21.22 93.87
CA PRO D 12 7.11 -21.62 93.48
C PRO D 12 6.90 -21.59 91.98
N VAL D 13 5.92 -22.38 91.55
CA VAL D 13 5.59 -22.51 90.14
C VAL D 13 5.01 -21.21 89.61
N ARG D 14 5.11 -21.03 88.29
CA ARG D 14 4.53 -19.86 87.61
C ARG D 14 3.84 -20.33 86.33
N VAL D 15 2.51 -20.40 86.36
CA VAL D 15 1.73 -21.06 85.32
C VAL D 15 0.83 -20.05 84.62
N LEU D 16 0.94 -19.98 83.31
CA LEU D 16 0.02 -19.21 82.48
C LEU D 16 -0.96 -20.17 81.80
N SER D 17 -2.24 -20.00 82.05
CA SER D 17 -3.25 -20.92 81.55
C SER D 17 -4.15 -20.22 80.54
N LEU D 18 -4.39 -20.88 79.41
CA LEU D 18 -5.17 -20.32 78.32
C LEU D 18 -6.44 -21.13 78.14
N PHE D 19 -7.54 -20.43 77.86
CA PHE D 19 -8.83 -21.02 77.53
C PHE D 19 -9.42 -21.82 78.68
N GLU D 20 -8.75 -21.87 79.82
CA GLU D 20 -9.11 -22.79 80.89
C GLU D 20 -8.42 -22.35 82.16
N ASP D 21 -9.21 -22.15 83.22
CA ASP D 21 -8.67 -21.87 84.55
C ASP D 21 -8.59 -23.19 85.30
N ILE D 22 -7.36 -23.64 85.55
CA ILE D 22 -7.13 -24.91 86.22
C ILE D 22 -6.80 -24.70 87.70
N LYS D 23 -7.15 -23.55 88.28
CA LYS D 23 -6.81 -23.30 89.67
C LYS D 23 -7.48 -24.29 90.62
N LYS D 24 -8.65 -24.81 90.25
CA LYS D 24 -9.34 -25.74 91.14
C LYS D 24 -8.56 -27.03 91.32
N GLU D 25 -7.86 -27.48 90.29
CA GLU D 25 -6.95 -28.61 90.42
C GLU D 25 -5.48 -28.17 90.43
N LEU D 26 -5.22 -26.87 90.49
CA LEU D 26 -3.89 -26.37 90.75
C LEU D 26 -3.57 -26.29 92.24
N THR D 27 -4.56 -26.02 93.09
CA THR D 27 -4.25 -26.07 94.51
C THR D 27 -4.71 -27.37 95.13
N SER D 28 -5.62 -28.11 94.47
CA SER D 28 -5.76 -29.54 94.76
C SER D 28 -4.43 -30.25 94.60
N LEU D 29 -3.61 -29.79 93.66
CA LEU D 29 -2.25 -30.26 93.52
C LEU D 29 -1.30 -29.60 94.52
N GLY D 30 -1.65 -28.44 95.06
CA GLY D 30 -0.86 -27.78 96.09
C GLY D 30 0.36 -27.03 95.58
N PHE D 31 0.15 -26.07 94.68
CA PHE D 31 1.24 -25.29 94.11
C PHE D 31 1.00 -23.80 94.33
N PRO D 38 -2.67 -11.84 94.20
CA PRO D 38 -1.25 -12.21 94.28
C PRO D 38 -0.98 -13.59 93.70
N GLY D 39 -1.85 -14.02 92.78
CA GLY D 39 -1.74 -15.37 92.26
C GLY D 39 -0.59 -15.51 91.29
N GLN D 40 0.15 -16.61 91.41
CA GLN D 40 1.16 -16.93 90.41
C GLN D 40 0.52 -17.25 89.06
N LEU D 41 -0.66 -17.89 89.07
CA LEU D 41 -1.35 -18.24 87.84
C LEU D 41 -1.98 -17.00 87.24
N LYS D 42 -1.59 -16.68 86.01
CA LYS D 42 -2.25 -15.65 85.21
C LYS D 42 -3.20 -16.32 84.23
N HIS D 43 -4.37 -15.71 84.05
CA HIS D 43 -5.39 -16.25 83.17
C HIS D 43 -5.86 -15.16 82.22
N VAL D 44 -5.80 -15.45 80.91
CA VAL D 44 -6.17 -14.47 79.89
C VAL D 44 -7.61 -14.68 79.49
N VAL D 45 -8.39 -13.59 79.55
CA VAL D 45 -9.78 -13.55 79.13
C VAL D 45 -9.94 -14.27 77.79
N ASP D 46 -9.60 -13.58 76.71
CA ASP D 46 -9.34 -14.22 75.43
C ASP D 46 -8.11 -13.58 74.82
N VAL D 47 -7.46 -14.35 73.96
CA VAL D 47 -6.11 -14.01 73.54
C VAL D 47 -6.07 -13.19 72.27
N THR D 48 -7.22 -12.98 71.61
CA THR D 48 -7.22 -12.42 70.26
C THR D 48 -6.52 -11.07 70.21
N ASP D 49 -6.55 -10.31 71.31
CA ASP D 49 -5.87 -9.02 71.38
C ASP D 49 -4.72 -9.04 72.39
N THR D 50 -4.37 -10.22 72.90
CA THR D 50 -3.15 -10.34 73.69
C THR D 50 -1.94 -10.29 72.77
N VAL D 51 -0.98 -9.45 73.09
CA VAL D 51 0.24 -9.32 72.30
C VAL D 51 1.43 -9.73 73.14
N ARG D 52 2.63 -9.44 72.65
CA ARG D 52 3.84 -9.88 73.34
C ARG D 52 4.07 -9.08 74.62
N LYS D 53 3.94 -7.75 74.55
CA LYS D 53 4.14 -6.90 75.72
C LYS D 53 3.21 -7.28 76.86
N ASP D 54 2.01 -7.79 76.54
CA ASP D 54 1.12 -8.28 77.58
C ASP D 54 1.74 -9.48 78.30
N VAL D 55 2.16 -10.50 77.54
CA VAL D 55 2.75 -11.68 78.16
C VAL D 55 4.06 -11.32 78.85
N GLU D 56 4.83 -10.41 78.24
CA GLU D 56 6.11 -10.02 78.83
C GLU D 56 5.91 -9.38 80.20
N GLU D 57 5.03 -8.38 80.30
CA GLU D 57 4.87 -7.70 81.57
C GLU D 57 4.11 -8.52 82.61
N TRP D 58 3.47 -9.63 82.20
CA TRP D 58 2.91 -10.58 83.16
C TRP D 58 3.97 -11.43 83.82
N GLY D 59 5.23 -11.02 83.75
CA GLY D 59 6.30 -11.69 84.43
C GLY D 59 6.70 -12.98 83.75
N PRO D 60 7.87 -13.51 84.11
CA PRO D 60 8.31 -14.78 83.53
C PRO D 60 7.41 -15.92 83.96
N PHE D 61 7.28 -16.91 83.07
CA PHE D 61 6.49 -18.10 83.34
C PHE D 61 7.36 -19.33 83.19
N ASP D 62 7.07 -20.34 83.99
CA ASP D 62 7.77 -21.62 83.87
C ASP D 62 6.92 -22.72 83.26
N LEU D 63 5.60 -22.60 83.26
CA LEU D 63 4.76 -23.50 82.47
C LEU D 63 3.56 -22.74 81.93
N VAL D 64 3.28 -22.98 80.65
CA VAL D 64 2.19 -22.33 79.92
C VAL D 64 1.19 -23.41 79.55
N TYR D 65 -0.06 -23.22 79.93
CA TYR D 65 -1.07 -24.26 79.76
C TYR D 65 -2.19 -23.79 78.85
N GLY D 66 -2.67 -24.72 78.03
CA GLY D 66 -3.82 -24.47 77.20
C GLY D 66 -4.49 -25.76 76.83
N ALA D 67 -5.81 -25.71 76.68
CA ALA D 67 -6.58 -26.91 76.37
C ALA D 67 -7.79 -26.52 75.56
N THR D 68 -8.36 -27.52 74.89
CA THR D 68 -9.59 -27.52 74.13
C THR D 68 -10.78 -27.69 75.07
N PRO D 69 -11.88 -27.02 74.81
CA PRO D 69 -13.11 -27.29 75.57
C PRO D 69 -13.60 -28.70 75.30
N PRO D 70 -14.37 -29.28 76.20
CA PRO D 70 -14.96 -30.60 75.93
C PRO D 70 -15.99 -30.50 74.80
N LEU D 71 -16.31 -31.66 74.22
CA LEU D 71 -17.39 -31.72 73.25
C LEU D 71 -18.67 -31.15 73.85
N GLY D 72 -19.08 -29.98 73.40
CA GLY D 72 -20.21 -29.29 73.97
C GLY D 72 -20.24 -27.85 73.52
N HIS D 73 -21.14 -27.08 74.15
CA HIS D 73 -21.45 -25.73 73.73
C HIS D 73 -20.49 -24.72 74.37
N THR D 74 -20.86 -23.43 74.30
CA THR D 74 -20.09 -22.30 74.81
C THR D 74 -18.77 -22.11 74.08
N CYS D 75 -18.59 -22.75 72.92
CA CYS D 75 -17.44 -22.52 72.07
C CYS D 75 -17.93 -21.77 70.83
N ASP D 76 -17.35 -20.60 70.61
CA ASP D 76 -17.63 -19.83 69.42
C ASP D 76 -16.49 -19.87 68.42
N ARG D 77 -15.46 -20.66 68.71
CA ARG D 77 -14.22 -20.76 67.97
C ARG D 77 -14.09 -22.13 67.30
N PRO D 78 -13.42 -22.22 66.14
CA PRO D 78 -13.15 -23.53 65.55
C PRO D 78 -12.12 -24.28 66.37
N PRO D 79 -12.13 -25.62 66.34
CA PRO D 79 -11.19 -26.38 67.19
C PRO D 79 -9.71 -26.03 66.96
N SER D 80 -9.30 -25.66 65.73
CA SER D 80 -7.89 -25.31 65.52
C SER D 80 -7.57 -23.88 65.94
N TRP D 81 -8.58 -23.06 66.23
CA TRP D 81 -8.32 -21.72 66.74
C TRP D 81 -7.54 -21.79 68.05
N TYR D 82 -7.95 -22.71 68.93
CA TYR D 82 -7.29 -22.79 70.23
C TYR D 82 -5.82 -23.14 70.07
N LEU D 83 -5.49 -24.01 69.11
CA LEU D 83 -4.11 -24.46 68.96
C LEU D 83 -3.22 -23.34 68.46
N PHE D 84 -3.57 -22.76 67.31
CA PHE D 84 -2.74 -21.69 66.76
C PHE D 84 -2.52 -20.61 67.80
N GLN D 85 -3.60 -20.19 68.46
CA GLN D 85 -3.47 -19.16 69.49
C GLN D 85 -2.55 -19.63 70.62
N PHE D 86 -2.72 -20.89 71.05
CA PHE D 86 -1.80 -21.52 71.99
C PHE D 86 -0.37 -21.34 71.49
N HIS D 87 -0.11 -21.85 70.28
CA HIS D 87 1.24 -21.84 69.75
C HIS D 87 1.80 -20.43 69.74
N ARG D 88 0.95 -19.47 69.38
CA ARG D 88 1.36 -18.07 69.29
C ARG D 88 1.91 -17.57 70.62
N LEU D 89 1.13 -17.71 71.70
CA LEU D 89 1.56 -17.20 72.99
C LEU D 89 2.62 -18.06 73.65
N LEU D 90 2.69 -19.35 73.30
CA LEU D 90 3.79 -20.18 73.79
C LEU D 90 5.14 -19.56 73.43
N GLN D 91 5.27 -19.09 72.19
CA GLN D 91 6.50 -18.42 71.82
C GLN D 91 6.64 -17.07 72.52
N TYR D 92 5.53 -16.42 72.87
CA TYR D 92 5.64 -15.15 73.56
C TYR D 92 6.21 -15.34 74.95
N ALA D 93 6.01 -16.50 75.56
CA ALA D 93 6.40 -16.74 76.94
C ALA D 93 7.80 -17.31 77.09
N ARG D 94 8.42 -17.79 76.00
CA ARG D 94 9.72 -18.42 76.11
C ARG D 94 10.76 -17.42 76.60
N PRO D 95 11.75 -17.85 77.38
CA PRO D 95 12.80 -16.94 77.84
C PRO D 95 14.00 -16.98 76.90
N LYS D 96 14.87 -16.00 77.07
CA LYS D 96 16.07 -15.93 76.27
C LYS D 96 16.98 -17.13 76.59
N PRO D 97 17.79 -17.56 75.64
CA PRO D 97 18.66 -18.73 75.89
C PRO D 97 19.57 -18.58 77.10
N GLY D 98 19.89 -17.34 77.50
CA GLY D 98 20.69 -17.15 78.70
C GLY D 98 19.99 -17.54 79.98
N SER D 99 18.65 -17.59 79.96
CA SER D 99 17.89 -17.90 81.16
C SER D 99 18.04 -19.38 81.52
N PRO D 100 18.45 -19.71 82.74
CA PRO D 100 18.71 -21.12 83.07
C PRO D 100 17.47 -21.85 83.57
N ARG D 101 16.46 -21.11 84.00
CA ARG D 101 15.32 -21.71 84.67
C ARG D 101 14.62 -22.71 83.74
N PRO D 102 13.97 -23.72 84.31
CA PRO D 102 13.22 -24.68 83.47
C PRO D 102 12.01 -24.05 82.80
N PHE D 103 11.52 -24.72 81.76
CA PHE D 103 10.33 -24.25 81.05
C PHE D 103 9.62 -25.42 80.40
N PHE D 104 8.34 -25.56 80.73
CA PHE D 104 7.50 -26.64 80.24
C PHE D 104 6.25 -26.01 79.63
N TRP D 105 5.56 -26.76 78.78
CA TRP D 105 4.33 -26.27 78.14
C TRP D 105 3.39 -27.45 77.92
N MET D 106 2.09 -27.19 78.01
CA MET D 106 1.12 -28.28 77.98
C MET D 106 -0.08 -27.90 77.12
N PHE D 107 -0.25 -28.61 76.00
CA PHE D 107 -1.49 -28.58 75.24
C PHE D 107 -2.14 -29.94 75.31
N VAL D 108 -3.47 -29.95 75.38
CA VAL D 108 -4.18 -31.18 75.67
C VAL D 108 -5.59 -31.10 75.07
N ASP D 109 -5.97 -32.12 74.29
CA ASP D 109 -7.22 -32.14 73.56
C ASP D 109 -8.20 -33.15 74.16
N ASN D 110 -9.48 -32.76 74.22
CA ASN D 110 -10.54 -33.66 74.70
C ASN D 110 -11.31 -34.29 73.55
N LEU D 111 -10.55 -34.81 72.57
CA LEU D 111 -11.10 -35.56 71.44
C LEU D 111 -12.03 -34.71 70.58
N VAL D 112 -11.72 -33.42 70.44
CA VAL D 112 -12.52 -32.55 69.59
C VAL D 112 -11.80 -32.35 68.26
N LEU D 113 -10.48 -32.42 68.26
CA LEU D 113 -9.72 -32.27 67.03
C LEU D 113 -9.93 -33.47 66.11
N ASN D 114 -10.08 -33.21 64.81
CA ASN D 114 -10.19 -34.30 63.86
C ASN D 114 -8.81 -34.65 63.29
N LYS D 115 -8.79 -35.62 62.38
CA LYS D 115 -7.53 -36.13 61.84
C LYS D 115 -6.75 -35.03 61.12
N GLU D 116 -7.44 -34.19 60.33
CA GLU D 116 -6.76 -33.07 59.69
C GLU D 116 -6.23 -32.09 60.74
N ASP D 117 -7.01 -31.83 61.78
CA ASP D 117 -6.58 -30.92 62.84
C ASP D 117 -5.50 -31.54 63.73
N LEU D 118 -5.43 -32.86 63.80
CA LEU D 118 -4.40 -33.48 64.63
C LEU D 118 -3.01 -33.34 63.99
N ASP D 119 -2.91 -33.52 62.68
CA ASP D 119 -1.61 -33.38 62.02
C ASP D 119 -1.08 -31.96 62.13
N VAL D 120 -1.98 -30.98 62.07
CA VAL D 120 -1.60 -29.59 62.34
C VAL D 120 -1.02 -29.47 63.74
N ALA D 121 -1.61 -30.17 64.72
CA ALA D 121 -1.10 -30.10 66.09
C ALA D 121 0.33 -30.63 66.18
N SER D 122 0.55 -31.83 65.66
CA SER D 122 1.87 -32.44 65.77
C SER D 122 2.90 -31.68 64.95
N ARG D 123 2.48 -31.02 63.87
CA ARG D 123 3.42 -30.28 63.03
C ARG D 123 3.82 -28.96 63.66
N PHE D 124 2.87 -28.26 64.28
CA PHE D 124 3.20 -26.98 64.93
C PHE D 124 3.88 -27.18 66.28
N LEU D 125 3.60 -28.27 66.99
CA LEU D 125 4.23 -28.55 68.27
C LEU D 125 5.42 -29.50 68.16
N GLU D 126 5.69 -30.03 66.97
CA GLU D 126 6.89 -30.81 66.67
C GLU D 126 6.97 -32.11 67.49
N MET D 127 5.83 -32.65 67.89
CA MET D 127 5.78 -33.97 68.48
C MET D 127 4.35 -34.48 68.43
N GLU D 128 4.20 -35.84 68.51
CA GLU D 128 2.89 -36.46 68.39
C GLU D 128 2.30 -36.75 69.77
N PRO D 129 0.98 -36.75 69.89
CA PRO D 129 0.37 -36.80 71.22
C PRO D 129 0.39 -38.18 71.86
N VAL D 130 0.46 -38.18 73.19
CA VAL D 130 0.22 -39.36 74.00
C VAL D 130 -1.24 -39.34 74.43
N THR D 131 -1.91 -40.50 74.33
CA THR D 131 -3.33 -40.60 74.61
C THR D 131 -3.56 -41.09 76.04
N ILE D 132 -4.60 -40.55 76.67
CA ILE D 132 -4.95 -40.87 78.05
C ILE D 132 -6.37 -41.42 78.09
N PRO D 133 -6.56 -42.70 78.41
CA PRO D 133 -7.93 -43.24 78.47
C PRO D 133 -8.42 -43.44 79.90
N ASP D 134 -9.74 -43.55 80.07
CA ASP D 134 -10.35 -43.89 81.35
C ASP D 134 -11.68 -44.60 81.12
N VAL D 135 -11.75 -45.87 81.53
CA VAL D 135 -12.98 -46.65 81.46
C VAL D 135 -13.23 -47.26 82.83
N HIS D 136 -14.47 -47.18 83.30
CA HIS D 136 -14.82 -47.72 84.61
C HIS D 136 -16.11 -48.53 84.55
N GLN D 141 -14.80 -43.26 81.21
CA GLN D 141 -15.53 -42.01 81.07
C GLN D 141 -15.31 -41.40 79.69
N ASN D 142 -14.17 -40.74 79.50
CA ASN D 142 -13.77 -40.23 78.20
C ASN D 142 -12.25 -40.36 78.11
N ALA D 143 -11.67 -39.80 77.05
CA ALA D 143 -10.23 -39.93 76.79
C ALA D 143 -9.67 -38.61 76.25
N VAL D 144 -8.35 -38.47 76.33
CA VAL D 144 -7.68 -37.17 76.17
C VAL D 144 -6.27 -37.39 75.62
N ARG D 145 -5.82 -36.45 74.77
CA ARG D 145 -4.50 -36.45 74.15
C ARG D 145 -3.70 -35.24 74.60
N VAL D 146 -2.38 -35.42 74.74
CA VAL D 146 -1.53 -34.39 75.33
C VAL D 146 -0.24 -34.27 74.52
N TRP D 147 0.13 -33.03 74.21
CA TRP D 147 1.44 -32.68 73.68
C TRP D 147 2.18 -31.90 74.75
N SER D 148 3.43 -32.30 75.03
CA SER D 148 4.25 -31.50 75.95
C SER D 148 5.67 -32.03 75.99
N ASN D 149 6.62 -31.12 76.18
CA ASN D 149 8.03 -31.42 76.36
C ASN D 149 8.36 -32.10 77.70
N ILE D 150 7.38 -32.40 78.55
CA ILE D 150 7.75 -32.96 79.85
C ILE D 150 8.20 -34.40 79.66
N PRO D 151 9.37 -34.75 80.15
CA PRO D 151 9.91 -36.10 79.93
C PRO D 151 9.24 -37.15 80.79
N ALA D 152 8.06 -36.84 81.37
CA ALA D 152 7.36 -37.77 82.23
C ALA D 152 5.98 -38.14 81.70
N ILE D 153 5.62 -37.67 80.50
CA ILE D 153 4.42 -38.13 79.80
C ILE D 153 4.76 -38.78 78.47
N ARG D 154 5.76 -38.27 77.77
CA ARG D 154 6.28 -38.99 76.61
C ARG D 154 7.09 -40.20 77.06
N SER D 155 8.02 -40.02 77.99
CA SER D 155 8.91 -41.11 78.38
C SER D 155 8.24 -42.10 79.32
N ARG D 156 7.31 -41.66 80.16
CA ARG D 156 6.63 -42.58 81.06
C ARG D 156 5.64 -43.43 80.28
N HIS D 157 5.78 -44.75 80.40
CA HIS D 157 5.00 -45.68 79.58
C HIS D 157 3.55 -45.72 80.05
N TRP D 158 2.62 -45.61 79.10
CA TRP D 158 1.20 -45.51 79.40
C TRP D 158 0.41 -46.51 78.56
N ALA D 159 -0.87 -46.67 78.93
CA ALA D 159 -1.76 -47.59 78.22
C ALA D 159 -2.00 -47.12 76.80
N LEU D 160 -1.73 -48.00 75.84
CA LEU D 160 -1.83 -47.66 74.42
C LEU D 160 -3.23 -47.93 73.93
N VAL D 161 -3.83 -46.95 73.24
CA VAL D 161 -5.21 -47.03 72.78
C VAL D 161 -5.23 -46.73 71.28
N SER D 162 -6.00 -47.52 70.51
CA SER D 162 -5.99 -47.26 69.07
C SER D 162 -6.63 -45.91 68.82
N GLU D 163 -6.26 -45.31 67.69
CA GLU D 163 -6.85 -44.04 67.32
C GLU D 163 -8.34 -44.21 67.01
N GLU D 164 -8.71 -45.36 66.44
CA GLU D 164 -10.11 -45.63 66.17
C GLU D 164 -10.85 -46.21 67.38
N GLU D 165 -10.14 -46.69 68.40
CA GLU D 165 -10.78 -46.91 69.71
C GLU D 165 -11.40 -45.62 70.22
N LEU D 166 -10.55 -44.59 70.29
CA LEU D 166 -10.98 -43.28 70.74
C LEU D 166 -11.94 -42.65 69.75
N SER D 167 -11.78 -42.91 68.46
CA SER D 167 -12.82 -42.54 67.50
C SER D 167 -14.18 -43.04 67.95
N LEU D 168 -14.27 -44.32 68.33
CA LEU D 168 -15.58 -44.89 68.69
C LEU D 168 -16.06 -44.34 70.02
N LEU D 169 -15.13 -44.11 70.96
CA LEU D 169 -15.49 -43.49 72.22
C LEU D 169 -15.96 -42.05 72.03
N ALA D 170 -15.40 -41.35 71.05
CA ALA D 170 -15.84 -39.98 70.77
C ALA D 170 -17.23 -39.97 70.16
N GLN D 171 -17.52 -40.91 69.25
CA GLN D 171 -18.88 -41.05 68.74
C GLN D 171 -19.84 -41.39 69.87
N ASN D 172 -19.40 -42.24 70.81
CA ASN D 172 -20.20 -42.51 71.99
C ASN D 172 -20.30 -41.30 72.91
N LYS D 173 -19.32 -40.38 72.86
CA LYS D 173 -19.43 -39.16 73.65
C LYS D 173 -20.44 -38.21 73.03
N GLN D 174 -20.44 -38.08 71.69
CA GLN D 174 -21.43 -37.26 71.01
C GLN D 174 -22.81 -37.84 71.19
N SER D 175 -22.95 -39.14 71.06
CA SER D 175 -24.20 -39.80 71.43
C SER D 175 -24.67 -39.39 72.81
N SER D 176 -23.75 -39.31 73.78
CA SER D 176 -24.16 -39.28 75.18
C SER D 176 -24.72 -37.93 75.58
N LYS D 177 -24.20 -36.85 75.02
CA LYS D 177 -24.66 -35.52 75.36
C LYS D 177 -25.63 -35.03 74.29
N THR D 184 -11.93 -34.21 84.73
CA THR D 184 -10.92 -35.23 84.58
C THR D 184 -10.06 -35.34 85.84
N LYS D 185 -9.64 -36.57 86.17
CA LYS D 185 -8.55 -36.77 87.10
C LYS D 185 -7.23 -37.01 86.37
N LEU D 186 -7.30 -37.44 85.10
CA LEU D 186 -6.13 -37.61 84.25
C LEU D 186 -5.56 -36.28 83.77
N VAL D 187 -6.36 -35.21 83.79
CA VAL D 187 -5.81 -33.88 83.59
C VAL D 187 -5.03 -33.46 84.82
N LYS D 188 -5.46 -33.91 85.99
CA LYS D 188 -4.66 -33.73 87.19
C LYS D 188 -3.51 -34.73 87.25
N ASN D 189 -3.70 -35.92 86.68
CA ASN D 189 -2.64 -36.93 86.71
C ASN D 189 -1.46 -36.53 85.84
N CYS D 190 -1.67 -35.65 84.86
CA CYS D 190 -0.58 -35.17 84.03
C CYS D 190 0.12 -33.95 84.62
N PHE D 191 -0.60 -33.14 85.40
CA PHE D 191 0.01 -31.95 85.99
C PHE D 191 0.93 -32.29 87.16
N LEU D 192 0.63 -33.38 87.87
CA LEU D 192 1.35 -33.79 89.06
C LEU D 192 2.87 -33.89 88.87
N PRO D 193 3.34 -34.67 87.89
CA PRO D 193 4.80 -34.93 87.76
C PRO D 193 5.71 -33.70 87.64
N LEU D 194 5.15 -32.49 87.62
CA LEU D 194 5.99 -31.30 87.65
C LEU D 194 6.38 -30.88 89.06
N ARG D 195 5.87 -31.56 90.09
CA ARG D 195 6.13 -31.18 91.47
C ARG D 195 7.61 -31.33 91.84
N GLU D 196 8.30 -32.27 91.18
CA GLU D 196 9.73 -32.51 91.36
C GLU D 196 10.58 -31.32 90.97
N TYR D 197 10.04 -30.37 90.21
CA TYR D 197 10.80 -29.21 89.77
C TYR D 197 10.40 -27.92 90.48
N PHE D 198 9.24 -27.91 91.14
CA PHE D 198 8.74 -26.75 91.86
C PHE D 198 8.53 -27.10 93.34
N LYS D 199 7.83 -26.24 94.06
CA LYS D 199 7.64 -26.37 95.50
C LYS D 199 6.42 -27.23 95.80
N TYR D 200 6.51 -28.02 96.89
CA TYR D 200 5.56 -29.07 97.21
C TYR D 200 4.58 -28.59 98.28
N PHE D 201 3.29 -28.58 97.95
CA PHE D 201 2.23 -28.24 98.90
C PHE D 201 2.46 -26.89 99.56
P PYO E 5 -9.75 -9.40 45.75
OP1 PYO E 5 -9.79 -10.06 47.03
OP2 PYO E 5 -9.12 -8.07 45.64
O5' PYO E 5 -9.04 -10.37 44.72
C5' PYO E 5 -9.31 -11.76 44.72
C4' PYO E 5 -8.25 -12.50 43.96
O4' PYO E 5 -6.97 -12.30 44.59
C3' PYO E 5 -8.40 -14.02 43.91
C1' PYO E 5 -6.11 -13.34 44.19
O3' PYO E 5 -9.19 -14.43 42.80
C2' PYO E 5 -6.96 -14.57 43.86
O2' PYO E 5 -6.62 -15.02 42.57
N1 PYO E 5 -5.15 -13.57 45.30
C6 PYO E 5 -5.26 -14.70 46.15
C2 PYO E 5 -4.10 -12.62 45.57
C5 PYO E 5 -4.33 -14.93 47.29
O2 PYO E 5 -4.00 -11.63 44.84
N3 PYO E 5 -3.18 -12.83 46.69
C4 PYO E 5 -3.27 -13.97 47.53
P PYO F 5 -0.24 -34.66 4.22
OP1 PYO F 5 -1.13 -34.54 3.10
OP2 PYO F 5 1.21 -34.74 4.00
O5' PYO F 5 -0.53 -33.45 5.24
C5' PYO F 5 -1.86 -33.10 5.57
C4' PYO F 5 -1.96 -31.67 6.05
O4' PYO F 5 -1.41 -30.77 5.08
C3' PYO F 5 -3.37 -31.14 6.27
C1' PYO F 5 -1.84 -29.48 5.40
O3' PYO F 5 -3.88 -31.51 7.53
C2' PYO F 5 -3.23 -29.61 6.05
O2' PYO F 5 -3.24 -28.90 7.28
N1 PYO F 5 -1.83 -28.67 4.17
C6 PYO F 5 -3.02 -28.44 3.43
C2 PYO F 5 -0.57 -28.12 3.68
C5 PYO F 5 -2.97 -27.64 2.18
O2 PYO F 5 0.47 -28.32 4.31
N3 PYO F 5 -0.54 -27.34 2.43
C4 PYO F 5 -1.72 -27.09 1.70
N GLU G 2 47.17 35.29 -20.26
CA GLU G 2 47.19 33.98 -19.63
C GLU G 2 45.95 33.76 -18.77
N LYS G 3 45.19 34.82 -18.52
CA LYS G 3 43.92 34.73 -17.79
C LYS G 3 42.80 34.75 -18.82
N ARG G 4 42.15 33.61 -19.00
CA ARG G 4 41.15 33.43 -20.06
C ARG G 4 39.89 34.24 -19.74
N LYS G 5 39.09 34.49 -20.78
CA LYS G 5 37.92 35.34 -20.68
C LYS G 5 36.64 34.56 -20.98
N PRO G 6 35.49 35.09 -20.59
CA PRO G 6 34.24 34.43 -20.97
C PRO G 6 34.07 34.42 -22.48
N ILE G 7 33.34 33.41 -22.95
CA ILE G 7 33.19 33.11 -24.36
C ILE G 7 32.08 33.96 -24.96
N ARG G 8 32.25 34.32 -26.23
CA ARG G 8 31.28 35.11 -27.00
C ARG G 8 30.84 34.28 -28.20
N VAL G 9 29.54 34.05 -28.31
CA VAL G 9 28.99 32.97 -29.13
C VAL G 9 28.01 33.55 -30.14
N LEU G 10 28.13 33.11 -31.38
CA LEU G 10 27.16 33.38 -32.42
C LEU G 10 26.53 32.05 -32.74
N SER G 11 25.24 31.90 -32.45
CA SER G 11 24.51 30.66 -32.66
C SER G 11 23.48 30.86 -33.75
N LEU G 12 23.67 30.16 -34.88
CA LEU G 12 22.76 30.24 -36.02
C LEU G 12 21.84 29.04 -36.00
N PHE G 13 20.55 29.29 -36.27
CA PHE G 13 19.53 28.25 -36.18
C PHE G 13 19.50 27.66 -34.78
N ASP G 14 19.33 28.54 -33.80
CA ASP G 14 19.67 28.21 -32.42
C ASP G 14 18.74 27.14 -31.86
N GLY G 15 17.50 27.07 -32.36
CA GLY G 15 16.56 26.07 -31.91
C GLY G 15 16.12 26.35 -30.48
N ILE G 16 16.25 25.34 -29.63
CA ILE G 16 15.88 25.52 -28.24
C ILE G 16 17.12 25.76 -27.38
N ALA G 17 18.14 26.41 -27.96
CA ALA G 17 19.29 26.93 -27.22
C ALA G 17 20.11 25.82 -26.54
N THR G 18 20.29 24.70 -27.24
CA THR G 18 21.12 23.63 -26.70
C THR G 18 22.55 24.11 -26.44
N GLY G 19 23.07 24.93 -27.35
CA GLY G 19 24.43 25.43 -27.19
C GLY G 19 24.64 26.14 -25.87
N LEU G 20 23.79 27.11 -25.55
CA LEU G 20 23.91 27.78 -24.26
C LEU G 20 23.68 26.82 -23.10
N LEU G 21 22.81 25.82 -23.28
CA LEU G 21 22.57 24.86 -22.23
C LEU G 21 23.82 24.06 -21.93
N VAL G 22 24.52 23.60 -22.97
CA VAL G 22 25.71 22.80 -22.76
C VAL G 22 26.86 23.64 -22.19
N LEU G 23 27.02 24.88 -22.68
CA LEU G 23 28.08 25.75 -22.19
C LEU G 23 27.91 26.04 -20.70
N LYS G 24 26.69 26.32 -20.26
CA LYS G 24 26.43 26.51 -18.83
C LYS G 24 26.67 25.22 -18.06
N ASP G 25 26.29 24.07 -18.62
CA ASP G 25 26.54 22.80 -17.93
C ASP G 25 28.02 22.50 -17.79
N LEU G 26 28.89 23.15 -18.57
CA LEU G 26 30.31 22.89 -18.50
C LEU G 26 31.03 23.85 -17.55
N GLY G 27 30.34 24.85 -17.02
CA GLY G 27 30.96 25.89 -16.24
C GLY G 27 31.61 27.00 -17.03
N ILE G 28 31.49 26.97 -18.36
CA ILE G 28 32.09 28.00 -19.22
C ILE G 28 31.32 29.30 -19.08
N GLN G 29 32.01 30.37 -18.69
CA GLN G 29 31.37 31.66 -18.61
C GLN G 29 31.05 32.20 -20.00
N VAL G 30 29.87 32.80 -20.13
CA VAL G 30 29.37 33.26 -21.43
C VAL G 30 29.15 34.77 -21.34
N ASP G 31 29.94 35.51 -22.12
CA ASP G 31 29.81 36.95 -22.15
C ASP G 31 28.57 37.38 -22.93
N ARG G 32 28.42 36.85 -24.15
CA ARG G 32 27.21 37.14 -24.89
C ARG G 32 26.87 35.95 -25.77
N TYR G 33 25.59 35.78 -26.02
CA TYR G 33 25.12 34.62 -26.77
C TYR G 33 24.08 35.13 -27.76
N ILE G 34 24.52 35.40 -28.98
CA ILE G 34 23.69 35.98 -30.00
C ILE G 34 23.13 34.85 -30.83
N ALA G 35 21.80 34.78 -30.90
CA ALA G 35 21.12 33.66 -31.55
C ALA G 35 20.22 34.19 -32.66
N SER G 36 20.32 33.57 -33.83
CA SER G 36 19.36 33.84 -34.89
C SER G 36 18.47 32.61 -35.01
N GLU G 37 17.17 32.83 -34.87
CA GLU G 37 16.15 31.79 -34.93
C GLU G 37 14.87 32.49 -35.34
N VAL G 38 13.96 31.77 -35.97
CA VAL G 38 12.70 32.36 -36.45
C VAL G 38 11.46 31.76 -35.80
N CYS G 39 11.51 30.51 -35.33
CA CYS G 39 10.34 29.85 -34.75
C CYS G 39 10.02 30.42 -33.40
N GLU G 40 8.79 30.91 -33.22
CA GLU G 40 8.45 31.56 -31.96
C GLU G 40 8.40 30.58 -30.80
N ASP G 41 8.06 29.31 -31.07
CA ASP G 41 8.08 28.32 -29.99
C ASP G 41 9.50 28.12 -29.47
N SER G 42 10.45 27.92 -30.40
CA SER G 42 11.85 27.82 -30.02
C SER G 42 12.32 29.06 -29.27
N ILE G 43 12.00 30.24 -29.79
CA ILE G 43 12.45 31.46 -29.15
C ILE G 43 11.90 31.55 -27.73
N THR G 44 10.64 31.14 -27.54
CA THR G 44 10.05 31.21 -26.21
C THR G 44 10.77 30.27 -25.24
N VAL G 45 11.12 29.07 -25.71
CA VAL G 45 11.87 28.13 -24.87
C VAL G 45 13.22 28.75 -24.47
N GLY G 46 13.96 29.26 -25.45
CA GLY G 46 15.24 29.88 -25.16
C GLY G 46 15.11 31.06 -24.23
N MET G 47 14.14 31.94 -24.50
CA MET G 47 13.96 33.12 -23.65
C MET G 47 13.69 32.73 -22.21
N VAL G 48 12.84 31.71 -22.00
CA VAL G 48 12.39 31.39 -20.65
C VAL G 48 13.43 30.55 -19.92
N ARG G 49 13.96 29.52 -20.58
CA ARG G 49 14.90 28.63 -19.88
C ARG G 49 16.28 29.24 -19.65
N HIS G 50 16.56 30.42 -20.21
CA HIS G 50 17.83 31.11 -19.97
C HIS G 50 17.62 32.55 -19.55
N GLN G 51 16.41 32.87 -19.12
CA GLN G 51 16.12 34.10 -18.39
C GLN G 51 16.56 35.35 -19.14
N GLY G 52 16.47 35.33 -20.47
CA GLY G 52 16.72 36.53 -21.24
C GLY G 52 18.18 36.81 -21.48
N LYS G 53 19.04 35.81 -21.26
CA LYS G 53 20.46 35.96 -21.56
C LYS G 53 20.68 36.02 -23.05
N ILE G 54 19.93 35.21 -23.80
CA ILE G 54 20.10 35.14 -25.25
C ILE G 54 19.66 36.45 -25.89
N MET G 55 20.49 36.95 -26.82
CA MET G 55 20.12 38.09 -27.65
C MET G 55 19.63 37.57 -29.00
N TYR G 56 18.35 37.74 -29.27
CA TYR G 56 17.79 37.28 -30.52
C TYR G 56 17.92 38.35 -31.58
N VAL G 57 18.26 37.93 -32.79
CA VAL G 57 18.49 38.84 -33.90
C VAL G 57 17.65 38.50 -35.12
N GLY G 58 16.80 37.49 -35.04
CA GLY G 58 15.88 37.16 -36.12
C GLY G 58 16.44 36.28 -37.21
N ASP G 59 15.95 36.49 -38.44
CA ASP G 59 16.29 35.65 -39.59
C ASP G 59 17.78 35.71 -39.88
N VAL G 60 18.38 34.53 -40.13
CA VAL G 60 19.81 34.48 -40.41
C VAL G 60 20.15 35.32 -41.63
N ARG G 61 19.23 35.43 -42.58
CA ARG G 61 19.48 36.22 -43.77
C ARG G 61 19.47 37.72 -43.50
N SER G 62 18.91 38.15 -42.37
CA SER G 62 18.92 39.56 -41.99
C SER G 62 20.26 40.01 -41.42
N VAL G 63 21.22 39.10 -41.22
CA VAL G 63 22.46 39.39 -40.49
C VAL G 63 23.55 39.74 -41.50
N THR G 64 23.88 41.03 -41.59
CA THR G 64 24.88 41.52 -42.52
C THR G 64 26.28 41.40 -41.91
N GLN G 65 27.29 41.64 -42.75
CA GLN G 65 28.65 41.67 -42.22
C GLN G 65 28.87 42.86 -41.29
N LYS G 66 28.21 43.99 -41.57
CA LYS G 66 28.27 45.10 -40.64
C LYS G 66 27.82 44.67 -39.25
N HIS G 67 26.79 43.84 -39.17
CA HIS G 67 26.32 43.35 -37.87
C HIS G 67 27.40 42.51 -37.20
N ILE G 68 27.97 41.55 -37.92
CA ILE G 68 29.02 40.71 -37.34
C ILE G 68 30.14 41.58 -36.79
N GLN G 69 30.46 42.68 -37.47
CA GLN G 69 31.50 43.57 -37.01
C GLN G 69 31.09 44.26 -35.71
N GLU G 70 29.86 44.80 -35.68
CA GLU G 70 29.40 45.50 -34.49
C GLU G 70 29.23 44.55 -33.30
N TRP G 71 28.66 43.38 -33.54
CA TRP G 71 28.29 42.50 -32.43
C TRP G 71 29.44 41.63 -31.99
N GLY G 72 30.41 41.43 -32.87
CA GLY G 72 31.57 40.65 -32.57
C GLY G 72 32.55 41.45 -31.72
N PRO G 73 33.75 40.90 -31.51
CA PRO G 73 34.21 39.63 -32.09
C PRO G 73 33.56 38.41 -31.45
N PHE G 74 33.62 37.28 -32.14
CA PHE G 74 33.07 36.03 -31.60
C PHE G 74 34.19 35.03 -31.45
N ASP G 75 34.08 34.20 -30.41
CA ASP G 75 35.03 33.13 -30.18
C ASP G 75 34.50 31.78 -30.66
N LEU G 76 33.18 31.66 -30.80
CA LEU G 76 32.53 30.41 -31.18
C LEU G 76 31.37 30.69 -32.11
N VAL G 77 31.33 29.98 -33.24
CA VAL G 77 30.21 30.03 -34.19
C VAL G 77 29.68 28.62 -34.34
N ILE G 78 28.38 28.45 -34.09
CA ILE G 78 27.76 27.13 -34.10
C ILE G 78 26.43 27.18 -34.82
N GLY G 79 26.06 26.05 -35.40
CA GLY G 79 24.73 25.93 -35.98
C GLY G 79 24.52 24.63 -36.70
N GLY G 80 23.25 24.31 -36.90
CA GLY G 80 22.83 23.28 -37.81
C GLY G 80 21.67 23.80 -38.63
N SER G 81 21.83 23.85 -39.94
CA SER G 81 20.78 24.35 -40.78
C SER G 81 19.69 23.30 -40.98
N PRO G 82 18.48 23.73 -41.33
CA PRO G 82 17.40 22.77 -41.64
C PRO G 82 17.84 21.68 -42.61
N CYS G 83 17.36 20.46 -42.34
CA CYS G 83 17.67 19.30 -43.15
C CYS G 83 16.45 18.73 -43.83
N ASN G 84 15.29 19.41 -43.75
CA ASN G 84 14.09 18.84 -44.33
C ASN G 84 14.14 18.80 -45.85
N ASP G 85 15.02 19.59 -46.47
CA ASP G 85 15.30 19.47 -47.90
C ASP G 85 16.62 18.77 -48.17
N LEU G 86 17.26 18.25 -47.12
CA LEU G 86 18.52 17.51 -47.22
C LEU G 86 18.38 16.03 -46.90
N SER G 87 17.57 15.70 -45.90
CA SER G 87 17.42 14.32 -45.48
C SER G 87 16.72 13.50 -46.56
N ILE G 88 17.20 12.27 -46.78
CA ILE G 88 16.58 11.37 -47.74
C ILE G 88 15.32 10.72 -47.19
N VAL G 89 14.97 10.98 -45.92
CA VAL G 89 13.67 10.56 -45.43
C VAL G 89 12.56 11.32 -46.13
N ASN G 90 12.87 12.49 -46.72
CA ASN G 90 11.88 13.29 -47.43
C ASN G 90 11.94 12.95 -48.90
N PRO G 91 10.89 12.36 -49.48
CA PRO G 91 10.92 12.09 -50.92
C PRO G 91 10.79 13.34 -51.78
N ALA G 92 10.36 14.47 -51.20
CA ALA G 92 10.19 15.72 -51.91
C ALA G 92 11.28 16.75 -51.56
N ARG G 93 12.42 16.28 -51.05
CA ARG G 93 13.51 17.18 -50.70
C ARG G 93 14.00 17.97 -51.90
N LYS G 94 14.20 19.28 -51.71
CA LYS G 94 14.63 20.15 -52.79
C LYS G 94 16.14 20.31 -52.89
N GLY G 95 16.91 19.74 -51.95
CA GLY G 95 18.35 19.68 -52.07
C GLY G 95 19.05 20.87 -51.48
N LEU G 96 20.38 20.86 -51.61
CA LEU G 96 21.23 21.84 -50.94
C LEU G 96 21.04 23.24 -51.52
N TYR G 97 20.67 23.36 -52.79
CA TYR G 97 20.62 24.65 -53.46
C TYR G 97 19.23 25.26 -53.54
N GLU G 98 18.21 24.59 -53.03
CA GLU G 98 16.85 25.11 -53.07
C GLU G 98 16.17 24.88 -51.72
N GLY G 99 14.96 25.39 -51.61
CA GLY G 99 14.16 25.23 -50.40
C GLY G 99 14.91 25.72 -49.19
N THR G 100 14.76 24.98 -48.08
CA THR G 100 15.53 25.30 -46.90
C THR G 100 16.97 24.81 -47.00
N GLY G 101 17.30 23.99 -48.00
CA GLY G 101 18.67 23.54 -48.14
C GLY G 101 19.65 24.70 -48.22
N ARG G 102 19.35 25.67 -49.09
CA ARG G 102 20.25 26.78 -49.31
C ARG G 102 20.50 27.63 -48.06
N LEU G 103 19.80 27.37 -46.95
CA LEU G 103 20.11 28.10 -45.73
C LEU G 103 21.45 27.69 -45.16
N PHE G 104 22.00 26.56 -45.63
CA PHE G 104 23.36 26.20 -45.26
C PHE G 104 24.35 27.31 -45.61
N PHE G 105 24.25 27.85 -46.83
CA PHE G 105 25.22 28.85 -47.25
C PHE G 105 25.19 30.10 -46.39
N GLU G 106 24.08 30.34 -45.67
CA GLU G 106 24.06 31.47 -44.75
C GLU G 106 24.99 31.21 -43.58
N PHE G 107 25.07 29.95 -43.14
CA PHE G 107 26.06 29.61 -42.13
C PHE G 107 27.45 29.80 -42.67
N TYR G 108 27.69 29.37 -43.92
CA TYR G 108 28.99 29.55 -44.55
C TYR G 108 29.32 31.02 -44.74
N ARG G 109 28.32 31.87 -44.96
CA ARG G 109 28.59 33.29 -45.19
C ARG G 109 28.93 33.98 -43.88
N LEU G 110 28.13 33.76 -42.84
CA LEU G 110 28.40 34.41 -41.57
C LEU G 110 29.68 33.87 -40.93
N LEU G 111 29.99 32.59 -41.14
CA LEU G 111 31.24 32.06 -40.64
C LEU G 111 32.43 32.77 -41.28
N HIS G 112 32.38 32.95 -42.60
CA HIS G 112 33.39 33.75 -43.27
C HIS G 112 33.44 35.16 -42.68
N ASP G 113 32.29 35.77 -42.43
CA ASP G 113 32.25 37.12 -41.89
C ASP G 113 32.86 37.18 -40.49
N ALA G 114 32.72 36.11 -39.71
CA ALA G 114 33.13 36.11 -38.32
C ALA G 114 34.56 35.62 -38.11
N ARG G 115 35.18 35.06 -39.13
CA ARG G 115 36.54 34.54 -38.98
C ARG G 115 37.53 35.67 -38.74
N PRO G 116 38.52 35.45 -37.88
CA PRO G 116 39.60 36.43 -37.73
C PRO G 116 40.45 36.50 -38.99
N LYS G 117 40.97 37.70 -39.25
CA LYS G 117 41.77 37.94 -40.45
C LYS G 117 43.07 37.12 -40.39
N GLU G 118 43.63 36.87 -41.57
CA GLU G 118 44.94 36.24 -41.66
C GLU G 118 45.95 37.02 -40.83
N GLY G 119 46.65 36.32 -39.94
CA GLY G 119 47.58 36.92 -39.01
C GLY G 119 47.06 37.00 -37.59
N ASP G 120 45.74 37.05 -37.40
CA ASP G 120 45.17 37.03 -36.07
C ASP G 120 45.20 35.61 -35.52
N ASP G 121 45.82 35.45 -34.35
CA ASP G 121 46.02 34.15 -33.72
CA ASP G 121 45.97 34.12 -33.76
C ASP G 121 45.05 33.88 -32.57
N ARG G 122 44.05 34.74 -32.38
CA ARG G 122 43.13 34.57 -31.27
C ARG G 122 42.35 33.26 -31.40
N PRO G 123 41.97 32.64 -30.28
CA PRO G 123 41.17 31.41 -30.36
C PRO G 123 39.85 31.65 -31.08
N PHE G 124 39.58 30.81 -32.08
CA PHE G 124 38.31 30.87 -32.82
C PHE G 124 37.85 29.47 -33.17
N PHE G 125 36.66 29.12 -32.72
CA PHE G 125 36.14 27.77 -32.87
C PHE G 125 34.77 27.82 -33.53
N TRP G 126 34.50 26.80 -34.33
CA TRP G 126 33.21 26.72 -35.01
C TRP G 126 32.80 25.26 -35.16
N LEU G 127 31.49 25.03 -35.16
CA LEU G 127 30.96 23.70 -35.39
C LEU G 127 29.72 23.79 -36.26
N PHE G 128 29.60 22.88 -37.23
CA PHE G 128 28.40 22.79 -38.05
C PHE G 128 27.91 21.34 -38.10
N GLU G 129 26.62 21.13 -37.86
CA GLU G 129 26.04 19.80 -37.71
C GLU G 129 24.97 19.56 -38.77
N ASN G 130 24.90 18.33 -39.28
CA ASN G 130 23.77 17.93 -40.10
C ASN G 130 23.66 16.40 -40.14
N VAL G 131 22.65 15.91 -40.87
CA VAL G 131 22.32 14.49 -40.86
C VAL G 131 23.30 13.71 -41.74
N VAL G 132 23.44 12.43 -41.42
CA VAL G 132 24.19 11.51 -42.27
C VAL G 132 23.34 11.07 -43.47
N ALA G 133 22.03 10.96 -43.29
CA ALA G 133 21.13 10.49 -44.34
C ALA G 133 20.80 11.61 -45.34
N MET G 134 21.83 12.06 -46.04
CA MET G 134 21.70 13.09 -47.07
C MET G 134 22.39 12.62 -48.33
N GLY G 135 22.15 13.35 -49.42
CA GLY G 135 22.71 12.96 -50.70
C GLY G 135 24.22 13.10 -50.74
N VAL G 136 24.85 12.20 -51.50
CA VAL G 136 26.31 12.16 -51.60
C VAL G 136 26.86 13.47 -52.16
N SER G 137 26.20 14.02 -53.17
CA SER G 137 26.65 15.28 -53.74
C SER G 137 26.37 16.48 -52.84
N ASP G 138 25.41 16.36 -51.92
CA ASP G 138 25.19 17.46 -51.00
C ASP G 138 26.22 17.46 -49.87
N LYS G 139 26.62 16.26 -49.40
CA LYS G 139 27.67 16.19 -48.40
C LYS G 139 29.01 16.65 -48.99
N ARG G 140 29.25 16.30 -50.25
CA ARG G 140 30.45 16.78 -50.93
C ARG G 140 30.50 18.30 -50.95
N ASP G 141 29.39 18.94 -51.33
CA ASP G 141 29.43 20.38 -51.46
C ASP G 141 29.54 21.07 -50.11
N ILE G 142 28.90 20.53 -49.07
CA ILE G 142 28.97 21.15 -47.75
C ILE G 142 30.40 21.17 -47.24
N SER G 143 31.16 20.09 -47.49
CA SER G 143 32.54 20.00 -47.06
C SER G 143 33.46 20.85 -47.90
N ARG G 144 33.05 21.21 -49.11
CA ARG G 144 33.86 22.07 -49.96
C ARG G 144 33.68 23.54 -49.65
N PHE G 145 32.47 23.94 -49.23
CA PHE G 145 32.27 25.31 -48.79
C PHE G 145 32.83 25.54 -47.39
N LEU G 146 32.94 24.49 -46.58
CA LEU G 146 33.55 24.60 -45.27
C LEU G 146 34.99 24.12 -45.26
N GLU G 147 35.46 23.52 -46.36
CA GLU G 147 36.86 23.15 -46.53
C GLU G 147 37.32 22.17 -45.46
N SER G 148 36.42 21.29 -45.03
CA SER G 148 36.72 20.31 -43.98
C SER G 148 35.83 19.08 -44.18
N ASN G 149 36.42 17.93 -43.96
CA ASN G 149 35.52 16.79 -43.86
C ASN G 149 34.90 16.72 -42.48
N PRO G 150 33.70 16.13 -42.36
CA PRO G 150 33.03 16.04 -41.07
C PRO G 150 33.44 14.79 -40.31
N VAL G 151 33.07 14.76 -39.03
CA VAL G 151 33.20 13.57 -38.19
C VAL G 151 31.81 13.04 -37.94
N MET G 152 31.67 11.72 -37.99
CA MET G 152 30.38 11.06 -37.74
C MET G 152 30.33 10.63 -36.29
N ILE G 153 29.40 11.22 -35.53
CA ILE G 153 29.19 10.89 -34.14
C ILE G 153 27.75 10.43 -33.98
N ASP G 154 27.56 9.17 -33.60
CA ASP G 154 26.24 8.59 -33.34
C ASP G 154 25.93 8.69 -31.85
N ALA G 155 24.79 9.31 -31.53
CA ALA G 155 24.39 9.49 -30.12
C ALA G 155 24.10 8.16 -29.42
N LYS G 156 24.03 7.06 -30.16
CA LYS G 156 23.69 5.79 -29.55
C LYS G 156 24.69 5.40 -28.47
N GLU G 157 25.92 5.87 -28.61
CA GLU G 157 26.99 5.46 -27.71
C GLU G 157 26.96 6.22 -26.39
N VAL G 158 26.16 7.29 -26.28
CA VAL G 158 26.10 8.05 -25.05
C VAL G 158 24.64 8.37 -24.66
N SER G 159 23.68 7.69 -25.26
CA SER G 159 22.27 7.93 -24.94
C SER G 159 21.46 6.71 -25.34
N ALA G 160 20.13 6.84 -25.27
CA ALA G 160 19.22 5.72 -25.51
C ALA G 160 18.65 5.72 -26.92
N ALA G 161 19.14 6.57 -27.81
CA ALA G 161 18.58 6.68 -29.15
C ALA G 161 19.69 6.59 -30.18
N HIS G 162 19.38 5.95 -31.30
CA HIS G 162 20.20 6.11 -32.49
C HIS G 162 20.04 7.53 -33.00
N ARG G 163 21.15 8.18 -33.32
CA ARG G 163 21.11 9.50 -33.99
C ARG G 163 22.49 9.74 -34.60
N ALA G 164 22.67 9.28 -35.84
CA ALA G 164 23.94 9.43 -36.54
C ALA G 164 23.98 10.79 -37.20
N ARG G 165 24.90 11.65 -36.75
CA ARG G 165 24.99 13.02 -37.23
C ARG G 165 26.40 13.32 -37.72
N TYR G 166 26.48 14.21 -38.73
CA TYR G 166 27.75 14.71 -39.25
C TYR G 166 28.14 15.96 -38.50
N PHE G 167 29.45 16.11 -38.25
CA PHE G 167 29.96 17.25 -37.49
C PHE G 167 31.21 17.81 -38.20
N TRP G 168 31.04 18.98 -38.80
CA TRP G 168 32.16 19.74 -39.35
C TRP G 168 32.62 20.74 -38.30
N GLY G 169 33.91 21.03 -38.29
CA GLY G 169 34.42 22.09 -37.45
C GLY G 169 35.87 21.87 -37.10
N ASN G 170 36.34 22.71 -36.17
CA ASN G 170 37.74 22.79 -35.80
C ASN G 170 37.94 22.67 -34.30
N LEU G 171 36.93 22.20 -33.57
CA LEU G 171 37.07 22.05 -32.12
C LEU G 171 38.16 21.03 -31.80
N PRO G 172 38.88 21.24 -30.71
CA PRO G 172 39.92 20.27 -30.32
C PRO G 172 39.32 18.90 -30.02
N GLY G 173 40.04 17.86 -30.44
CA GLY G 173 39.63 16.49 -30.13
C GLY G 173 38.28 16.11 -30.68
N MET G 174 37.87 16.71 -31.81
CA MET G 174 36.59 16.38 -32.40
C MET G 174 36.49 14.93 -32.82
N ASN G 175 37.62 14.26 -33.09
CA ASN G 175 37.59 12.84 -33.46
C ASN G 175 38.12 11.94 -32.34
N ARG G 176 38.18 12.44 -31.11
CA ARG G 176 38.57 11.54 -30.04
C ARG G 176 37.39 10.61 -29.71
N PRO G 177 37.66 9.44 -29.15
CA PRO G 177 36.58 8.49 -28.86
C PRO G 177 35.59 9.04 -27.85
N LEU G 178 34.31 8.69 -28.04
CA LEU G 178 33.26 9.05 -27.09
C LEU G 178 33.29 8.14 -25.89
N ALA G 179 33.03 8.71 -24.71
CA ALA G 179 33.03 7.97 -23.46
C ALA G 179 31.72 8.23 -22.74
N SER G 180 30.94 7.18 -22.53
CA SER G 180 29.72 7.31 -21.74
C SER G 180 30.11 7.64 -20.30
N THR G 181 29.52 8.70 -19.77
CA THR G 181 29.81 9.13 -18.41
C THR G 181 28.69 8.66 -17.47
N VAL G 182 28.84 8.97 -16.19
CA VAL G 182 27.83 8.58 -15.20
C VAL G 182 26.52 9.32 -15.45
N ASN G 183 26.60 10.53 -15.99
CA ASN G 183 25.47 11.36 -16.37
C ASN G 183 24.60 10.72 -17.45
N ASP G 184 25.13 9.80 -18.25
CA ASP G 184 24.44 9.35 -19.45
C ASP G 184 23.49 8.20 -19.14
N LYS G 185 22.28 8.29 -19.69
CA LYS G 185 21.30 7.21 -19.62
C LYS G 185 21.33 6.47 -20.95
N LEU G 186 21.96 5.29 -20.95
CA LEU G 186 22.21 4.52 -22.16
C LEU G 186 21.04 3.67 -22.62
N GLU G 187 20.09 3.36 -21.74
CA GLU G 187 18.99 2.47 -22.10
C GLU G 187 17.66 3.17 -21.87
N LEU G 188 16.69 2.84 -22.73
CA LEU G 188 15.38 3.48 -22.67
C LEU G 188 14.77 3.39 -21.27
N GLN G 189 14.91 2.24 -20.61
CA GLN G 189 14.30 2.06 -19.29
C GLN G 189 14.68 3.19 -18.34
N GLU G 190 15.95 3.63 -18.37
CA GLU G 190 16.41 4.67 -17.47
C GLU G 190 15.81 6.04 -17.77
N CYS G 191 15.20 6.24 -18.95
CA CYS G 191 14.52 7.49 -19.29
C CYS G 191 13.03 7.49 -18.99
N LEU G 192 12.45 6.37 -18.60
CA LEU G 192 11.00 6.29 -18.50
C LEU G 192 10.53 6.74 -17.13
N GLU G 193 9.29 7.20 -17.07
CA GLU G 193 8.70 7.57 -15.79
C GLU G 193 8.32 6.32 -14.99
N HIS G 194 7.97 6.53 -13.73
CA HIS G 194 7.60 5.41 -12.86
C HIS G 194 6.45 4.61 -13.44
N GLY G 195 6.51 3.30 -13.29
CA GLY G 195 5.41 2.43 -13.67
C GLY G 195 5.40 1.97 -15.11
N ARG G 196 6.50 2.14 -15.85
CA ARG G 196 6.50 1.86 -17.27
C ARG G 196 7.71 1.03 -17.64
N ILE G 197 7.54 0.12 -18.60
CA ILE G 197 8.56 -0.86 -18.93
C ILE G 197 8.99 -0.67 -20.38
N ALA G 198 10.28 -0.44 -20.59
CA ALA G 198 10.84 -0.30 -21.93
C ALA G 198 10.81 -1.64 -22.65
N LYS G 199 10.40 -1.63 -23.91
CA LYS G 199 10.48 -2.80 -24.76
C LYS G 199 11.75 -2.86 -25.59
N PHE G 200 12.57 -1.81 -25.56
CA PHE G 200 13.79 -1.74 -26.35
C PHE G 200 14.91 -1.17 -25.50
N SER G 201 16.14 -1.63 -25.79
CA SER G 201 17.30 -1.01 -25.17
C SER G 201 17.53 0.40 -25.70
N LYS G 202 17.57 0.54 -27.03
CA LYS G 202 17.70 1.84 -27.70
C LYS G 202 16.55 2.02 -28.68
N VAL G 203 16.12 3.26 -28.84
CA VAL G 203 15.07 3.60 -29.80
C VAL G 203 15.72 4.10 -31.09
N ARG G 204 14.96 4.05 -32.18
CA ARG G 204 15.43 4.54 -33.47
CA ARG G 204 15.49 4.54 -33.44
C ARG G 204 15.46 6.08 -33.46
N THR G 205 15.92 6.64 -34.57
CA THR G 205 16.09 8.08 -34.64
C THR G 205 14.74 8.79 -34.51
N ILE G 206 14.67 9.73 -33.59
CA ILE G 206 13.47 10.51 -33.35
C ILE G 206 13.49 11.73 -34.26
N THR G 207 12.52 11.79 -35.17
CA THR G 207 12.28 12.94 -36.02
C THR G 207 11.21 13.80 -35.38
N THR G 208 10.66 14.73 -36.16
CA THR G 208 9.54 15.52 -35.69
C THR G 208 8.22 14.79 -35.85
N ARG G 209 8.22 13.62 -36.48
CA ARG G 209 6.99 12.93 -36.86
C ARG G 209 6.72 11.74 -35.95
N SER G 210 5.44 11.52 -35.65
CA SER G 210 5.04 10.54 -34.62
C SER G 210 5.48 9.13 -34.97
N ASN G 211 5.54 8.77 -36.26
CA ASN G 211 5.95 7.42 -36.65
C ASN G 211 7.40 7.11 -36.26
N SER G 212 8.22 8.12 -35.92
CA SER G 212 9.58 7.83 -35.47
C SER G 212 9.61 7.30 -34.04
N ILE G 213 8.57 7.57 -33.26
CA ILE G 213 8.51 7.06 -31.89
C ILE G 213 8.20 5.56 -31.89
N LYS G 214 7.45 5.09 -32.87
CA LYS G 214 7.18 3.67 -32.97
C LYS G 214 8.34 2.99 -33.71
N GLN G 215 8.68 1.80 -33.25
CA GLN G 215 9.93 1.17 -33.65
C GLN G 215 9.71 0.20 -34.80
N GLY G 216 10.60 0.26 -35.78
CA GLY G 216 10.60 -0.70 -36.85
C GLY G 216 9.63 -0.36 -37.97
N LYS G 217 9.56 -1.26 -38.93
CA LYS G 217 8.61 -1.16 -40.02
C LYS G 217 7.21 -1.57 -39.58
N ASP G 218 7.11 -2.46 -38.59
CA ASP G 218 5.80 -2.85 -38.07
C ASP G 218 5.27 -1.88 -37.02
N GLN G 219 5.99 -0.78 -36.76
CA GLN G 219 5.51 0.27 -35.86
C GLN G 219 5.25 -0.26 -34.45
N HIS G 220 6.26 -0.91 -33.87
CA HIS G 220 6.15 -1.41 -32.50
C HIS G 220 6.12 -0.25 -31.51
N PHE G 221 5.25 -0.36 -30.51
CA PHE G 221 5.23 0.60 -29.43
C PHE G 221 6.48 0.46 -28.57
N PRO G 222 7.03 1.56 -28.09
CA PRO G 222 8.27 1.49 -27.31
C PRO G 222 8.08 0.97 -25.88
N VAL G 223 6.95 1.21 -25.20
CA VAL G 223 6.86 0.89 -23.78
C VAL G 223 5.52 0.27 -23.38
N PHE G 224 5.55 -0.47 -22.27
CA PHE G 224 4.39 -1.08 -21.63
C PHE G 224 4.06 -0.33 -20.35
N MET G 225 2.77 -0.07 -20.12
CA MET G 225 2.29 0.46 -18.85
C MET G 225 0.98 -0.25 -18.50
N ASN G 226 0.97 -1.00 -17.40
CA ASN G 226 -0.19 -1.79 -16.99
C ASN G 226 -0.49 -2.86 -18.05
N GLU G 227 0.57 -3.38 -18.66
CA GLU G 227 0.49 -4.37 -19.73
C GLU G 227 -0.23 -3.84 -20.98
N LYS G 228 -0.27 -2.52 -21.15
CA LYS G 228 -0.85 -1.91 -22.34
C LYS G 228 0.22 -1.08 -23.06
N GLU G 229 0.25 -1.21 -24.38
CA GLU G 229 1.28 -0.57 -25.18
C GLU G 229 1.11 0.94 -25.15
N ASP G 230 2.24 1.65 -25.25
CA ASP G 230 2.23 3.11 -25.22
C ASP G 230 3.47 3.62 -25.94
N ILE G 231 3.43 4.91 -26.28
CA ILE G 231 4.54 5.62 -26.90
C ILE G 231 5.26 6.39 -25.81
N LEU G 232 6.36 7.04 -26.16
CA LEU G 232 7.11 7.85 -25.20
C LEU G 232 6.35 9.13 -24.86
N TRP G 233 6.37 9.50 -23.58
CA TRP G 233 5.93 10.83 -23.22
C TRP G 233 7.04 11.82 -23.51
N CYS G 234 6.69 13.09 -23.68
CA CYS G 234 7.72 14.00 -24.13
C CYS G 234 8.73 14.31 -23.04
N THR G 235 8.39 14.14 -21.76
CA THR G 235 9.41 14.20 -20.72
C THR G 235 10.38 13.01 -20.82
N GLU G 236 9.92 11.88 -21.35
CA GLU G 236 10.83 10.77 -21.56
C GLU G 236 11.70 11.01 -22.78
N MET G 237 11.15 11.69 -23.79
CA MET G 237 11.96 12.03 -24.96
C MET G 237 13.06 13.01 -24.57
N GLU G 238 12.76 13.94 -23.67
CA GLU G 238 13.74 14.90 -23.20
C GLU G 238 14.93 14.19 -22.53
N ARG G 239 14.66 13.15 -21.73
CA ARG G 239 15.75 12.35 -21.15
C ARG G 239 16.51 11.60 -22.24
N VAL G 240 15.79 11.05 -23.22
CA VAL G 240 16.46 10.37 -24.33
C VAL G 240 17.39 11.35 -25.08
N PHE G 241 17.01 12.62 -25.16
CA PHE G 241 17.85 13.60 -25.83
C PHE G 241 18.86 14.22 -24.90
N GLY G 242 18.75 13.96 -23.59
CA GLY G 242 19.64 14.50 -22.59
C GLY G 242 19.26 15.85 -22.01
N PHE G 243 18.07 16.35 -22.30
CA PHE G 243 17.66 17.65 -21.76
C PHE G 243 17.15 17.48 -20.34
N PRO G 244 17.13 18.55 -19.56
CA PRO G 244 16.46 18.46 -18.26
C PRO G 244 14.99 18.15 -18.48
N VAL G 245 14.39 17.43 -17.53
CA VAL G 245 12.97 17.08 -17.62
C VAL G 245 12.14 18.34 -17.56
N HIS G 246 11.12 18.44 -18.43
CA HIS G 246 10.21 19.58 -18.58
C HIS G 246 10.88 20.79 -19.19
N TYR G 247 12.05 20.59 -19.79
CA TYR G 247 12.72 21.69 -20.50
C TYR G 247 11.78 22.34 -21.51
N THR G 248 11.08 21.53 -22.32
CA THR G 248 10.15 22.09 -23.31
C THR G 248 8.71 22.22 -22.81
N ASP G 249 8.46 22.07 -21.51
CA ASP G 249 7.11 22.28 -20.98
C ASP G 249 6.85 23.78 -20.85
N VAL G 250 6.67 24.41 -22.02
CA VAL G 250 6.57 25.86 -22.16
C VAL G 250 5.48 26.22 -23.16
N SER G 251 4.78 27.32 -22.92
CA SER G 251 3.86 27.97 -23.89
C SER G 251 2.77 27.02 -24.39
N ASN G 252 2.22 26.23 -23.49
CA ASN G 252 1.05 25.39 -23.78
C ASN G 252 1.26 24.49 -24.99
N MET G 253 2.53 24.25 -25.33
CA MET G 253 2.82 23.38 -26.46
C MET G 253 2.22 22.00 -26.25
N SER G 254 1.68 21.44 -27.33
CA SER G 254 1.24 20.06 -27.32
C SER G 254 2.44 19.12 -27.34
N HIS G 255 2.17 17.84 -27.20
CA HIS G 255 3.27 16.88 -27.22
C HIS G 255 3.90 16.79 -28.60
N LEU G 256 3.14 17.07 -29.67
CA LEU G 256 3.71 17.10 -31.01
C LEU G 256 4.55 18.35 -31.25
N ALA G 257 4.06 19.52 -30.82
CA ALA G 257 4.89 20.72 -30.89
C ALA G 257 6.20 20.52 -30.13
N ARG G 258 6.14 19.91 -28.94
CA ARG G 258 7.36 19.64 -28.18
C ARG G 258 8.27 18.67 -28.94
N GLN G 259 7.69 17.61 -29.50
CA GLN G 259 8.47 16.71 -30.34
C GLN G 259 9.03 17.41 -31.58
N ARG G 260 8.32 18.41 -32.10
CA ARG G 260 8.88 19.15 -33.23
CA ARG G 260 8.88 19.16 -33.23
C ARG G 260 10.18 19.82 -32.84
N LEU G 261 10.23 20.42 -31.64
CA LEU G 261 11.44 21.03 -31.15
C LEU G 261 12.51 19.98 -30.86
N LEU G 262 12.13 18.89 -30.21
CA LEU G 262 13.12 17.89 -29.84
C LEU G 262 13.65 17.15 -31.06
N GLY G 263 12.78 16.89 -32.05
CA GLY G 263 13.19 16.17 -33.24
C GLY G 263 14.15 16.93 -34.13
N ARG G 264 14.22 18.26 -33.99
CA ARG G 264 15.18 19.04 -34.76
C ARG G 264 16.47 19.33 -34.00
N SER G 265 16.56 18.98 -32.73
CA SER G 265 17.64 19.48 -31.88
C SER G 265 18.84 18.54 -31.82
N TRP G 266 19.82 18.92 -31.02
CA TRP G 266 21.02 18.12 -30.85
C TRP G 266 20.88 17.20 -29.65
N SER G 267 21.56 16.07 -29.73
CA SER G 267 21.70 15.21 -28.55
C SER G 267 22.66 15.88 -27.57
N VAL G 268 22.15 16.16 -26.38
CA VAL G 268 22.92 16.96 -25.42
C VAL G 268 24.28 16.33 -25.08
N PRO G 269 24.37 15.03 -24.74
CA PRO G 269 25.70 14.49 -24.43
C PRO G 269 26.68 14.59 -25.57
N VAL G 270 26.20 14.48 -26.82
CA VAL G 270 27.11 14.60 -27.97
C VAL G 270 27.73 15.99 -28.00
N ILE G 271 26.91 17.03 -27.83
CA ILE G 271 27.43 18.39 -27.79
C ILE G 271 28.37 18.56 -26.60
N ARG G 272 27.97 18.02 -25.44
CA ARG G 272 28.82 18.13 -24.25
C ARG G 272 30.20 17.54 -24.52
N HIS G 273 30.26 16.41 -25.22
CA HIS G 273 31.54 15.87 -25.66
C HIS G 273 32.28 16.86 -26.55
N LEU G 274 31.57 17.48 -27.50
CA LEU G 274 32.26 18.33 -28.47
C LEU G 274 32.71 19.64 -27.87
N PHE G 275 31.93 20.21 -26.95
CA PHE G 275 32.30 21.48 -26.32
C PHE G 275 33.27 21.32 -25.16
N ALA G 276 33.42 20.10 -24.62
CA ALA G 276 34.21 19.90 -23.41
C ALA G 276 35.61 20.51 -23.48
N PRO G 277 36.40 20.32 -24.55
CA PRO G 277 37.74 20.92 -24.54
C PRO G 277 37.76 22.42 -24.72
N LEU G 278 36.60 23.06 -24.76
CA LEU G 278 36.56 24.52 -24.78
C LEU G 278 36.81 25.16 -23.42
N LYS G 279 36.58 24.43 -22.32
CA LYS G 279 36.82 25.02 -21.00
C LYS G 279 38.31 25.15 -20.70
N GLU G 280 39.18 24.64 -21.56
CA GLU G 280 40.60 24.88 -21.50
C GLU G 280 41.00 26.16 -22.25
N TYR G 281 40.05 26.82 -22.90
CA TYR G 281 40.34 28.02 -23.68
C TYR G 281 39.60 29.26 -23.19
N PHE G 282 38.64 29.13 -22.29
CA PHE G 282 37.83 30.25 -21.84
C PHE G 282 37.62 30.17 -20.34
N ALA G 283 37.26 31.32 -19.75
CA ALA G 283 37.05 31.40 -18.32
C ALA G 283 35.87 30.52 -17.90
N CYS G 284 35.99 29.94 -16.71
CA CYS G 284 34.98 29.04 -16.19
C CYS G 284 34.63 29.37 -14.75
N VAL G 285 33.45 28.90 -14.35
CA VAL G 285 32.89 29.09 -13.02
C VAL G 285 33.52 28.10 -12.06
N MET H 1 38.62 50.85 -51.85
CA MET H 1 39.89 51.50 -52.15
C MET H 1 40.18 51.49 -53.66
N PHE H 2 40.12 52.67 -54.27
CA PHE H 2 40.31 52.81 -55.72
C PHE H 2 41.52 53.72 -55.97
N GLU H 3 42.46 53.24 -56.78
CA GLU H 3 43.75 53.91 -56.89
C GLU H 3 44.13 54.17 -58.34
N THR H 4 44.57 55.39 -58.61
CA THR H 4 45.04 55.81 -59.92
C THR H 4 46.47 55.32 -60.13
N VAL H 5 46.72 54.75 -61.31
CA VAL H 5 48.02 54.20 -61.66
C VAL H 5 48.69 55.09 -62.70
N PRO H 6 50.00 55.36 -62.61
CA PRO H 6 50.70 55.86 -63.78
C PRO H 6 50.81 54.77 -64.83
N VAL H 7 50.91 55.18 -66.10
CA VAL H 7 50.77 54.20 -67.18
C VAL H 7 51.97 53.27 -67.20
N TRP H 8 53.15 53.75 -66.80
CA TRP H 8 54.36 52.94 -66.83
C TRP H 8 54.45 51.95 -65.67
N ARG H 9 53.66 52.14 -64.61
CA ARG H 9 53.65 51.23 -63.46
C ARG H 9 52.51 50.23 -63.55
N ARG H 10 52.22 49.73 -64.74
CA ARG H 10 51.00 48.97 -65.02
C ARG H 10 51.34 47.64 -65.68
N GLN H 11 50.96 46.53 -65.05
CA GLN H 11 51.34 45.21 -65.48
C GLN H 11 50.14 44.46 -66.08
N PRO H 12 50.39 43.42 -66.88
CA PRO H 12 49.27 42.69 -67.49
C PRO H 12 48.35 42.08 -66.43
N VAL H 13 47.06 42.16 -66.67
CA VAL H 13 46.09 41.68 -65.69
C VAL H 13 45.99 40.17 -65.75
N ARG H 14 45.91 39.55 -64.58
CA ARG H 14 45.72 38.10 -64.45
C ARG H 14 44.28 37.86 -64.05
N VAL H 15 43.59 37.03 -64.82
CA VAL H 15 42.15 36.89 -64.73
C VAL H 15 41.80 35.42 -64.58
N LEU H 16 41.05 35.10 -63.54
CA LEU H 16 40.39 33.80 -63.41
C LEU H 16 38.93 33.99 -63.79
N SER H 17 38.46 33.19 -64.74
CA SER H 17 37.09 33.32 -65.23
C SER H 17 36.34 32.01 -65.04
N LEU H 18 35.11 32.10 -64.55
CA LEU H 18 34.28 30.98 -64.17
C LEU H 18 33.04 30.97 -65.06
N PHE H 19 32.65 29.78 -65.55
CA PHE H 19 31.36 29.54 -66.20
C PHE H 19 31.23 30.25 -67.54
N GLU H 20 32.31 30.81 -68.05
CA GLU H 20 32.30 31.55 -69.29
C GLU H 20 33.73 31.90 -69.62
N ASP H 21 34.15 31.66 -70.85
CA ASP H 21 35.46 32.14 -71.29
C ASP H 21 35.28 33.53 -71.86
N ILE H 22 36.00 34.50 -71.31
CA ILE H 22 35.94 35.87 -71.76
C ILE H 22 37.25 36.31 -72.40
N LYS H 23 38.05 35.35 -72.90
CA LYS H 23 39.27 35.68 -73.61
C LYS H 23 39.00 36.63 -74.76
N LYS H 24 37.98 36.34 -75.57
CA LYS H 24 37.74 37.15 -76.76
C LYS H 24 37.37 38.57 -76.39
N GLU H 25 36.54 38.75 -75.35
CA GLU H 25 36.24 40.11 -74.93
C GLU H 25 37.49 40.84 -74.47
N LEU H 26 38.33 40.18 -73.67
CA LEU H 26 39.48 40.89 -73.12
C LEU H 26 40.57 41.15 -74.17
N THR H 27 40.84 40.19 -75.07
CA THR H 27 41.80 40.47 -76.12
C THR H 27 41.30 41.60 -77.00
N SER H 28 39.98 41.68 -77.19
CA SER H 28 39.39 42.67 -78.08
C SER H 28 39.62 44.08 -77.58
N LEU H 29 39.79 44.25 -76.27
CA LEU H 29 40.20 45.54 -75.71
C LEU H 29 41.66 45.56 -75.30
N GLY H 30 42.42 44.51 -75.60
CA GLY H 30 43.84 44.50 -75.37
C GLY H 30 44.28 44.42 -73.92
N PHE H 31 43.54 43.70 -73.09
CA PHE H 31 44.08 43.32 -71.80
C PHE H 31 45.07 42.18 -71.90
N LEU H 32 45.02 41.44 -72.99
CA LEU H 32 45.76 40.21 -73.17
C LEU H 32 46.64 40.30 -74.39
N GLU H 33 47.69 39.49 -74.37
CA GLU H 33 48.70 39.41 -75.45
C GLU H 33 48.43 38.08 -76.18
N SER H 34 48.71 38.00 -77.48
CA SER H 34 48.41 36.79 -78.28
C SER H 34 49.37 35.62 -78.04
N GLY H 35 50.45 35.82 -77.28
CA GLY H 35 51.46 34.79 -76.95
C GLY H 35 50.92 33.38 -76.75
N SER H 36 50.69 32.67 -77.86
CA SER H 36 50.25 31.24 -77.93
C SER H 36 49.38 30.76 -76.76
N ASP H 37 48.29 31.49 -76.44
CA ASP H 37 47.32 31.13 -75.38
C ASP H 37 48.08 30.66 -74.12
N PRO H 38 48.95 31.46 -73.49
CA PRO H 38 49.67 30.86 -72.34
C PRO H 38 50.11 31.68 -71.12
N GLY H 39 49.29 31.70 -70.06
CA GLY H 39 49.78 32.28 -68.80
C GLY H 39 49.07 33.47 -68.18
N GLN H 40 48.23 34.23 -68.88
CA GLN H 40 47.66 35.39 -68.19
C GLN H 40 46.23 35.19 -67.72
N LEU H 41 45.44 34.35 -68.39
CA LEU H 41 44.05 34.09 -67.99
C LEU H 41 43.86 32.61 -67.72
N LYS H 42 43.21 32.29 -66.60
CA LYS H 42 42.84 30.93 -66.26
C LYS H 42 41.31 30.79 -66.33
N HIS H 43 40.86 29.71 -66.95
CA HIS H 43 39.44 29.39 -67.01
C HIS H 43 39.25 27.97 -66.52
N VAL H 44 38.37 27.79 -65.54
CA VAL H 44 37.95 26.46 -65.09
C VAL H 44 36.48 26.29 -65.40
N VAL H 45 36.05 25.04 -65.54
CA VAL H 45 34.64 24.75 -65.74
C VAL H 45 34.10 23.63 -64.86
N ASP H 46 34.95 22.84 -64.23
CA ASP H 46 34.51 21.91 -63.20
C ASP H 46 34.94 22.50 -61.84
N VAL H 47 34.26 23.58 -61.44
CA VAL H 47 34.57 24.23 -60.18
C VAL H 47 34.16 23.40 -58.97
N THR H 48 33.34 22.35 -59.17
CA THR H 48 32.75 21.66 -58.03
C THR H 48 33.81 21.00 -57.15
N ASP H 49 34.98 20.68 -57.72
CA ASP H 49 36.05 20.05 -56.94
C ASP H 49 37.34 20.87 -56.93
N THR H 50 37.28 22.15 -57.27
CA THR H 50 38.46 22.98 -57.08
C THR H 50 38.51 23.39 -55.62
N VAL H 51 39.64 23.08 -54.97
CA VAL H 51 39.84 23.45 -53.58
C VAL H 51 40.56 24.77 -53.52
N ARG H 52 41.10 25.12 -52.37
CA ARG H 52 41.78 26.40 -52.21
C ARG H 52 43.15 26.40 -52.87
N LYS H 53 43.95 25.34 -52.67
CA LYS H 53 45.30 25.31 -53.21
C LYS H 53 45.29 25.32 -54.73
N ASP H 54 44.26 24.78 -55.36
CA ASP H 54 44.15 24.87 -56.82
C ASP H 54 44.12 26.33 -57.26
N VAL H 55 43.23 27.13 -56.67
CA VAL H 55 43.15 28.54 -57.00
C VAL H 55 44.49 29.22 -56.72
N GLU H 56 45.16 28.81 -55.65
CA GLU H 56 46.44 29.42 -55.28
C GLU H 56 47.53 29.07 -56.27
N GLU H 57 47.68 27.78 -56.59
CA GLU H 57 48.76 27.37 -57.48
C GLU H 57 48.52 27.80 -58.92
N TRP H 58 47.31 28.27 -59.26
CA TRP H 58 47.08 28.92 -60.55
C TRP H 58 47.53 30.35 -60.56
N GLY H 59 48.45 30.69 -59.67
CA GLY H 59 49.02 32.02 -59.64
C GLY H 59 48.04 33.03 -59.13
N PRO H 60 48.55 34.18 -58.71
CA PRO H 60 47.68 35.24 -58.20
C PRO H 60 46.84 35.84 -59.31
N PHE H 61 45.70 36.37 -58.92
CA PHE H 61 44.76 36.98 -59.86
C PHE H 61 44.46 38.42 -59.44
N ASP H 62 44.31 39.29 -60.44
CA ASP H 62 43.87 40.66 -60.19
C ASP H 62 42.38 40.84 -60.45
N LEU H 63 41.74 39.88 -61.10
CA LEU H 63 40.33 40.02 -61.43
C LEU H 63 39.69 38.64 -61.50
N VAL H 64 38.53 38.51 -60.86
CA VAL H 64 37.79 37.26 -60.81
C VAL H 64 36.45 37.52 -61.49
N TYR H 65 36.16 36.77 -62.54
CA TYR H 65 34.94 36.96 -63.29
C TYR H 65 34.07 35.72 -63.23
N GLY H 66 32.78 35.93 -63.02
CA GLY H 66 31.81 34.84 -63.12
C GLY H 66 30.51 35.35 -63.69
N ALA H 67 29.77 34.44 -64.32
CA ALA H 67 28.51 34.82 -64.95
C ALA H 67 27.53 33.67 -64.95
N THR H 68 26.25 34.02 -64.91
CA THR H 68 25.20 33.06 -65.18
C THR H 68 25.19 32.71 -66.66
N PRO H 69 24.99 31.44 -67.01
CA PRO H 69 24.77 31.09 -68.42
C PRO H 69 23.50 31.72 -68.93
N PRO H 70 23.39 31.93 -70.24
CA PRO H 70 22.33 32.80 -70.76
C PRO H 70 20.97 32.14 -70.79
N LEU H 71 19.96 33.01 -70.82
CA LEU H 71 18.56 32.63 -70.99
C LEU H 71 18.46 31.55 -72.06
N GLY H 72 18.34 30.31 -71.60
CA GLY H 72 18.40 29.18 -72.50
C GLY H 72 18.26 27.91 -71.68
N HIS H 73 18.01 26.82 -72.39
CA HIS H 73 17.94 25.52 -71.75
C HIS H 73 19.35 25.01 -71.49
N THR H 74 19.49 23.68 -71.34
CA THR H 74 20.78 23.05 -71.09
C THR H 74 21.44 23.63 -69.83
N CYS H 75 20.64 23.88 -68.80
CA CYS H 75 21.15 24.32 -67.52
C CYS H 75 21.27 23.08 -66.63
N ASP H 76 22.48 22.53 -66.55
CA ASP H 76 22.69 21.35 -65.72
C ASP H 76 22.54 21.68 -64.24
N ARG H 77 22.80 22.92 -63.87
CA ARG H 77 22.84 23.37 -62.49
C ARG H 77 21.75 24.42 -62.24
N PRO H 78 21.26 24.56 -61.00
CA PRO H 78 20.27 25.60 -60.71
C PRO H 78 20.91 26.97 -60.69
N PRO H 79 20.17 28.02 -61.04
CA PRO H 79 20.76 29.36 -61.20
C PRO H 79 21.54 29.86 -59.98
N SER H 80 21.19 29.41 -58.77
CA SER H 80 21.90 29.83 -57.57
C SER H 80 23.25 29.16 -57.40
N TRP H 81 23.44 27.99 -58.02
CA TRP H 81 24.69 27.25 -57.90
C TRP H 81 25.87 28.10 -58.36
N TYR H 82 25.74 28.74 -59.52
CA TYR H 82 26.82 29.53 -60.08
C TYR H 82 27.20 30.68 -59.17
N LEU H 83 26.21 31.32 -58.55
CA LEU H 83 26.53 32.44 -57.66
C LEU H 83 27.22 31.95 -56.39
N PHE H 84 26.72 30.89 -55.75
CA PHE H 84 27.42 30.38 -54.58
C PHE H 84 28.84 29.95 -54.94
N GLN H 85 28.99 29.16 -56.00
CA GLN H 85 30.31 28.71 -56.42
C GLN H 85 31.22 29.89 -56.73
N PHE H 86 30.66 30.96 -57.31
CA PHE H 86 31.46 32.16 -57.58
C PHE H 86 31.96 32.77 -56.28
N HIS H 87 31.07 32.96 -55.32
CA HIS H 87 31.47 33.51 -54.02
C HIS H 87 32.53 32.66 -53.35
N ARG H 88 32.41 31.33 -53.47
CA ARG H 88 33.37 30.44 -52.83
C ARG H 88 34.78 30.66 -53.39
N LEU H 89 34.94 30.50 -54.70
CA LEU H 89 36.26 30.62 -55.30
C LEU H 89 36.76 32.05 -55.32
N LEU H 90 35.84 33.03 -55.27
CA LEU H 90 36.25 34.42 -55.11
C LEU H 90 37.00 34.61 -53.80
N GLN H 91 36.52 34.00 -52.72
CA GLN H 91 37.28 34.14 -51.48
C GLN H 91 38.62 33.44 -51.58
N TYR H 92 38.68 32.35 -52.34
CA TYR H 92 39.95 31.64 -52.48
C TYR H 92 40.98 32.50 -53.21
N ALA H 93 40.52 33.41 -54.07
CA ALA H 93 41.38 34.19 -54.95
C ALA H 93 41.65 35.61 -54.45
N ARG H 94 41.08 36.00 -53.30
CA ARG H 94 41.42 37.29 -52.74
C ARG H 94 42.89 37.29 -52.35
N PRO H 95 43.51 38.46 -52.28
CA PRO H 95 44.92 38.53 -51.89
C PRO H 95 45.10 38.72 -50.39
N LYS H 96 46.33 38.48 -49.94
CA LYS H 96 46.68 38.68 -48.55
C LYS H 96 46.28 40.09 -48.10
N PRO H 97 45.75 40.24 -46.88
CA PRO H 97 45.33 41.58 -46.42
C PRO H 97 46.41 42.64 -46.55
N GLY H 98 47.67 42.28 -46.38
CA GLY H 98 48.74 43.24 -46.59
C GLY H 98 49.37 43.15 -47.97
N SER H 99 48.67 43.64 -49.00
CA SER H 99 49.26 43.60 -50.35
C SER H 99 48.70 44.70 -51.25
N PRO H 100 49.56 45.35 -52.04
CA PRO H 100 49.21 46.66 -52.62
C PRO H 100 48.35 46.64 -53.88
N ARG H 101 48.49 45.62 -54.72
CA ARG H 101 47.91 45.68 -56.06
C ARG H 101 46.38 45.72 -56.00
N PRO H 102 45.73 46.33 -56.97
CA PRO H 102 44.27 46.39 -56.97
C PRO H 102 43.65 45.05 -57.31
N PHE H 103 42.47 44.82 -56.75
CA PHE H 103 41.77 43.54 -56.90
C PHE H 103 40.32 43.81 -57.26
N PHE H 104 39.88 43.30 -58.40
CA PHE H 104 38.53 43.51 -58.87
C PHE H 104 37.82 42.19 -59.08
N TRP H 105 36.50 42.19 -58.87
CA TRP H 105 35.67 41.02 -59.15
C TRP H 105 34.39 41.51 -59.82
N MET H 106 33.76 40.62 -60.59
CA MET H 106 32.48 40.97 -61.17
C MET H 106 31.65 39.72 -61.43
N PHE H 107 30.37 39.77 -61.08
CA PHE H 107 29.42 38.72 -61.39
C PHE H 107 28.33 39.34 -62.24
N VAL H 108 27.97 38.68 -63.33
CA VAL H 108 26.95 39.20 -64.23
C VAL H 108 25.83 38.16 -64.35
N ASP H 109 24.59 38.63 -64.38
CA ASP H 109 23.42 37.77 -64.56
C ASP H 109 22.67 38.15 -65.82
N ASN H 110 22.28 37.14 -66.59
CA ASN H 110 21.54 37.31 -67.84
C ASN H 110 20.03 37.11 -67.63
N LEU H 111 19.48 37.84 -66.66
CA LEU H 111 18.06 37.76 -66.28
C LEU H 111 17.67 36.33 -65.91
N VAL H 112 18.66 35.51 -65.56
CA VAL H 112 18.46 34.11 -65.23
C VAL H 112 18.03 33.89 -63.79
N LEU H 113 18.12 34.90 -62.94
CA LEU H 113 17.80 34.75 -61.52
C LEU H 113 16.45 35.39 -61.23
N ASN H 114 15.59 34.66 -60.52
CA ASN H 114 14.32 35.23 -60.10
C ASN H 114 14.56 36.11 -58.87
N LYS H 115 13.51 36.78 -58.40
CA LYS H 115 13.69 37.76 -57.34
C LYS H 115 14.28 37.14 -56.08
N GLU H 116 14.00 35.86 -55.81
CA GLU H 116 14.60 35.22 -54.63
C GLU H 116 16.11 35.10 -54.81
N ASP H 117 16.55 34.61 -55.97
CA ASP H 117 17.99 34.42 -56.18
C ASP H 117 18.72 35.75 -56.22
N LEU H 118 18.08 36.80 -56.69
CA LEU H 118 18.72 38.11 -56.74
C LEU H 118 18.95 38.65 -55.35
N ASP H 119 17.96 38.52 -54.47
CA ASP H 119 18.16 38.94 -53.08
C ASP H 119 19.33 38.19 -52.45
N VAL H 120 19.51 36.92 -52.81
CA VAL H 120 20.65 36.17 -52.29
C VAL H 120 21.95 36.74 -52.85
N ALA H 121 21.97 37.07 -54.14
CA ALA H 121 23.18 37.60 -54.75
C ALA H 121 23.60 38.90 -54.07
N SER H 122 22.65 39.82 -53.87
CA SER H 122 22.96 41.11 -53.29
C SER H 122 23.38 41.03 -51.83
N ARG H 123 23.01 39.96 -51.13
CA ARG H 123 23.43 39.76 -49.74
C ARG H 123 24.78 39.06 -49.62
N PHE H 124 25.10 38.13 -50.53
CA PHE H 124 26.39 37.46 -50.49
C PHE H 124 27.50 38.31 -51.10
N LEU H 125 27.19 39.15 -52.09
CA LEU H 125 28.18 40.06 -52.65
C LEU H 125 28.07 41.47 -52.09
N GLU H 126 27.11 41.71 -51.20
CA GLU H 126 27.07 42.91 -50.37
C GLU H 126 26.97 44.18 -51.21
N MET H 127 26.18 44.12 -52.28
CA MET H 127 25.84 45.32 -53.04
C MET H 127 24.67 44.98 -53.94
N GLU H 128 23.93 46.00 -54.33
CA GLU H 128 22.80 45.62 -55.17
C GLU H 128 23.18 45.76 -56.65
N PRO H 129 22.63 44.91 -57.52
CA PRO H 129 23.14 44.84 -58.89
C PRO H 129 22.84 46.10 -59.68
N VAL H 130 23.65 46.35 -60.69
CA VAL H 130 23.39 47.41 -61.63
C VAL H 130 22.81 46.80 -62.90
N THR H 131 21.74 47.41 -63.40
CA THR H 131 21.10 46.99 -64.63
C THR H 131 21.71 47.72 -65.83
N ILE H 132 22.14 46.96 -66.84
CA ILE H 132 22.75 47.53 -68.04
C ILE H 132 21.86 47.18 -69.23
N PRO H 133 21.34 48.16 -69.96
CA PRO H 133 20.39 47.87 -71.05
C PRO H 133 21.01 47.88 -72.45
N ASP H 134 20.27 47.30 -73.39
CA ASP H 134 20.67 47.05 -74.77
C ASP H 134 20.10 48.06 -75.73
N VAL H 135 19.89 49.29 -75.27
CA VAL H 135 19.16 50.24 -76.08
C VAL H 135 20.02 50.76 -77.24
N LEU H 140 16.77 47.80 -75.70
CA LEU H 140 15.83 47.55 -76.79
C LEU H 140 15.75 46.05 -77.08
N GLN H 141 16.74 45.31 -76.59
CA GLN H 141 16.84 43.89 -76.93
C GLN H 141 17.23 43.03 -75.74
N ASN H 142 18.17 43.50 -74.91
CA ASN H 142 18.69 42.70 -73.82
C ASN H 142 19.09 43.59 -72.65
N ALA H 143 19.46 42.94 -71.55
CA ALA H 143 19.97 43.62 -70.38
C ALA H 143 20.65 42.58 -69.51
N VAL H 144 21.47 43.07 -68.57
CA VAL H 144 22.21 42.20 -67.65
C VAL H 144 22.36 42.90 -66.32
N ARG H 145 22.60 42.10 -65.29
CA ARG H 145 22.84 42.58 -63.94
C ARG H 145 24.25 42.30 -63.53
N VAL H 146 24.89 43.29 -62.91
CA VAL H 146 26.31 43.25 -62.61
C VAL H 146 26.50 43.59 -61.15
N TRP H 147 27.20 42.73 -60.42
CA TRP H 147 27.74 43.08 -59.13
C TRP H 147 29.23 43.18 -59.31
N SER H 148 29.84 44.26 -58.82
CA SER H 148 31.27 44.44 -58.97
C SER H 148 31.76 45.51 -58.00
N ASN H 149 33.03 45.38 -57.62
CA ASN H 149 33.74 46.42 -56.90
C ASN H 149 34.40 47.45 -57.82
N ILE H 150 34.04 47.47 -59.10
CA ILE H 150 34.61 48.41 -60.05
C ILE H 150 33.95 49.77 -59.88
N PRO H 151 34.71 50.81 -59.49
CA PRO H 151 34.07 52.08 -59.09
C PRO H 151 33.28 52.73 -60.21
N ALA H 152 33.73 52.62 -61.46
CA ALA H 152 33.09 53.37 -62.55
C ALA H 152 31.78 52.76 -63.01
N ILE H 153 31.52 51.49 -62.70
CA ILE H 153 30.22 50.89 -63.05
C ILE H 153 29.13 51.34 -62.08
N ARG H 154 29.47 51.53 -60.80
CA ARG H 154 28.51 52.02 -59.81
C ARG H 154 28.43 53.54 -59.78
N SER H 155 29.34 54.24 -60.47
CA SER H 155 29.38 55.71 -60.42
C SER H 155 28.47 56.36 -61.45
N ARG H 156 28.57 55.93 -62.71
CA ARG H 156 27.87 56.55 -63.81
C ARG H 156 26.45 55.98 -63.96
N HIS H 157 25.58 56.76 -64.63
CA HIS H 157 24.17 56.43 -64.78
C HIS H 157 23.95 55.71 -66.11
N TRP H 158 23.95 54.38 -66.07
CA TRP H 158 23.50 53.58 -67.19
C TRP H 158 21.98 53.49 -67.15
N ALA H 159 21.35 53.70 -68.31
CA ALA H 159 19.93 54.00 -68.45
C ALA H 159 19.05 53.28 -67.44
N LEU H 160 18.35 54.05 -66.61
CA LEU H 160 17.50 53.47 -65.57
C LEU H 160 16.31 52.78 -66.21
N VAL H 161 16.07 51.53 -65.81
CA VAL H 161 15.02 50.69 -66.38
C VAL H 161 14.33 49.95 -65.25
N SER H 162 12.99 49.98 -65.25
CA SER H 162 12.24 49.33 -64.19
C SER H 162 12.26 47.81 -64.35
N GLU H 163 12.08 47.12 -63.21
CA GLU H 163 12.10 45.66 -63.19
C GLU H 163 11.01 45.07 -64.07
N GLU H 164 9.89 45.78 -64.23
CA GLU H 164 8.82 45.29 -65.09
C GLU H 164 9.25 45.20 -66.55
N GLU H 165 10.17 46.08 -66.96
CA GLU H 165 10.74 45.93 -68.31
C GLU H 165 11.53 44.63 -68.42
N LEU H 166 12.43 44.39 -67.47
CA LEU H 166 13.24 43.18 -67.49
C LEU H 166 12.37 41.94 -67.28
N SER H 167 11.38 42.04 -66.40
CA SER H 167 10.33 41.02 -66.30
C SER H 167 9.89 40.53 -67.67
N LEU H 168 9.42 41.46 -68.52
CA LEU H 168 8.85 41.05 -69.81
C LEU H 168 9.92 40.52 -70.74
N LEU H 169 11.09 41.18 -70.77
CA LEU H 169 12.20 40.67 -71.57
C LEU H 169 12.58 39.26 -71.14
N ALA H 170 12.67 39.02 -69.83
CA ALA H 170 13.01 37.69 -69.35
C ALA H 170 12.03 36.64 -69.86
N GLN H 171 10.72 36.95 -69.80
CA GLN H 171 9.73 36.03 -70.34
C GLN H 171 9.96 35.80 -71.83
N ASN H 172 10.30 36.88 -72.57
CA ASN H 172 10.58 36.76 -73.99
C ASN H 172 11.93 36.11 -74.24
N LYS H 173 12.84 36.13 -73.26
CA LYS H 173 14.09 35.40 -73.44
C LYS H 173 13.88 33.91 -73.22
N GLN H 174 13.08 33.57 -72.20
CA GLN H 174 12.65 32.18 -72.06
C GLN H 174 11.81 31.75 -73.25
N SER H 175 11.10 32.67 -73.87
CA SER H 175 10.29 32.33 -75.06
C SER H 175 11.10 31.61 -76.13
N SER H 176 12.21 32.19 -76.55
CA SER H 176 13.00 31.72 -77.67
C SER H 176 14.40 31.52 -77.16
N LYS H 177 14.58 30.56 -76.26
CA LYS H 177 15.86 30.33 -75.61
C LYS H 177 16.92 29.96 -76.64
N ALA H 180 20.11 35.16 -78.50
CA ALA H 180 21.32 35.84 -78.04
C ALA H 180 21.95 35.03 -76.91
N LYS H 181 23.11 34.39 -77.15
CA LYS H 181 23.67 33.62 -76.05
C LYS H 181 24.55 34.47 -75.16
N TRP H 182 25.11 35.59 -75.65
CA TRP H 182 25.60 36.52 -74.65
C TRP H 182 25.43 37.96 -75.13
N PRO H 183 25.05 38.88 -74.25
CA PRO H 183 25.18 40.30 -74.58
C PRO H 183 26.63 40.74 -74.44
N THR H 184 27.48 40.12 -75.26
CA THR H 184 28.91 40.41 -75.20
C THR H 184 29.19 41.89 -75.38
N LYS H 185 28.30 42.60 -76.07
CA LYS H 185 28.45 44.05 -76.16
C LYS H 185 28.36 44.68 -74.79
N LEU H 186 27.42 44.21 -73.96
CA LEU H 186 27.20 44.82 -72.64
C LEU H 186 28.31 44.47 -71.67
N VAL H 187 28.76 43.21 -71.68
CA VAL H 187 29.85 42.82 -70.80
C VAL H 187 31.12 43.56 -71.17
N LYS H 188 31.30 43.92 -72.45
CA LYS H 188 32.54 44.57 -72.88
C LYS H 188 32.69 45.96 -72.30
N ASN H 189 31.59 46.70 -72.11
CA ASN H 189 31.69 48.02 -71.51
C ASN H 189 32.21 47.93 -70.09
N CYS H 190 31.62 47.04 -69.28
CA CYS H 190 32.11 46.79 -67.92
C CYS H 190 33.62 46.64 -67.88
N PHE H 191 34.18 45.92 -68.86
CA PHE H 191 35.60 45.63 -68.85
C PHE H 191 36.43 46.83 -69.23
N LEU H 192 35.83 47.78 -69.99
CA LEU H 192 36.52 48.99 -70.41
C LEU H 192 37.22 49.72 -69.27
N PRO H 193 36.50 50.18 -68.22
CA PRO H 193 37.16 50.89 -67.11
C PRO H 193 38.36 50.19 -66.51
N LEU H 194 38.48 48.88 -66.71
CA LEU H 194 39.69 48.18 -66.30
C LEU H 194 40.87 48.56 -67.19
N ARG H 195 40.61 49.09 -68.39
CA ARG H 195 41.68 49.64 -69.21
C ARG H 195 42.54 50.63 -68.43
N GLU H 196 41.90 51.47 -67.61
CA GLU H 196 42.62 52.57 -67.01
C GLU H 196 43.39 52.10 -65.79
N TYR H 197 42.97 51.00 -65.19
CA TYR H 197 43.64 50.50 -64.01
C TYR H 197 44.81 49.57 -64.36
N PHE H 198 44.75 48.92 -65.53
CA PHE H 198 45.70 47.84 -65.78
C PHE H 198 46.64 48.13 -66.95
N LYS H 199 46.62 47.33 -68.01
CA LYS H 199 47.62 47.54 -69.05
C LYS H 199 46.95 47.69 -70.41
N TYR H 200 47.74 47.77 -71.48
CA TYR H 200 47.12 47.88 -72.80
C TYR H 200 48.04 47.32 -73.90
N PHE H 201 47.48 46.43 -74.73
CA PHE H 201 48.10 45.91 -75.94
C PHE H 201 47.07 46.02 -77.07
N SER H 202 47.51 45.99 -78.34
CA SER H 202 46.51 45.97 -79.40
C SER H 202 47.13 45.70 -80.77
N THR H 203 46.25 45.49 -81.75
CA THR H 203 46.53 45.51 -83.21
C THR H 203 47.64 46.45 -83.64
N ALA I 1 4.25 6.86 27.87
CA ALA I 1 3.26 7.49 27.02
C ALA I 1 2.99 6.63 25.78
N GLU I 2 2.14 7.13 24.90
CA GLU I 2 1.72 6.41 23.71
C GLU I 2 2.26 7.11 22.47
N LYS I 3 3.01 6.37 21.65
CA LYS I 3 3.59 6.95 20.44
C LYS I 3 2.57 6.96 19.32
N ARG I 4 2.48 8.10 18.62
CA ARG I 4 1.51 8.26 17.55
C ARG I 4 1.85 7.36 16.37
N LYS I 5 0.83 7.08 15.55
CA LYS I 5 0.96 6.16 14.44
C LYS I 5 0.78 6.87 13.10
N PRO I 6 1.37 6.34 12.03
CA PRO I 6 1.09 6.89 10.71
C PRO I 6 -0.38 6.76 10.34
N ILE I 7 -0.83 7.73 9.54
CA ILE I 7 -2.23 7.90 9.19
C ILE I 7 -2.61 6.92 8.08
N ARG I 8 -3.87 6.46 8.14
CA ARG I 8 -4.47 5.59 7.15
C ARG I 8 -5.63 6.33 6.51
N VAL I 9 -5.59 6.49 5.19
CA VAL I 9 -6.47 7.41 4.49
C VAL I 9 -7.32 6.68 3.47
N LEU I 10 -8.60 7.00 3.45
CA LEU I 10 -9.51 6.65 2.37
C LEU I 10 -9.87 7.96 1.68
N SER I 11 -9.45 8.11 0.44
CA SER I 11 -9.72 9.34 -0.30
C SER I 11 -10.63 9.01 -1.48
N LEU I 12 -11.85 9.54 -1.47
CA LEU I 12 -12.83 9.31 -2.53
C LEU I 12 -12.74 10.44 -3.54
N PHE I 13 -12.87 10.09 -4.81
CA PHE I 13 -12.78 11.07 -5.90
C PHE I 13 -11.43 11.80 -5.78
N ASP I 14 -10.37 11.01 -5.87
CA ASP I 14 -9.08 11.48 -5.42
C ASP I 14 -8.48 12.48 -6.40
N GLY I 15 -8.81 12.36 -7.69
CA GLY I 15 -8.36 13.31 -8.68
C GLY I 15 -6.88 13.13 -8.94
N ILE I 16 -6.09 14.18 -8.73
CA ILE I 16 -4.65 14.08 -8.96
C ILE I 16 -3.91 13.96 -7.63
N ALA I 17 -4.58 13.43 -6.61
CA ALA I 17 -3.95 12.99 -5.36
C ALA I 17 -3.41 14.18 -4.56
N THR I 18 -4.16 15.27 -4.55
CA THR I 18 -3.81 16.41 -3.72
C THR I 18 -3.69 16.04 -2.26
N GLY I 19 -4.55 15.14 -1.78
CA GLY I 19 -4.55 14.79 -0.38
C GLY I 19 -3.27 14.16 0.08
N LEU I 20 -2.78 13.17 -0.67
CA LEU I 20 -1.49 12.57 -0.33
C LEU I 20 -0.36 13.58 -0.49
N LEU I 21 -0.47 14.49 -1.47
CA LEU I 21 0.57 15.49 -1.68
C LEU I 21 0.70 16.40 -0.48
N VAL I 22 -0.43 16.89 0.03
CA VAL I 22 -0.36 17.83 1.15
C VAL I 22 0.07 17.12 2.43
N LEU I 23 -0.37 15.87 2.63
CA LEU I 23 0.05 15.11 3.81
C LEU I 23 1.55 14.95 3.83
N LYS I 24 2.14 14.58 2.69
CA LYS I 24 3.59 14.44 2.60
C LYS I 24 4.30 15.78 2.80
N ASP I 25 3.75 16.88 2.28
CA ASP I 25 4.41 18.17 2.49
C ASP I 25 4.36 18.57 3.95
N LEU I 26 3.38 18.06 4.69
CA LEU I 26 3.30 18.38 6.09
C LEU I 26 4.18 17.50 6.95
N GLY I 27 4.81 16.47 6.36
CA GLY I 27 5.61 15.52 7.10
C GLY I 27 4.85 14.38 7.73
N ILE I 28 3.54 14.29 7.52
CA ILE I 28 2.72 13.26 8.15
C ILE I 28 3.02 11.91 7.50
N GLN I 29 3.45 10.94 8.31
CA GLN I 29 3.69 9.59 7.80
C GLN I 29 2.38 8.89 7.43
N VAL I 30 2.37 8.23 6.29
CA VAL I 30 1.15 7.68 5.68
C VAL I 30 1.33 6.17 5.55
N ASP I 31 0.55 5.40 6.30
CA ASP I 31 0.67 3.95 6.24
CA ASP I 31 0.65 3.94 6.25
C ASP I 31 0.04 3.40 4.96
N ARG I 32 -1.18 3.81 4.67
CA ARG I 32 -1.83 3.44 3.42
C ARG I 32 -2.75 4.56 2.97
N TYR I 33 -2.84 4.71 1.65
CA TYR I 33 -3.61 5.78 1.03
C TYR I 33 -4.43 5.12 -0.07
N ILE I 34 -5.68 4.82 0.25
CA ILE I 34 -6.57 4.12 -0.67
C ILE I 34 -7.40 5.15 -1.39
N ALA I 35 -7.39 5.09 -2.72
CA ALA I 35 -8.01 6.12 -3.55
C ALA I 35 -9.03 5.51 -4.49
N SER I 36 -10.24 6.07 -4.48
CA SER I 36 -11.26 5.77 -5.47
C SER I 36 -11.28 6.86 -6.53
N GLU I 37 -10.97 6.48 -7.76
CA GLU I 37 -10.98 7.38 -8.92
C GLU I 37 -11.24 6.55 -10.17
N VAL I 38 -11.80 7.19 -11.21
CA VAL I 38 -12.20 6.53 -12.46
C VAL I 38 -11.40 7.06 -13.66
N CYS I 39 -10.98 8.32 -13.60
CA CYS I 39 -10.33 8.99 -14.72
C CYS I 39 -8.90 8.50 -14.87
N GLU I 40 -8.57 7.94 -16.05
CA GLU I 40 -7.24 7.37 -16.29
C GLU I 40 -6.14 8.41 -16.19
N ASP I 41 -6.37 9.60 -16.74
CA ASP I 41 -5.37 10.67 -16.60
C ASP I 41 -5.11 10.93 -15.13
N SER I 42 -6.18 11.13 -14.35
CA SER I 42 -6.06 11.38 -12.93
C SER I 42 -5.23 10.29 -12.26
N ILE I 43 -5.52 9.03 -12.58
CA ILE I 43 -4.82 7.92 -11.94
C ILE I 43 -3.36 7.89 -12.37
N THR I 44 -3.07 8.27 -13.62
CA THR I 44 -1.69 8.22 -14.08
C THR I 44 -0.82 9.23 -13.35
N VAL I 45 -1.36 10.44 -13.15
CA VAL I 45 -0.68 11.45 -12.35
C VAL I 45 -0.33 10.91 -10.97
N GLY I 46 -1.36 10.44 -10.25
CA GLY I 46 -1.14 9.92 -8.90
C GLY I 46 -0.17 8.76 -8.90
N MET I 47 -0.32 7.83 -9.83
CA MET I 47 0.61 6.71 -9.90
C MET I 47 2.03 7.18 -10.08
N VAL I 48 2.26 8.08 -11.06
CA VAL I 48 3.62 8.52 -11.36
C VAL I 48 4.17 9.40 -10.24
N ARG I 49 3.39 10.41 -9.83
CA ARG I 49 3.91 11.40 -8.88
C ARG I 49 4.07 10.85 -7.47
N HIS I 50 3.50 9.67 -7.16
CA HIS I 50 3.64 9.08 -5.83
C HIS I 50 4.13 7.64 -5.91
N GLN I 51 4.85 7.30 -6.97
CA GLN I 51 5.70 6.10 -7.01
C GLN I 51 4.94 4.84 -6.63
N GLY I 52 3.65 4.79 -6.97
CA GLY I 52 2.88 3.59 -6.73
C GLY I 52 2.45 3.42 -5.30
N LYS I 53 2.49 4.51 -4.52
CA LYS I 53 2.09 4.44 -3.12
C LYS I 53 0.59 4.36 -2.99
N ILE I 54 -0.13 5.01 -3.91
CA ILE I 54 -1.58 5.05 -3.85
C ILE I 54 -2.16 3.68 -4.19
N MET I 55 -3.11 3.25 -3.38
CA MET I 55 -3.87 2.02 -3.58
C MET I 55 -5.16 2.37 -4.30
N TYR I 56 -5.25 2.05 -5.60
CA TYR I 56 -6.42 2.39 -6.41
C TYR I 56 -7.46 1.28 -6.34
N VAL I 57 -8.71 1.65 -6.09
CA VAL I 57 -9.78 0.68 -5.94
C VAL I 57 -10.91 0.87 -6.93
N GLY I 58 -10.91 1.94 -7.71
CA GLY I 58 -11.84 2.05 -8.81
C GLY I 58 -13.05 2.90 -8.53
N ASP I 59 -14.18 2.55 -9.15
CA ASP I 59 -15.41 3.31 -8.99
C ASP I 59 -15.87 3.29 -7.54
N VAL I 60 -16.22 4.47 -7.02
CA VAL I 60 -16.68 4.60 -5.65
C VAL I 60 -17.90 3.73 -5.39
N ARG I 61 -18.67 3.39 -6.42
CA ARG I 61 -19.87 2.61 -6.22
C ARG I 61 -19.58 1.11 -6.16
N SER I 62 -18.35 0.70 -6.44
CA SER I 62 -17.93 -0.67 -6.24
C SER I 62 -17.39 -0.93 -4.82
N VAL I 63 -17.37 0.08 -3.94
CA VAL I 63 -16.75 -0.05 -2.62
C VAL I 63 -17.82 -0.36 -1.58
N THR I 64 -17.72 -1.53 -0.97
CA THR I 64 -18.76 -2.04 -0.10
C THR I 64 -18.39 -1.81 1.36
N GLN I 65 -19.38 -2.01 2.22
CA GLN I 65 -19.12 -2.08 3.65
C GLN I 65 -18.05 -3.12 3.96
N LYS I 66 -18.14 -4.29 3.31
CA LYS I 66 -17.14 -5.33 3.52
C LYS I 66 -15.73 -4.83 3.18
N HIS I 67 -15.60 -4.07 2.10
CA HIS I 67 -14.28 -3.55 1.71
C HIS I 67 -13.71 -2.62 2.77
N ILE I 68 -14.54 -1.67 3.24
CA ILE I 68 -14.12 -0.80 4.34
C ILE I 68 -13.61 -1.63 5.52
N GLN I 69 -14.29 -2.73 5.83
CA GLN I 69 -13.88 -3.55 6.96
C GLN I 69 -12.53 -4.23 6.71
N GLU I 70 -12.34 -4.78 5.50
CA GLU I 70 -11.09 -5.47 5.20
C GLU I 70 -9.93 -4.49 5.09
N TRP I 71 -10.15 -3.39 4.37
CA TRP I 71 -9.09 -2.43 4.11
C TRP I 71 -8.83 -1.49 5.28
N GLY I 72 -9.81 -1.33 6.16
CA GLY I 72 -9.67 -0.42 7.26
C GLY I 72 -8.84 -1.00 8.38
N PRO I 73 -8.80 -0.33 9.53
CA PRO I 73 -9.56 0.91 9.74
C PRO I 73 -8.88 2.12 9.14
N PHE I 74 -9.65 3.19 9.01
CA PHE I 74 -9.15 4.43 8.46
C PHE I 74 -9.15 5.50 9.54
N ASP I 75 -8.15 6.37 9.47
CA ASP I 75 -8.09 7.52 10.35
C ASP I 75 -8.59 8.79 9.69
N LEU I 76 -8.62 8.82 8.34
CA LEU I 76 -8.98 10.03 7.61
C LEU I 76 -9.74 9.65 6.35
N VAL I 77 -10.91 10.27 6.17
CA VAL I 77 -11.72 10.06 4.98
C VAL I 77 -11.94 11.43 4.33
N ILE I 78 -11.47 11.58 3.10
CA ILE I 78 -11.57 12.87 2.41
C ILE I 78 -12.11 12.65 1.01
N GLY I 79 -12.68 13.71 0.46
CA GLY I 79 -13.12 13.70 -0.92
C GLY I 79 -13.89 14.95 -1.29
N GLY I 80 -14.03 15.16 -2.58
CA GLY I 80 -14.92 16.16 -3.11
C GLY I 80 -15.57 15.62 -4.37
N SER I 81 -16.88 15.37 -4.30
CA SER I 81 -17.60 14.75 -5.39
C SER I 81 -17.75 15.70 -6.57
N PRO I 82 -17.91 15.16 -7.78
CA PRO I 82 -18.13 16.00 -8.97
C PRO I 82 -19.21 17.05 -8.75
N CYS I 83 -19.02 18.19 -9.40
CA CYS I 83 -19.91 19.33 -9.19
C CYS I 83 -20.51 19.79 -10.50
N ASN I 84 -20.29 19.06 -11.61
CA ASN I 84 -20.80 19.54 -12.88
C ASN I 84 -22.32 19.57 -12.89
N ASP I 85 -22.97 18.73 -12.09
CA ASP I 85 -24.42 18.78 -11.93
C ASP I 85 -24.84 19.51 -10.67
N LEU I 86 -23.92 20.23 -10.03
CA LEU I 86 -24.20 21.02 -8.84
C LEU I 86 -23.97 22.52 -9.02
N SER I 87 -22.94 22.92 -9.77
CA SER I 87 -22.55 24.32 -9.87
C SER I 87 -23.48 25.07 -10.84
N ILE I 88 -23.92 26.26 -10.42
CA ILE I 88 -24.85 27.10 -11.19
C ILE I 88 -24.19 27.61 -12.46
N VAL I 89 -22.89 27.34 -12.64
CA VAL I 89 -22.25 27.69 -13.90
C VAL I 89 -22.74 26.81 -15.03
N ASN I 90 -23.33 25.66 -14.72
CA ASN I 90 -23.88 24.78 -15.75
C ASN I 90 -25.39 24.98 -15.80
N PRO I 91 -25.92 25.60 -16.86
CA PRO I 91 -27.38 25.76 -16.95
C PRO I 91 -28.13 24.45 -17.15
N ALA I 92 -27.44 23.36 -17.42
CA ALA I 92 -28.05 22.05 -17.58
C ALA I 92 -27.79 21.13 -16.38
N ARG I 93 -27.37 21.70 -15.24
CA ARG I 93 -27.09 20.88 -14.06
C ARG I 93 -28.30 20.05 -13.66
N LYS I 94 -28.09 18.74 -13.49
CA LYS I 94 -29.17 17.82 -13.14
C LYS I 94 -29.42 17.74 -11.63
N GLY I 95 -28.62 18.41 -10.81
CA GLY I 95 -28.91 18.54 -9.40
C GLY I 95 -28.29 17.45 -8.52
N LEU I 96 -28.60 17.55 -7.22
CA LEU I 96 -27.98 16.63 -6.25
C LEU I 96 -28.48 15.20 -6.40
N TYR I 97 -29.71 15.01 -6.86
CA TYR I 97 -30.30 13.68 -6.86
C TYR I 97 -30.19 12.96 -8.20
N GLU I 98 -29.56 13.58 -9.20
CA GLU I 98 -29.42 12.96 -10.51
C GLU I 98 -28.04 13.29 -11.07
N GLY I 99 -27.79 12.84 -12.30
CA GLY I 99 -26.50 13.01 -12.96
C GLY I 99 -25.36 12.53 -12.09
N THR I 100 -24.23 13.26 -12.14
CA THR I 100 -23.13 12.96 -11.23
C THR I 100 -23.38 13.53 -9.84
N GLY I 101 -24.40 14.38 -9.68
CA GLY I 101 -24.66 14.97 -8.37
C GLY I 101 -24.89 13.91 -7.29
N ARG I 102 -25.61 12.84 -7.62
CA ARG I 102 -25.89 11.79 -6.64
C ARG I 102 -24.64 11.04 -6.19
N LEU I 103 -23.48 11.25 -6.81
CA LEU I 103 -22.27 10.62 -6.29
C LEU I 103 -21.87 11.19 -4.93
N PHE I 104 -22.45 12.33 -4.53
CA PHE I 104 -22.27 12.83 -3.18
C PHE I 104 -22.71 11.79 -2.15
N PHE I 105 -23.88 11.18 -2.36
CA PHE I 105 -24.37 10.23 -1.37
C PHE I 105 -23.46 9.02 -1.21
N GLU I 106 -22.59 8.76 -2.19
CA GLU I 106 -21.62 7.68 -2.03
C GLU I 106 -20.57 8.06 -1.00
N PHE I 107 -20.21 9.35 -0.95
CA PHE I 107 -19.35 9.81 0.13
C PHE I 107 -20.03 9.65 1.48
N TYR I 108 -21.30 10.07 1.56
CA TYR I 108 -22.06 9.93 2.79
C TYR I 108 -22.14 8.48 3.22
N ARG I 109 -22.22 7.55 2.26
CA ARG I 109 -22.40 6.14 2.59
C ARG I 109 -21.11 5.51 3.09
N LEU I 110 -20.01 5.74 2.38
CA LEU I 110 -18.73 5.18 2.81
C LEU I 110 -18.21 5.87 4.06
N LEU I 111 -18.56 7.14 4.27
CA LEU I 111 -18.20 7.81 5.52
C LEU I 111 -18.85 7.11 6.70
N HIS I 112 -20.14 6.81 6.60
CA HIS I 112 -20.82 6.07 7.65
C HIS I 112 -20.17 4.72 7.87
N ASP I 113 -19.82 4.02 6.78
CA ASP I 113 -19.25 2.68 6.91
C ASP I 113 -17.93 2.70 7.65
N ALA I 114 -17.13 3.75 7.44
CA ALA I 114 -15.79 3.88 8.00
C ALA I 114 -15.77 4.50 9.38
N ARG I 115 -16.85 5.15 9.82
CA ARG I 115 -16.88 5.78 11.13
C ARG I 115 -16.68 4.74 12.23
N PRO I 116 -15.96 5.08 13.29
CA PRO I 116 -15.90 4.21 14.45
C PRO I 116 -17.25 4.10 15.13
N LYS I 117 -17.50 2.91 15.69
CA LYS I 117 -18.72 2.65 16.43
C LYS I 117 -18.76 3.50 17.69
N GLU I 118 -19.97 3.84 18.14
CA GLU I 118 -20.11 4.57 19.40
C GLU I 118 -19.49 3.77 20.54
N GLY I 119 -18.64 4.45 21.32
CA GLY I 119 -17.81 3.83 22.32
C GLY I 119 -16.34 3.76 21.93
N ASP I 120 -16.06 3.74 20.62
CA ASP I 120 -14.69 3.76 20.13
C ASP I 120 -14.24 5.21 20.01
N ASP I 121 -13.27 5.61 20.84
CA ASP I 121 -12.80 6.98 20.91
C ASP I 121 -11.51 7.19 20.13
N ARG I 122 -11.19 6.27 19.22
CA ARG I 122 -9.98 6.41 18.43
C ARG I 122 -10.07 7.67 17.57
N PRO I 123 -8.95 8.32 17.30
CA PRO I 123 -8.98 9.54 16.47
C PRO I 123 -9.47 9.23 15.06
N PHE I 124 -10.46 10.00 14.61
CA PHE I 124 -11.06 9.80 13.29
C PHE I 124 -11.48 11.15 12.72
N PHE I 125 -11.02 11.42 11.50
CA PHE I 125 -11.20 12.73 10.89
C PHE I 125 -11.72 12.57 9.47
N TRP I 126 -12.53 13.54 9.04
CA TRP I 126 -13.08 13.50 7.70
C TRP I 126 -13.25 14.90 7.14
N LEU I 127 -13.19 15.00 5.82
CA LEU I 127 -13.33 16.29 5.15
C LEU I 127 -14.07 16.11 3.83
N PHE I 128 -15.09 16.94 3.59
CA PHE I 128 -15.79 16.94 2.32
C PHE I 128 -15.85 18.35 1.75
N GLU I 129 -15.48 18.48 0.47
CA GLU I 129 -15.39 19.76 -0.21
C GLU I 129 -16.35 19.82 -1.39
N ASN I 130 -16.95 20.98 -1.62
CA ASN I 130 -17.64 21.24 -2.88
C ASN I 130 -17.80 22.75 -3.08
N VAL I 131 -18.35 23.12 -4.23
CA VAL I 131 -18.36 24.52 -4.67
C VAL I 131 -19.34 25.32 -3.85
N VAL I 132 -19.06 26.62 -3.72
CA VAL I 132 -20.00 27.52 -3.05
C VAL I 132 -21.19 27.82 -3.96
N ALA I 133 -20.92 28.01 -5.25
CA ALA I 133 -21.95 28.39 -6.22
C ALA I 133 -22.84 27.22 -6.63
N MET I 134 -23.54 26.65 -5.65
CA MET I 134 -24.56 25.64 -5.87
C MET I 134 -25.91 26.16 -5.38
N GLY I 135 -26.94 25.34 -5.54
CA GLY I 135 -28.27 25.78 -5.19
C GLY I 135 -28.51 25.80 -3.69
N VAL I 136 -29.46 26.65 -3.29
CA VAL I 136 -29.83 26.74 -1.88
C VAL I 136 -30.22 25.37 -1.35
N SER I 137 -31.13 24.67 -2.06
CA SER I 137 -31.62 23.38 -1.57
C SER I 137 -30.52 22.33 -1.54
N ASP I 138 -29.72 22.25 -2.60
CA ASP I 138 -28.68 21.22 -2.65
C ASP I 138 -27.65 21.40 -1.55
N LYS I 139 -27.31 22.65 -1.22
CA LYS I 139 -26.40 22.88 -0.10
C LYS I 139 -27.03 22.44 1.21
N ARG I 140 -28.32 22.72 1.37
CA ARG I 140 -29.03 22.33 2.57
C ARG I 140 -29.03 20.81 2.74
N ASP I 141 -29.22 20.07 1.65
CA ASP I 141 -29.34 18.63 1.78
C ASP I 141 -27.98 18.01 2.10
N ILE I 142 -26.90 18.54 1.52
CA ILE I 142 -25.56 18.06 1.85
C ILE I 142 -25.30 18.21 3.34
N SER I 143 -25.69 19.35 3.92
CA SER I 143 -25.53 19.55 5.35
C SER I 143 -26.44 18.64 6.16
N ARG I 144 -27.60 18.29 5.62
CA ARG I 144 -28.50 17.39 6.32
C ARG I 144 -27.93 15.98 6.36
N PHE I 145 -27.32 15.52 5.26
CA PHE I 145 -26.81 14.15 5.22
C PHE I 145 -25.48 14.04 5.96
N LEU I 146 -24.69 15.11 5.98
CA LEU I 146 -23.46 15.09 6.75
C LEU I 146 -23.66 15.61 8.17
N GLU I 147 -24.84 16.15 8.47
CA GLU I 147 -25.21 16.57 9.81
C GLU I 147 -24.30 17.68 10.33
N SER I 148 -23.76 18.49 9.42
CA SER I 148 -22.95 19.62 9.83
C SER I 148 -23.02 20.70 8.78
N ASN I 149 -22.83 21.93 9.20
CA ASN I 149 -22.71 23.05 8.30
C ASN I 149 -21.27 23.19 7.81
N PRO I 150 -21.08 23.73 6.61
CA PRO I 150 -19.73 23.84 6.05
C PRO I 150 -19.06 25.13 6.49
N VAL I 151 -17.76 25.20 6.21
CA VAL I 151 -16.98 26.42 6.39
C VAL I 151 -16.60 26.93 5.01
N MET I 152 -16.78 28.23 4.78
CA MET I 152 -16.42 28.83 3.50
C MET I 152 -14.98 29.32 3.58
N ILE I 153 -14.12 28.74 2.75
CA ILE I 153 -12.72 29.12 2.66
C ILE I 153 -12.43 29.48 1.22
N ASP I 154 -12.11 30.75 0.96
CA ASP I 154 -11.72 31.22 -0.37
C ASP I 154 -10.21 31.17 -0.53
N ALA I 155 -9.76 30.59 -1.64
CA ALA I 155 -8.33 30.46 -1.89
C ALA I 155 -7.66 31.80 -2.19
N LYS I 156 -8.43 32.86 -2.42
CA LYS I 156 -7.85 34.15 -2.74
C LYS I 156 -6.94 34.66 -1.62
N GLU I 157 -7.20 34.24 -0.37
CA GLU I 157 -6.43 34.77 0.74
C GLU I 157 -5.05 34.14 0.85
N VAL I 158 -4.79 33.03 0.17
CA VAL I 158 -3.50 32.35 0.28
C VAL I 158 -2.95 31.96 -1.10
N SER I 159 -3.51 32.53 -2.16
CA SER I 159 -3.03 32.22 -3.50
C SER I 159 -3.47 33.34 -4.44
N ALA I 160 -3.23 33.14 -5.74
CA ALA I 160 -3.42 34.18 -6.74
C ALA I 160 -4.75 34.06 -7.47
N ALA I 161 -5.65 33.18 -7.02
CA ALA I 161 -6.91 32.97 -7.70
C ALA I 161 -8.05 32.99 -6.70
N HIS I 162 -9.21 33.44 -7.17
CA HIS I 162 -10.45 33.23 -6.44
C HIS I 162 -10.85 31.76 -6.54
N ARG I 163 -11.24 31.17 -5.42
CA ARG I 163 -11.83 29.82 -5.41
C ARG I 163 -12.58 29.65 -4.09
N ALA I 164 -13.79 30.21 -4.02
CA ALA I 164 -14.60 30.13 -2.83
C ALA I 164 -15.21 28.73 -2.75
N ARG I 165 -14.88 28.00 -1.68
CA ARG I 165 -15.22 26.59 -1.53
C ARG I 165 -15.84 26.33 -0.17
N TYR I 166 -16.77 25.38 -0.14
CA TYR I 166 -17.37 24.89 1.09
C TYR I 166 -16.59 23.68 1.56
N PHE I 167 -16.42 23.57 2.89
CA PHE I 167 -15.70 22.44 3.49
C PHE I 167 -16.50 21.92 4.66
N TRP I 168 -17.00 20.70 4.54
CA TRP I 168 -17.64 19.98 5.63
C TRP I 168 -16.62 19.04 6.24
N GLY I 169 -16.68 18.88 7.56
CA GLY I 169 -15.78 17.96 8.22
C GLY I 169 -15.64 18.24 9.70
N ASN I 170 -14.67 17.54 10.31
CA ASN I 170 -14.43 17.56 11.75
C ASN I 170 -12.96 17.77 12.07
N LEU I 171 -12.20 18.40 11.18
CA LEU I 171 -10.80 18.62 11.45
C LEU I 171 -10.62 19.73 12.48
N PRO I 172 -9.62 19.62 13.36
CA PRO I 172 -9.40 20.66 14.37
C PRO I 172 -9.14 22.01 13.72
N GLY I 173 -9.87 23.03 14.16
CA GLY I 173 -9.65 24.39 13.71
C GLY I 173 -9.98 24.67 12.25
N MET I 174 -11.08 24.11 11.75
CA MET I 174 -11.49 24.42 10.38
C MET I 174 -11.96 25.86 10.26
N ASN I 175 -12.39 26.47 11.36
CA ASN I 175 -12.86 27.85 11.37
C ASN I 175 -11.79 28.85 11.77
N ARG I 176 -10.56 28.41 12.02
CA ARG I 176 -9.56 29.36 12.46
C ARG I 176 -9.13 30.22 11.27
N PRO I 177 -8.72 31.47 11.53
CA PRO I 177 -8.33 32.36 10.43
C PRO I 177 -7.22 31.75 9.58
N LEU I 178 -7.21 32.13 8.31
CA LEU I 178 -6.17 31.74 7.37
C LEU I 178 -5.02 32.73 7.42
N ALA I 179 -3.80 32.22 7.23
CA ALA I 179 -2.61 33.08 7.22
C ALA I 179 -1.74 32.76 6.02
N SER I 180 -1.19 33.79 5.41
CA SER I 180 -0.25 33.60 4.31
C SER I 180 1.07 33.09 4.87
N THR I 181 1.54 31.95 4.37
CA THR I 181 2.88 31.54 4.72
C THR I 181 3.88 32.12 3.72
N VAL I 182 5.15 31.77 3.90
CA VAL I 182 6.20 32.31 3.05
C VAL I 182 6.21 31.65 1.69
N ASN I 183 5.65 30.44 1.55
CA ASN I 183 5.62 29.73 0.29
C ASN I 183 4.38 30.07 -0.54
N ASP I 184 3.48 30.89 -0.02
CA ASP I 184 2.30 31.28 -0.79
C ASP I 184 2.66 32.36 -1.79
N LYS I 185 2.17 32.19 -3.02
CA LYS I 185 2.29 33.22 -4.05
C LYS I 185 0.94 33.91 -4.15
N LEU I 186 0.85 35.10 -3.54
CA LEU I 186 -0.41 35.83 -3.45
C LEU I 186 -0.80 36.54 -4.75
N GLU I 187 0.16 36.99 -5.55
CA GLU I 187 -0.11 37.73 -6.76
C GLU I 187 0.17 36.89 -8.00
N LEU I 188 -0.60 37.15 -9.06
CA LEU I 188 -0.41 36.41 -10.31
C LEU I 188 1.02 36.54 -10.85
N GLN I 189 1.61 37.73 -10.73
CA GLN I 189 2.97 37.93 -11.24
C GLN I 189 3.95 36.88 -10.73
N GLU I 190 3.79 36.44 -9.48
CA GLU I 190 4.73 35.51 -8.87
C GLU I 190 4.58 34.07 -9.36
N CYS I 191 3.52 33.76 -10.12
CA CYS I 191 3.32 32.45 -10.74
C CYS I 191 3.71 32.39 -12.22
N LEU I 192 4.06 33.52 -12.84
CA LEU I 192 4.33 33.53 -14.27
C LEU I 192 5.77 33.14 -14.54
N GLU I 193 6.02 32.65 -15.76
CA GLU I 193 7.38 32.39 -16.18
C GLU I 193 8.11 33.70 -16.47
N HIS I 194 9.44 33.61 -16.54
CA HIS I 194 10.27 34.77 -16.89
C HIS I 194 9.79 35.44 -18.17
N GLY I 195 9.87 36.76 -18.19
CA GLY I 195 9.56 37.53 -19.38
C GLY I 195 8.10 37.88 -19.55
N ARG I 196 7.24 37.47 -18.63
CA ARG I 196 5.81 37.67 -18.80
C ARG I 196 5.30 38.56 -17.67
N ILE I 197 4.34 39.42 -18.01
CA ILE I 197 3.82 40.44 -17.10
C ILE I 197 2.35 40.15 -16.85
N ALA I 198 1.94 40.27 -15.59
CA ALA I 198 0.56 40.00 -15.20
C ALA I 198 -0.25 41.28 -15.33
N LYS I 199 -1.49 41.14 -15.77
CA LYS I 199 -2.40 42.26 -15.86
C LYS I 199 -3.30 42.38 -14.65
N PHE I 200 -3.35 41.36 -13.79
CA PHE I 200 -4.22 41.33 -12.64
C PHE I 200 -3.44 40.85 -11.43
N SER I 201 -3.82 41.36 -10.25
CA SER I 201 -3.30 40.79 -9.01
C SER I 201 -3.85 39.38 -8.79
N LYS I 202 -5.16 39.23 -8.81
CA LYS I 202 -5.84 37.94 -8.64
C LYS I 202 -6.65 37.63 -9.89
N VAL I 203 -6.62 36.37 -10.30
CA VAL I 203 -7.46 35.91 -11.39
C VAL I 203 -8.74 35.30 -10.80
N ARG I 204 -9.78 35.20 -11.63
CA ARG I 204 -11.03 34.66 -11.17
CA ARG I 204 -11.04 34.66 -11.18
C ARG I 204 -10.98 33.13 -11.19
N THR I 205 -12.11 32.51 -10.86
CA THR I 205 -12.13 31.07 -10.63
C THR I 205 -11.77 30.30 -11.90
N ILE I 206 -10.84 29.36 -11.75
CA ILE I 206 -10.33 28.57 -12.86
C ILE I 206 -11.12 27.27 -12.93
N THR I 207 -11.91 27.11 -13.99
CA THR I 207 -12.67 25.90 -14.24
C THR I 207 -11.91 25.01 -15.24
N THR I 208 -12.59 23.97 -15.73
CA THR I 208 -12.03 23.08 -16.74
C THR I 208 -12.04 23.68 -18.14
N ARG I 209 -12.69 24.82 -18.32
CA ARG I 209 -12.92 25.39 -19.64
C ARG I 209 -12.17 26.70 -19.81
N SER I 210 -11.73 26.97 -21.05
CA SER I 210 -10.73 28.02 -21.29
C SER I 210 -11.26 29.41 -21.00
N ASN I 211 -12.55 29.66 -21.24
CA ASN I 211 -13.14 30.97 -20.98
C ASN I 211 -12.93 31.45 -19.55
N SER I 212 -12.62 30.55 -18.60
CA SER I 212 -12.39 30.97 -17.22
C SER I 212 -10.99 31.56 -17.01
N ILE I 213 -10.07 31.29 -17.92
CA ILE I 213 -8.73 31.85 -17.85
C ILE I 213 -8.74 33.33 -18.26
N LYS I 214 -9.61 33.70 -19.18
CA LYS I 214 -9.75 35.11 -19.53
C LYS I 214 -10.63 35.80 -18.49
N GLN I 215 -10.35 37.07 -18.26
CA GLN I 215 -10.86 37.75 -17.09
C GLN I 215 -12.07 38.59 -17.44
N GLY I 216 -13.08 38.53 -16.58
CA GLY I 216 -14.32 39.23 -16.81
C GLY I 216 -15.14 38.60 -17.93
N LYS I 217 -16.34 39.12 -18.15
CA LYS I 217 -17.08 38.71 -19.33
C LYS I 217 -16.52 39.37 -20.57
N ASP I 218 -15.72 40.42 -20.40
CA ASP I 218 -14.98 41.02 -21.51
C ASP I 218 -13.91 40.08 -22.06
N GLN I 219 -13.60 39.00 -21.33
CA GLN I 219 -12.61 38.01 -21.76
C GLN I 219 -11.23 38.67 -21.97
N HIS I 220 -10.80 39.41 -20.95
CA HIS I 220 -9.47 40.03 -20.96
C HIS I 220 -8.39 38.97 -20.80
N PHE I 221 -7.38 39.03 -21.66
CA PHE I 221 -6.19 38.21 -21.45
C PHE I 221 -5.55 38.59 -20.12
N PRO I 222 -5.00 37.62 -19.38
CA PRO I 222 -4.35 37.94 -18.11
C PRO I 222 -2.87 38.27 -18.18
N VAL I 223 -2.18 38.09 -19.30
CA VAL I 223 -0.72 38.19 -19.33
C VAL I 223 -0.25 38.91 -20.59
N PHE I 224 0.85 39.68 -20.43
CA PHE I 224 1.60 40.28 -21.54
C PHE I 224 2.95 39.58 -21.68
N MET I 225 3.31 39.23 -22.91
CA MET I 225 4.63 38.69 -23.22
C MET I 225 5.18 39.41 -24.45
N ASN I 226 6.24 40.20 -24.23
N ASN I 226 6.24 40.20 -24.25
CA ASN I 226 6.83 41.06 -25.25
CA ASN I 226 6.81 41.00 -25.33
C ASN I 226 5.74 41.88 -25.94
C ASN I 226 5.73 41.90 -25.96
N GLU I 227 4.83 42.40 -25.12
CA GLU I 227 3.75 43.34 -25.48
C GLU I 227 2.60 42.69 -26.26
N LYS I 228 2.54 41.38 -26.35
CA LYS I 228 1.39 40.73 -26.96
C LYS I 228 0.63 39.94 -25.91
N GLU I 229 -0.70 40.05 -25.96
CA GLU I 229 -1.54 39.45 -24.93
C GLU I 229 -1.49 37.94 -25.00
N ASP I 230 -1.69 37.29 -23.85
CA ASP I 230 -1.59 35.84 -23.75
C ASP I 230 -2.40 35.36 -22.55
N ILE I 231 -2.66 34.05 -22.51
CA ILE I 231 -3.33 33.41 -21.40
C ILE I 231 -2.27 32.74 -20.53
N LEU I 232 -2.70 32.20 -19.38
CA LEU I 232 -1.78 31.47 -18.51
C LEU I 232 -1.35 30.14 -19.12
N TRP I 233 -0.07 29.83 -18.98
CA TRP I 233 0.37 28.50 -19.31
C TRP I 233 0.00 27.53 -18.18
N CYS I 234 -0.04 26.24 -18.48
CA CYS I 234 -0.49 25.32 -17.44
C CYS I 234 0.51 25.21 -16.29
N THR I 235 1.81 25.39 -16.53
CA THR I 235 2.71 25.48 -15.39
C THR I 235 2.40 26.71 -14.54
N GLU I 236 1.90 27.79 -15.14
CA GLU I 236 1.52 28.94 -14.34
C GLU I 236 0.23 28.68 -13.57
N MET I 237 -0.68 27.91 -14.18
CA MET I 237 -1.86 27.49 -13.45
C MET I 237 -1.46 26.61 -12.27
N GLU I 238 -0.52 25.68 -12.50
CA GLU I 238 -0.03 24.83 -11.43
C GLU I 238 0.44 25.65 -10.23
N ARG I 239 1.19 26.73 -10.47
CA ARG I 239 1.60 27.59 -9.37
C ARG I 239 0.43 28.34 -8.78
N VAL I 240 -0.55 28.71 -9.60
CA VAL I 240 -1.72 29.38 -9.06
C VAL I 240 -2.49 28.44 -8.12
N PHE I 241 -2.52 27.15 -8.42
CA PHE I 241 -3.22 26.22 -7.55
C PHE I 241 -2.35 25.74 -6.39
N GLY I 242 -1.06 26.04 -6.43
CA GLY I 242 -0.14 25.62 -5.39
C GLY I 242 0.58 24.30 -5.60
N PHE I 243 0.46 23.70 -6.78
CA PHE I 243 1.10 22.43 -7.06
C PHE I 243 2.57 22.62 -7.43
N PRO I 244 3.37 21.57 -7.31
CA PRO I 244 4.74 21.66 -7.86
C PRO I 244 4.63 21.91 -9.36
N VAL I 245 5.61 22.66 -9.90
CA VAL I 245 5.66 22.96 -11.31
C VAL I 245 5.87 21.67 -12.10
N HIS I 246 5.11 21.50 -13.18
CA HIS I 246 5.13 20.32 -14.04
C HIS I 246 4.52 19.11 -13.33
N TYR I 247 3.76 19.35 -12.26
CA TYR I 247 3.10 18.24 -11.58
C TYR I 247 2.27 17.40 -12.55
N THR I 248 1.45 18.05 -13.37
CA THR I 248 0.60 17.37 -14.33
C THR I 248 1.24 17.21 -15.71
N ASP I 249 2.55 17.44 -15.83
CA ASP I 249 3.20 17.16 -17.11
C ASP I 249 3.47 15.66 -17.26
N VAL I 250 2.39 14.89 -17.47
CA VAL I 250 2.50 13.43 -17.62
C VAL I 250 1.59 12.94 -18.74
N SER I 251 1.98 11.79 -19.33
CA SER I 251 1.19 11.04 -20.33
C SER I 251 0.69 11.90 -21.49
N ASN I 252 1.54 12.81 -21.98
CA ASN I 252 1.29 13.53 -23.23
C ASN I 252 -0.03 14.31 -23.20
N MET I 253 -0.48 14.71 -22.01
CA MET I 253 -1.71 15.48 -21.91
C MET I 253 -1.55 16.83 -22.58
N SER I 254 -2.58 17.23 -23.33
CA SER I 254 -2.67 18.58 -23.85
C SER I 254 -2.80 19.57 -22.69
N HIS I 255 -2.61 20.86 -23.01
CA HIS I 255 -2.81 21.86 -21.97
C HIS I 255 -4.25 21.85 -21.48
N LEU I 256 -5.20 21.59 -22.36
CA LEU I 256 -6.60 21.56 -21.95
C LEU I 256 -6.91 20.34 -21.11
N ALA I 257 -6.28 19.21 -21.41
CA ALA I 257 -6.44 18.04 -20.56
C ALA I 257 -5.79 18.26 -19.20
N ARG I 258 -4.63 18.92 -19.16
CA ARG I 258 -4.05 19.33 -17.89
C ARG I 258 -4.95 20.32 -17.14
N GLN I 259 -5.55 21.27 -17.87
CA GLN I 259 -6.46 22.21 -17.22
C GLN I 259 -7.72 21.52 -16.72
N ARG I 260 -8.15 20.45 -17.40
CA ARG I 260 -9.30 19.71 -16.92
CA ARG I 260 -9.31 19.70 -16.91
C ARG I 260 -9.02 19.10 -15.55
N LEU I 261 -7.80 18.61 -15.35
CA LEU I 261 -7.41 18.05 -14.05
C LEU I 261 -7.28 19.15 -13.00
N LEU I 262 -6.73 20.29 -13.37
CA LEU I 262 -6.50 21.35 -12.39
C LEU I 262 -7.80 22.05 -12.02
N GLY I 263 -8.68 22.28 -12.98
CA GLY I 263 -9.90 23.03 -12.72
C GLY I 263 -10.91 22.28 -11.87
N ARG I 264 -10.67 21.00 -11.58
CA ARG I 264 -11.48 20.23 -10.65
C ARG I 264 -10.81 20.04 -9.29
N SER I 265 -9.52 20.39 -9.14
CA SER I 265 -8.75 19.98 -7.98
C SER I 265 -8.94 20.95 -6.81
N TRP I 266 -8.19 20.72 -5.74
CA TRP I 266 -8.20 21.60 -4.58
C TRP I 266 -7.06 22.60 -4.70
N SER I 267 -7.25 23.77 -4.10
CA SER I 267 -6.13 24.69 -3.94
C SER I 267 -5.21 24.17 -2.85
N VAL I 268 -3.99 23.80 -3.24
CA VAL I 268 -3.04 23.16 -2.31
C VAL I 268 -2.89 23.93 -0.99
N PRO I 269 -2.61 25.24 -0.98
CA PRO I 269 -2.44 25.92 0.33
C PRO I 269 -3.65 25.81 1.22
N VAL I 270 -4.86 25.77 0.64
CA VAL I 270 -6.08 25.67 1.45
C VAL I 270 -6.11 24.34 2.20
N ILE I 271 -5.84 23.25 1.49
CA ILE I 271 -5.83 21.93 2.11
C ILE I 271 -4.75 21.86 3.18
N ARG I 272 -3.56 22.41 2.89
CA ARG I 272 -2.50 22.40 3.89
C ARG I 272 -2.95 23.09 5.16
N HIS I 273 -3.67 24.21 5.03
CA HIS I 273 -4.23 24.86 6.20
C HIS I 273 -5.21 23.95 6.93
N LEU I 274 -5.93 23.13 6.17
CA LEU I 274 -6.93 22.26 6.78
C LEU I 274 -6.31 21.01 7.40
N PHE I 275 -5.25 20.49 6.79
CA PHE I 275 -4.60 19.29 7.29
C PHE I 275 -3.57 19.58 8.37
N ALA I 276 -3.11 20.83 8.51
CA ALA I 276 -1.97 21.10 9.38
C ALA I 276 -2.18 20.62 10.83
N PRO I 277 -3.34 20.82 11.46
CA PRO I 277 -3.52 20.32 12.84
C PRO I 277 -3.44 18.81 12.96
N LEU I 278 -3.56 18.08 11.86
CA LEU I 278 -3.44 16.62 11.94
C LEU I 278 -2.05 16.17 12.37
N LYS I 279 -1.05 17.06 12.30
CA LYS I 279 0.32 16.67 12.69
C LYS I 279 0.40 16.27 14.16
N GLU I 280 -0.41 16.89 15.02
CA GLU I 280 -0.37 16.54 16.43
C GLU I 280 -1.13 15.25 16.75
N TYR I 281 -1.69 14.58 15.74
CA TYR I 281 -2.40 13.33 15.95
C TYR I 281 -1.70 12.11 15.37
N PHE I 282 -0.76 12.28 14.44
CA PHE I 282 -0.10 11.16 13.79
C PHE I 282 1.40 11.41 13.69
N ALA I 283 2.13 10.34 13.37
CA ALA I 283 3.59 10.38 13.29
C ALA I 283 4.07 11.24 12.13
N CYS I 284 5.26 11.82 12.30
CA CYS I 284 5.80 12.76 11.32
C CYS I 284 7.31 12.66 11.22
N VAL I 285 7.83 13.24 10.13
CA VAL I 285 9.23 13.17 9.74
C VAL I 285 9.98 14.46 10.09
N VAL J 7 -45.06 -15.02 23.77
CA VAL J 7 -46.36 -14.41 23.64
C VAL J 7 -46.66 -13.49 24.83
N TRP J 8 -45.85 -13.60 25.87
CA TRP J 8 -45.92 -12.71 27.02
C TRP J 8 -44.62 -11.94 27.14
N ARG J 9 -44.63 -10.95 28.04
CA ARG J 9 -43.51 -10.02 28.21
C ARG J 9 -43.15 -9.35 26.88
N ARG J 10 -44.15 -9.13 26.03
CA ARG J 10 -43.94 -8.57 24.70
C ARG J 10 -44.70 -7.25 24.59
N GLN J 11 -44.01 -6.16 24.95
CA GLN J 11 -44.55 -4.82 24.81
C GLN J 11 -44.91 -4.54 23.35
N PRO J 12 -45.83 -3.59 23.10
CA PRO J 12 -46.27 -3.36 21.71
C PRO J 12 -45.29 -2.56 20.85
N VAL J 13 -45.65 -2.40 19.58
CA VAL J 13 -44.75 -1.92 18.54
C VAL J 13 -44.70 -0.39 18.56
N ARG J 14 -43.59 0.18 18.10
CA ARG J 14 -43.45 1.62 17.90
C ARG J 14 -42.80 1.83 16.54
N VAL J 15 -43.55 2.36 15.56
CA VAL J 15 -43.05 2.49 14.20
C VAL J 15 -43.20 3.90 13.67
N LEU J 16 -42.08 4.47 13.23
CA LEU J 16 -42.02 5.71 12.45
C LEU J 16 -42.18 5.38 10.98
N SER J 17 -43.13 6.03 10.32
CA SER J 17 -43.34 5.78 8.89
C SER J 17 -43.13 7.04 8.06
N LEU J 18 -42.72 6.85 6.80
CA LEU J 18 -42.24 7.93 5.95
C LEU J 18 -42.95 7.90 4.61
N PHE J 19 -43.28 9.09 4.11
CA PHE J 19 -43.76 9.30 2.73
C PHE J 19 -45.17 8.75 2.55
N GLU J 20 -45.61 7.94 3.50
CA GLU J 20 -46.87 7.24 3.34
C GLU J 20 -47.39 6.88 4.70
N ASP J 21 -48.65 7.22 4.98
CA ASP J 21 -49.27 6.76 6.21
C ASP J 21 -49.95 5.43 5.94
N ILE J 22 -49.53 4.41 6.68
CA ILE J 22 -50.10 3.09 6.63
C ILE J 22 -50.98 2.83 7.87
N LYS J 23 -51.36 3.90 8.58
CA LYS J 23 -52.09 3.74 9.84
C LYS J 23 -53.33 2.89 9.67
N LYS J 24 -54.09 3.14 8.60
CA LYS J 24 -55.35 2.42 8.37
C LYS J 24 -55.10 0.91 8.29
N GLU J 25 -54.10 0.49 7.52
CA GLU J 25 -53.85 -0.94 7.41
C GLU J 25 -53.16 -1.47 8.65
N LEU J 26 -52.37 -0.64 9.34
CA LEU J 26 -51.80 -1.05 10.61
C LEU J 26 -52.91 -1.48 11.57
N THR J 27 -53.92 -0.63 11.73
CA THR J 27 -55.09 -1.01 12.52
C THR J 27 -55.82 -2.20 11.90
N SER J 28 -55.75 -2.37 10.59
CA SER J 28 -56.47 -3.45 9.91
C SER J 28 -56.10 -4.81 10.48
N LEU J 29 -54.81 -5.05 10.68
CA LEU J 29 -54.36 -6.32 11.25
C LEU J 29 -54.26 -6.28 12.76
N GLY J 30 -54.25 -5.09 13.35
CA GLY J 30 -54.27 -4.97 14.80
C GLY J 30 -52.90 -4.82 15.40
N PHE J 31 -52.17 -3.80 14.95
CA PHE J 31 -50.87 -3.51 15.52
C PHE J 31 -50.99 -2.30 16.45
CA PRO J 38 -51.06 9.32 22.80
C PRO J 38 -50.93 8.22 21.75
N GLY J 39 -50.29 8.54 20.63
CA GLY J 39 -50.21 7.62 19.50
C GLY J 39 -48.87 6.92 19.43
N GLN J 40 -48.94 5.61 19.21
CA GLN J 40 -47.74 4.81 18.97
C GLN J 40 -47.00 5.28 17.73
N LEU J 41 -47.74 5.54 16.66
CA LEU J 41 -47.14 5.84 15.38
C LEU J 41 -46.58 7.26 15.37
N LYS J 42 -45.56 7.47 14.54
CA LYS J 42 -45.10 8.80 14.20
C LYS J 42 -44.98 8.89 12.70
N HIS J 43 -45.55 9.94 12.12
CA HIS J 43 -45.46 10.21 10.70
C HIS J 43 -44.86 11.58 10.50
N VAL J 44 -43.90 11.67 9.58
CA VAL J 44 -43.11 12.90 9.41
C VAL J 44 -43.67 13.74 8.27
N VAL J 45 -44.08 14.95 8.62
CA VAL J 45 -44.38 16.08 7.74
C VAL J 45 -43.52 16.10 6.48
N ASP J 46 -42.30 16.55 6.66
CA ASP J 46 -41.32 16.79 5.61
C ASP J 46 -40.01 16.31 6.19
N VAL J 47 -39.39 15.32 5.55
CA VAL J 47 -38.19 14.76 6.13
C VAL J 47 -37.01 15.71 5.98
N THR J 48 -37.10 16.65 5.02
CA THR J 48 -35.95 17.51 4.73
C THR J 48 -35.56 18.33 5.94
N ASP J 49 -36.53 18.81 6.70
CA ASP J 49 -36.23 19.55 7.91
C ASP J 49 -35.84 18.65 9.08
N THR J 50 -36.10 17.35 8.98
CA THR J 50 -35.89 16.45 10.11
C THR J 50 -34.41 16.21 10.32
N VAL J 51 -33.97 16.27 11.58
CA VAL J 51 -32.60 15.88 11.89
C VAL J 51 -32.61 14.85 13.02
N ARG J 52 -31.42 14.48 13.49
CA ARG J 52 -31.29 13.38 14.43
C ARG J 52 -32.09 13.62 15.71
N LYS J 53 -31.86 14.77 16.36
CA LYS J 53 -32.48 15.04 17.65
C LYS J 53 -34.01 14.92 17.60
N ASP J 54 -34.61 15.21 16.44
CA ASP J 54 -36.05 15.09 16.33
C ASP J 54 -36.49 13.64 16.27
N VAL J 55 -35.77 12.80 15.51
CA VAL J 55 -36.04 11.38 15.52
C VAL J 55 -35.83 10.81 16.92
N GLU J 56 -34.79 11.28 17.62
CA GLU J 56 -34.56 10.83 19.00
C GLU J 56 -35.69 11.26 19.91
N GLU J 57 -36.06 12.54 19.87
CA GLU J 57 -37.11 13.10 20.72
C GLU J 57 -38.50 12.59 20.36
N TRP J 58 -38.62 11.74 19.34
CA TRP J 58 -39.85 11.01 19.05
C TRP J 58 -39.86 9.64 19.70
N GLY J 59 -38.96 9.41 20.65
CA GLY J 59 -38.91 8.16 21.37
C GLY J 59 -38.33 7.06 20.50
N PRO J 60 -37.96 5.94 21.13
CA PRO J 60 -37.41 4.82 20.38
C PRO J 60 -38.44 4.22 19.43
N PHE J 61 -37.92 3.59 18.38
CA PHE J 61 -38.71 2.88 17.39
C PHE J 61 -38.15 1.49 17.21
N ASP J 62 -39.01 0.53 16.86
CA ASP J 62 -38.53 -0.79 16.50
C ASP J 62 -38.90 -1.22 15.10
N LEU J 63 -39.80 -0.49 14.43
CA LEU J 63 -39.87 -0.58 12.98
C LEU J 63 -39.79 0.82 12.40
N VAL J 64 -39.15 0.94 11.24
CA VAL J 64 -39.05 2.20 10.49
C VAL J 64 -39.52 1.91 9.07
N TYR J 65 -40.56 2.61 8.64
CA TYR J 65 -41.19 2.30 7.37
C TYR J 65 -41.12 3.50 6.44
N GLY J 66 -40.99 3.20 5.15
CA GLY J 66 -41.03 4.22 4.12
C GLY J 66 -41.29 3.59 2.77
N ALA J 67 -41.93 4.35 1.88
CA ALA J 67 -42.29 3.80 0.59
C ALA J 67 -42.28 4.89 -0.48
N THR J 68 -41.95 4.47 -1.68
CA THR J 68 -42.16 5.29 -2.86
C THR J 68 -43.66 5.60 -3.03
N PRO J 69 -43.98 6.77 -3.60
CA PRO J 69 -45.36 7.01 -4.00
C PRO J 69 -45.69 6.24 -5.26
N PRO J 70 -46.96 5.88 -5.48
CA PRO J 70 -47.31 5.11 -6.68
C PRO J 70 -47.06 5.89 -7.96
N LEU J 71 -46.89 5.15 -9.05
CA LEU J 71 -46.80 5.76 -10.37
C LEU J 71 -47.98 6.70 -10.58
N GLY J 72 -47.68 7.97 -10.73
CA GLY J 72 -48.69 9.00 -10.81
C GLY J 72 -48.10 10.31 -10.33
N HIS J 73 -48.98 11.32 -10.23
CA HIS J 73 -48.55 12.65 -9.82
C HIS J 73 -48.34 12.75 -8.32
N THR J 74 -48.66 13.91 -7.75
CA THR J 74 -48.45 14.37 -6.37
C THR J 74 -47.03 14.14 -5.84
N CYS J 75 -46.04 13.91 -6.70
CA CYS J 75 -44.65 13.83 -6.30
C CYS J 75 -43.91 15.08 -6.78
N ASP J 76 -43.30 15.81 -5.85
CA ASP J 76 -42.41 16.89 -6.21
C ASP J 76 -40.95 16.46 -6.17
N ARG J 77 -40.69 15.18 -5.91
CA ARG J 77 -39.37 14.65 -5.63
C ARG J 77 -38.98 13.59 -6.67
N PRO J 78 -37.69 13.47 -6.98
CA PRO J 78 -37.25 12.38 -7.86
C PRO J 78 -37.32 11.06 -7.15
N PRO J 79 -37.49 9.94 -7.87
CA PRO J 79 -37.72 8.65 -7.21
C PRO J 79 -36.65 8.27 -6.19
N SER J 80 -35.37 8.60 -6.42
CA SER J 80 -34.37 8.20 -5.44
C SER J 80 -34.20 9.20 -4.31
N TRP J 81 -34.89 10.35 -4.36
CA TRP J 81 -34.96 11.23 -3.18
C TRP J 81 -35.56 10.49 -1.99
N TYR J 82 -36.66 9.76 -2.21
CA TYR J 82 -37.28 9.03 -1.12
C TYR J 82 -36.32 7.99 -0.55
N LEU J 83 -35.53 7.35 -1.42
CA LEU J 83 -34.65 6.30 -0.95
C LEU J 83 -33.51 6.85 -0.10
N PHE J 84 -32.80 7.88 -0.59
CA PHE J 84 -31.73 8.47 0.19
C PHE J 84 -32.25 9.00 1.53
N GLN J 85 -33.37 9.75 1.49
CA GLN J 85 -33.95 10.23 2.74
C GLN J 85 -34.32 9.08 3.67
N PHE J 86 -34.88 8.00 3.11
CA PHE J 86 -35.20 6.83 3.92
C PHE J 86 -33.95 6.26 4.56
N HIS J 87 -32.91 6.02 3.75
CA HIS J 87 -31.67 5.49 4.30
C HIS J 87 -31.11 6.43 5.35
N ARG J 88 -31.26 7.73 5.12
CA ARG J 88 -30.83 8.73 6.09
C ARG J 88 -31.57 8.55 7.40
N LEU J 89 -32.89 8.82 7.41
CA LEU J 89 -33.67 8.76 8.66
C LEU J 89 -33.53 7.43 9.36
N LEU J 90 -33.32 6.34 8.60
CA LEU J 90 -33.25 5.02 9.21
C LEU J 90 -32.11 4.91 10.21
N GLN J 91 -30.97 5.53 9.92
CA GLN J 91 -29.82 5.34 10.78
C GLN J 91 -29.94 6.17 12.06
N TYR J 92 -30.68 7.29 12.04
CA TYR J 92 -30.90 8.01 13.29
C TYR J 92 -31.80 7.21 14.22
N ALA J 93 -32.78 6.49 13.66
CA ALA J 93 -33.73 5.75 14.46
C ALA J 93 -33.12 4.54 15.16
N ARG J 94 -32.00 4.03 14.67
CA ARG J 94 -31.37 2.85 15.26
C ARG J 94 -31.02 3.11 16.73
N PRO J 95 -30.94 2.06 17.53
CA PRO J 95 -30.46 2.24 18.91
C PRO J 95 -29.05 1.73 19.11
N LYS J 96 -28.54 1.83 20.34
CA LYS J 96 -27.22 1.34 20.67
C LYS J 96 -27.14 -0.17 20.37
N PRO J 97 -25.97 -0.66 19.96
CA PRO J 97 -25.90 -2.05 19.49
C PRO J 97 -26.25 -3.08 20.55
N GLY J 98 -25.97 -2.80 21.82
CA GLY J 98 -26.32 -3.71 22.89
C GLY J 98 -27.75 -3.63 23.37
N SER J 99 -28.53 -2.70 22.84
CA SER J 99 -29.94 -2.56 23.22
C SER J 99 -30.70 -3.84 22.87
N PRO J 100 -31.30 -4.53 23.84
CA PRO J 100 -31.89 -5.84 23.54
C PRO J 100 -33.09 -5.77 22.62
N ARG J 101 -33.81 -4.65 22.58
CA ARG J 101 -35.05 -4.58 21.83
C ARG J 101 -34.78 -4.84 20.34
N PRO J 102 -35.61 -5.66 19.69
CA PRO J 102 -35.43 -5.92 18.25
C PRO J 102 -35.67 -4.67 17.41
N PHE J 103 -35.12 -4.66 16.20
CA PHE J 103 -35.18 -3.49 15.33
C PHE J 103 -35.34 -3.93 13.89
N PHE J 104 -36.44 -3.53 13.27
CA PHE J 104 -36.76 -3.90 11.91
C PHE J 104 -37.02 -2.64 11.10
N TRP J 105 -36.75 -2.70 9.80
CA TRP J 105 -36.97 -1.57 8.91
C TRP J 105 -37.62 -2.08 7.64
N MET J 106 -38.16 -1.18 6.82
CA MET J 106 -38.84 -1.62 5.60
C MET J 106 -38.95 -0.49 4.59
N PHE J 107 -38.35 -0.68 3.42
CA PHE J 107 -38.55 0.19 2.28
C PHE J 107 -39.15 -0.62 1.14
N VAL J 108 -40.03 0.02 0.37
CA VAL J 108 -40.78 -0.70 -0.66
C VAL J 108 -41.11 0.25 -1.83
N ASP J 109 -41.00 -0.28 -3.05
CA ASP J 109 -41.12 0.50 -4.27
C ASP J 109 -42.32 0.06 -5.11
N ASN J 110 -43.04 1.03 -5.67
CA ASN J 110 -44.15 0.77 -6.59
C ASN J 110 -43.70 0.91 -8.04
N LEU J 111 -42.62 0.24 -8.41
CA LEU J 111 -42.09 0.18 -9.76
C LEU J 111 -41.67 1.54 -10.32
N VAL J 112 -41.57 2.57 -9.48
CA VAL J 112 -41.17 3.87 -10.01
C VAL J 112 -39.65 3.92 -10.20
N LEU J 113 -38.89 3.24 -9.36
CA LEU J 113 -37.43 3.26 -9.50
C LEU J 113 -37.01 2.56 -10.79
N ASN J 114 -36.14 3.20 -11.54
CA ASN J 114 -35.54 2.56 -12.72
C ASN J 114 -34.32 1.75 -12.30
N LYS J 115 -33.74 1.02 -13.27
CA LYS J 115 -32.66 0.10 -12.92
C LYS J 115 -31.44 0.85 -12.42
N GLU J 116 -31.13 2.03 -12.96
CA GLU J 116 -30.04 2.81 -12.38
C GLU J 116 -30.35 3.14 -10.92
N ASP J 117 -31.61 3.42 -10.61
CA ASP J 117 -32.01 3.69 -9.23
C ASP J 117 -32.17 2.44 -8.39
N LEU J 118 -32.39 1.28 -9.00
CA LEU J 118 -32.54 0.06 -8.22
C LEU J 118 -31.22 -0.37 -7.58
N ASP J 119 -30.13 -0.38 -8.36
CA ASP J 119 -28.83 -0.79 -7.81
C ASP J 119 -28.35 0.17 -6.73
N VAL J 120 -28.74 1.43 -6.81
CA VAL J 120 -28.48 2.36 -5.70
C VAL J 120 -29.14 1.86 -4.43
N ALA J 121 -30.41 1.45 -4.52
CA ALA J 121 -31.10 0.94 -3.35
C ALA J 121 -30.42 -0.31 -2.81
N SER J 122 -30.10 -1.26 -3.68
CA SER J 122 -29.51 -2.52 -3.24
C SER J 122 -28.14 -2.31 -2.60
N ARG J 123 -27.42 -1.27 -3.01
CA ARG J 123 -26.11 -1.01 -2.42
C ARG J 123 -26.18 -0.18 -1.15
N PHE J 124 -27.17 0.70 -1.02
CA PHE J 124 -27.28 1.51 0.19
C PHE J 124 -27.89 0.73 1.36
N LEU J 125 -28.75 -0.25 1.08
CA LEU J 125 -29.33 -1.07 2.14
C LEU J 125 -28.77 -2.48 2.18
N GLU J 126 -27.77 -2.78 1.36
CA GLU J 126 -26.92 -3.96 1.47
C GLU J 126 -27.67 -5.26 1.20
N MET J 127 -28.74 -5.21 0.42
CA MET J 127 -29.44 -6.43 0.01
C MET J 127 -30.30 -6.11 -1.20
N GLU J 128 -30.65 -7.16 -1.93
CA GLU J 128 -31.48 -7.06 -3.12
C GLU J 128 -32.94 -7.17 -2.73
N PRO J 129 -33.85 -6.64 -3.56
CA PRO J 129 -35.27 -6.68 -3.23
C PRO J 129 -35.95 -7.97 -3.67
N VAL J 130 -36.89 -8.39 -2.85
CA VAL J 130 -37.87 -9.40 -3.22
C VAL J 130 -38.96 -8.72 -4.03
N THR J 131 -39.48 -9.43 -5.03
CA THR J 131 -40.59 -8.88 -5.83
C THR J 131 -41.85 -9.68 -5.62
N ILE J 132 -42.97 -8.96 -5.54
CA ILE J 132 -44.24 -9.53 -5.08
C ILE J 132 -45.31 -9.30 -6.14
N PRO J 133 -46.06 -10.32 -6.52
CA PRO J 133 -47.18 -10.13 -7.43
C PRO J 133 -48.54 -10.37 -6.80
N ASP J 134 -49.60 -9.80 -7.38
CA ASP J 134 -50.96 -10.29 -7.16
C ASP J 134 -51.82 -9.85 -8.34
N VAL J 135 -52.37 -10.83 -9.06
CA VAL J 135 -53.33 -10.60 -10.13
C VAL J 135 -54.59 -11.39 -9.80
N HIS J 136 -55.74 -10.81 -10.13
CA HIS J 136 -57.02 -11.43 -9.83
C HIS J 136 -57.25 -12.68 -10.68
N LEU J 140 -50.62 -9.67 -14.66
CA LEU J 140 -50.00 -8.51 -14.01
C LEU J 140 -51.03 -7.43 -13.70
N GLN J 141 -51.52 -7.40 -12.46
CA GLN J 141 -52.35 -6.28 -12.02
C GLN J 141 -51.47 -5.11 -11.59
N ASN J 142 -50.78 -5.24 -10.46
CA ASN J 142 -49.74 -4.29 -10.07
C ASN J 142 -48.72 -5.03 -9.23
N ALA J 143 -47.53 -4.43 -9.12
CA ALA J 143 -46.39 -5.10 -8.51
C ALA J 143 -45.73 -4.16 -7.50
N VAL J 144 -44.67 -4.67 -6.85
CA VAL J 144 -44.10 -4.01 -5.68
C VAL J 144 -42.81 -4.73 -5.27
N ARG J 145 -41.73 -3.95 -5.06
CA ARG J 145 -40.40 -4.44 -4.71
C ARG J 145 -40.06 -4.01 -3.29
N VAL J 146 -39.66 -4.95 -2.43
CA VAL J 146 -39.38 -4.65 -1.03
C VAL J 146 -37.96 -5.03 -0.65
N TRP J 147 -37.28 -4.13 0.05
CA TRP J 147 -36.04 -4.40 0.76
C TRP J 147 -36.33 -4.37 2.24
N SER J 148 -35.88 -5.38 2.98
CA SER J 148 -35.73 -5.21 4.43
C SER J 148 -35.24 -6.48 5.11
N ASN J 149 -34.86 -6.29 6.38
CA ASN J 149 -34.13 -7.30 7.15
C ASN J 149 -35.01 -8.44 7.66
N ILE J 150 -36.33 -8.31 7.61
CA ILE J 150 -37.13 -9.34 8.29
C ILE J 150 -37.01 -10.66 7.53
N PRO J 151 -36.77 -11.77 8.21
CA PRO J 151 -36.45 -13.02 7.49
C PRO J 151 -37.61 -13.59 6.71
N ALA J 152 -38.85 -13.36 7.15
CA ALA J 152 -39.99 -14.04 6.53
C ALA J 152 -40.12 -13.67 5.07
N ILE J 153 -39.91 -12.39 4.74
CA ILE J 153 -39.99 -11.96 3.34
C ILE J 153 -38.93 -12.65 2.50
N ARG J 154 -37.69 -12.71 3.02
CA ARG J 154 -36.62 -13.37 2.28
C ARG J 154 -36.79 -14.90 2.27
N SER J 155 -37.39 -15.46 3.32
CA SER J 155 -37.39 -16.90 3.51
C SER J 155 -38.64 -17.59 2.98
N ARG J 156 -39.70 -16.87 2.65
CA ARG J 156 -40.95 -17.50 2.24
C ARG J 156 -41.02 -17.64 0.74
N HIS J 157 -41.50 -18.81 0.28
CA HIS J 157 -41.53 -19.16 -1.13
C HIS J 157 -42.46 -18.25 -1.92
N TRP J 158 -41.98 -17.05 -2.25
CA TRP J 158 -42.75 -16.14 -3.10
C TRP J 158 -42.55 -16.51 -4.57
N ALA J 159 -43.50 -16.08 -5.41
CA ALA J 159 -43.44 -16.35 -6.83
C ALA J 159 -42.52 -15.35 -7.52
N LEU J 160 -41.59 -15.87 -8.33
CA LEU J 160 -40.65 -15.03 -9.05
C LEU J 160 -41.28 -14.48 -10.33
N VAL J 161 -41.06 -13.19 -10.57
CA VAL J 161 -41.80 -12.45 -11.60
C VAL J 161 -40.82 -11.74 -12.53
N SER J 162 -41.27 -11.52 -13.77
CA SER J 162 -40.46 -10.97 -14.85
C SER J 162 -40.59 -9.45 -14.93
N GLU J 163 -39.45 -8.76 -15.04
CA GLU J 163 -39.44 -7.31 -15.15
C GLU J 163 -40.01 -6.81 -16.48
N GLU J 164 -39.98 -7.64 -17.53
CA GLU J 164 -40.55 -7.23 -18.81
C GLU J 164 -42.07 -7.11 -18.72
N GLU J 165 -42.72 -8.02 -17.98
CA GLU J 165 -44.16 -7.88 -17.75
C GLU J 165 -44.46 -6.66 -16.89
N LEU J 166 -43.57 -6.36 -15.94
CA LEU J 166 -43.71 -5.12 -15.17
C LEU J 166 -43.52 -3.89 -16.04
N SER J 167 -42.67 -4.00 -17.07
CA SER J 167 -42.50 -2.90 -18.01
C SER J 167 -43.80 -2.61 -18.77
N LEU J 168 -44.49 -3.67 -19.21
CA LEU J 168 -45.77 -3.48 -19.90
C LEU J 168 -46.84 -2.94 -18.95
N LEU J 169 -46.81 -3.37 -17.68
CA LEU J 169 -47.73 -2.82 -16.70
C LEU J 169 -47.48 -1.33 -16.48
N ALA J 170 -46.20 -0.92 -16.56
CA ALA J 170 -45.87 0.50 -16.46
C ALA J 170 -46.40 1.27 -17.67
N GLN J 171 -46.34 0.67 -18.85
CA GLN J 171 -46.90 1.32 -20.04
C GLN J 171 -48.41 1.47 -19.92
N ASN J 172 -49.09 0.43 -19.43
CA ASN J 172 -50.53 0.54 -19.18
C ASN J 172 -50.81 1.55 -18.07
N LYS J 173 -49.92 1.61 -17.06
CA LYS J 173 -50.07 2.60 -16.01
C LYS J 173 -49.86 4.01 -16.55
N GLN J 174 -48.93 4.16 -17.50
CA GLN J 174 -48.66 5.47 -18.08
C GLN J 174 -49.85 6.02 -18.85
N SER J 175 -50.58 5.15 -19.55
CA SER J 175 -51.76 5.60 -20.28
C SER J 175 -52.93 5.90 -19.35
N SER J 176 -52.97 5.30 -18.17
CA SER J 176 -54.09 5.49 -17.24
C SER J 176 -54.23 6.95 -16.80
N LYS J 181 -51.61 0.89 -7.74
CA LYS J 181 -51.54 2.23 -7.18
C LYS J 181 -51.90 2.19 -5.71
N TRP J 182 -50.87 2.19 -4.86
CA TRP J 182 -51.00 1.97 -3.42
C TRP J 182 -51.72 0.66 -3.13
N PRO J 183 -51.41 -0.46 -3.81
CA PRO J 183 -52.19 -1.68 -3.58
C PRO J 183 -51.86 -2.27 -2.22
N THR J 184 -52.84 -2.20 -1.31
CA THR J 184 -52.57 -2.59 0.06
C THR J 184 -52.86 -4.06 0.33
N LYS J 185 -53.46 -4.77 -0.63
CA LYS J 185 -53.60 -6.22 -0.47
C LYS J 185 -52.24 -6.89 -0.34
N LEU J 186 -51.19 -6.22 -0.84
CA LEU J 186 -49.83 -6.72 -0.76
C LEU J 186 -48.91 -5.84 0.06
N VAL J 187 -49.29 -4.60 0.32
CA VAL J 187 -48.81 -3.95 1.52
C VAL J 187 -49.32 -4.71 2.74
N LYS J 188 -50.42 -5.44 2.60
CA LYS J 188 -50.91 -6.27 3.70
C LYS J 188 -50.00 -7.47 3.92
N ASN J 189 -49.82 -8.30 2.88
CA ASN J 189 -48.99 -9.48 3.00
C ASN J 189 -47.56 -9.15 3.44
N CYS J 190 -47.13 -7.90 3.22
CA CYS J 190 -45.79 -7.50 3.63
C CYS J 190 -45.68 -7.41 5.15
N PHE J 191 -46.64 -6.75 5.80
CA PHE J 191 -46.59 -6.57 7.25
C PHE J 191 -47.11 -7.75 8.03
N LEU J 192 -47.48 -8.85 7.35
CA LEU J 192 -48.07 -10.00 8.02
C LEU J 192 -47.22 -10.57 9.15
N PRO J 193 -45.94 -10.91 8.96
CA PRO J 193 -45.21 -11.62 10.03
C PRO J 193 -44.63 -10.73 11.11
N LEU J 194 -45.17 -9.53 11.29
CA LEU J 194 -44.72 -8.68 12.39
C LEU J 194 -45.42 -8.98 13.71
N ARG J 195 -46.58 -9.64 13.66
CA ARG J 195 -47.42 -9.86 14.84
C ARG J 195 -46.69 -10.62 15.95
N GLU J 196 -45.66 -11.40 15.62
CA GLU J 196 -44.97 -12.25 16.59
C GLU J 196 -44.00 -11.46 17.46
N TYR J 197 -43.57 -10.28 17.02
CA TYR J 197 -42.61 -9.51 17.80
C TYR J 197 -43.30 -8.65 18.86
N PHE J 198 -44.43 -8.05 18.51
CA PHE J 198 -45.15 -7.15 19.40
C PHE J 198 -46.50 -7.77 19.79
N LYS J 199 -47.37 -6.94 20.38
CA LYS J 199 -48.66 -7.41 20.88
C LYS J 199 -49.64 -7.60 19.72
N TYR J 200 -50.63 -8.46 19.96
CA TYR J 200 -51.58 -8.86 18.94
C TYR J 200 -52.95 -8.26 19.23
N PHE J 201 -53.58 -7.70 18.20
CA PHE J 201 -54.90 -7.07 18.29
C PHE J 201 -54.96 -6.02 19.40
P PYO K 5 -17.64 27.31 -9.40
OP1 PYO K 5 -18.73 26.47 -8.99
OP2 PYO K 5 -16.97 28.15 -8.40
O5' PYO K 5 -16.56 26.42 -10.13
C5' PYO K 5 -16.93 25.36 -10.99
C4' PYO K 5 -15.82 24.35 -11.11
O4' PYO K 5 -15.58 23.73 -9.83
C3' PYO K 5 -16.07 23.17 -12.04
C1' PYO K 5 -14.87 22.54 -10.05
O3' PYO K 5 -15.70 23.49 -13.37
C2' PYO K 5 -15.25 22.01 -11.44
O2' PYO K 5 -14.07 21.79 -12.18
N1 PYO K 5 -15.24 21.62 -8.95
C6 PYO K 5 -16.20 20.59 -9.12
C2 PYO K 5 -14.65 21.83 -7.64
C5 PYO K 5 -16.57 19.71 -7.99
O2 PYO K 5 -13.83 22.74 -7.49
N3 PYO K 5 -15.02 20.96 -6.52
C4 PYO K 5 -15.97 19.91 -6.69
P PYO L 5 17.62 11.62 -40.38
OP1 PYO L 5 17.99 12.44 -41.51
OP2 PYO L 5 18.64 10.88 -39.64
O5' PYO L 5 16.79 12.50 -39.35
C5' PYO L 5 15.76 13.36 -39.80
C4' PYO L 5 15.48 14.47 -38.82
O4' PYO L 5 16.70 15.17 -38.53
C3' PYO L 5 14.54 15.56 -39.30
C1' PYO L 5 16.37 16.42 -37.98
O3' PYO L 5 13.18 15.23 -39.08
C2' PYO L 5 15.02 16.84 -38.59
O2' PYO L 5 14.13 17.22 -37.56
N1 PYO L 5 17.47 17.35 -38.30
C6 PYO L 5 17.40 18.24 -39.40
C2 PYO L 5 18.68 17.29 -37.49
C5 PYO L 5 18.54 19.15 -39.69
O2 PYO L 5 18.73 16.50 -36.55
N3 PYO L 5 19.80 18.18 -37.77
C4 PYO L 5 19.74 19.09 -38.87
C1 CIT M . 18.74 -19.93 2.82
O1 CIT M . 17.50 -20.10 2.83
O2 CIT M . 19.20 -18.77 2.89
C2 CIT M . 19.67 -21.12 2.73
C3 CIT M . 19.99 -21.56 1.30
O7 CIT M . 18.76 -21.77 0.55
C4 CIT M . 20.94 -20.59 0.58
C5 CIT M . 20.90 -20.73 -0.94
O3 CIT M . 20.88 -21.86 -1.50
O4 CIT M . 20.92 -19.72 -1.68
C6 CIT M . 20.70 -22.89 1.46
O5 CIT M . 20.05 -23.95 1.46
O6 CIT M . 21.94 -22.91 1.61
N SAH N . 0.40 -21.57 3.39
CA SAH N . -0.30 -20.64 4.26
CB SAH N . -1.71 -21.18 4.53
CG SAH N . -2.22 -22.25 3.54
SD SAH N . -3.61 -23.28 4.11
C SAH N . 0.49 -20.36 5.55
O SAH N . 1.71 -20.51 5.60
OXT SAH N . -0.04 -19.95 6.59
C5' SAH N . -4.84 -22.54 2.98
C4' SAH N . -5.53 -21.29 3.53
O4' SAH N . -6.53 -20.83 2.64
C3' SAH N . -6.21 -21.45 4.89
O3' SAH N . -5.61 -20.44 5.66
C2' SAH N . -7.66 -21.08 4.66
O2' SAH N . -8.20 -20.33 5.73
C1' SAH N . -7.57 -20.23 3.40
N9 SAH N . -8.84 -20.18 2.64
C8 SAH N . -9.81 -21.14 2.58
N7 SAH N . -10.80 -20.69 1.77
C5 SAH N . -10.47 -19.46 1.31
C6 SAH N . -11.13 -18.57 0.46
N6 SAH N . -12.31 -18.86 -0.07
N1 SAH N . -10.54 -17.35 0.17
C2 SAH N . -9.31 -17.04 0.71
N3 SAH N . -8.67 -17.92 1.55
C4 SAH N . -9.25 -19.12 1.84
C1 CIT O . 12.08 3.66 45.24
O1 CIT O . 13.26 3.28 45.41
O2 CIT O . 11.73 4.79 45.66
C2 CIT O . 11.08 2.74 44.57
C3 CIT O . 11.30 2.75 43.07
O7 CIT O . 12.69 2.49 42.76
C4 CIT O . 10.38 1.72 42.40
C5 CIT O . 11.13 0.93 41.36
O3 CIT O . 11.42 -0.26 41.52
O4 CIT O . 11.46 1.47 40.29
C6 CIT O . 10.92 4.14 42.62
O5 CIT O . 9.74 4.52 42.76
O6 CIT O . 11.78 4.92 42.14
N SAH P . 2.48 -14.94 44.75
CA SAH P . 2.62 -16.09 43.87
CB SAH P . 1.34 -16.95 43.94
CG SAH P . 0.42 -16.85 45.16
SD SAH P . -1.16 -17.76 44.99
C SAH P . 2.94 -15.59 42.44
O SAH P . 2.80 -16.28 41.42
OXT SAH P . 3.38 -14.45 42.26
C5' SAH P . -0.90 -19.01 46.27
C4' SAH P . -0.17 -20.25 45.76
O4' SAH P . -0.02 -21.22 46.78
C3' SAH P . -0.83 -20.98 44.60
O3' SAH P . 0.15 -20.98 43.58
C2' SAH P . -1.07 -22.39 45.09
O2' SAH P . -0.85 -23.37 44.09
C1' SAH P . -0.04 -22.51 46.19
N9 SAH P . -0.37 -23.55 47.18
C8 SAH P . -1.63 -23.98 47.50
N7 SAH P . -1.51 -24.94 48.46
C5 SAH P . -0.21 -25.11 48.76
C6 SAH P . 0.43 -25.96 49.67
N6 SAH P . -0.26 -26.80 50.44
N1 SAH P . 1.81 -25.92 49.76
C2 SAH P . 2.53 -25.05 48.96
N3 SAH P . 1.88 -24.22 48.07
C4 SAH P . 0.52 -24.25 47.97
C1 CIT Q . 32.37 14.84 -20.91
O1 CIT Q . 31.40 14.74 -21.70
O2 CIT Q . 32.16 15.10 -19.70
C2 CIT Q . 33.79 14.67 -21.41
C3 CIT Q . 34.09 13.25 -21.89
O7 CIT Q . 33.42 12.30 -21.04
C4 CIT Q . 35.59 12.93 -21.89
C5 CIT Q . 36.46 14.13 -22.17
O3 CIT Q . 36.86 14.36 -23.33
O4 CIT Q . 36.83 14.89 -21.25
C6 CIT Q . 33.56 13.03 -23.31
O5 CIT Q . 32.44 12.55 -23.51
O6 CIT Q . 34.28 13.37 -24.28
N SAH R . 20.37 22.68 -33.34
CA SAH R . 19.26 23.47 -32.83
CB SAH R . 18.12 23.57 -33.86
CG SAH R . 18.43 23.26 -35.33
SD SAH R . 16.97 22.95 -36.36
C SAH R . 18.71 22.91 -31.49
O SAH R . 19.40 22.19 -30.76
OXT SAH R . 17.59 23.19 -31.09
C5' SAH R . 17.26 24.38 -37.43
C4' SAH R . 16.57 25.61 -36.89
O4' SAH R . 16.69 26.68 -37.80
C3' SAH R . 15.08 25.44 -36.61
O3' SAH R . 14.92 25.72 -35.25
C2' SAH R . 14.40 26.52 -37.45
O2' SAH R . 13.33 27.14 -36.79
C1' SAH R . 15.55 27.50 -37.65
N9 SAH R . 15.41 28.33 -38.83
C8 SAH R . 14.78 28.00 -40.01
N7 SAH R . 14.89 29.04 -40.85
C5 SAH R . 15.57 30.03 -40.24
C6 SAH R . 15.95 31.31 -40.66
N6 SAH R . 15.64 31.76 -41.87
N1 SAH R . 16.65 32.11 -39.79
C2 SAH R . 16.99 31.67 -38.53
N3 SAH R . 16.61 30.40 -38.13
C4 SAH R . 15.91 29.60 -38.97
C1 CIT S . -2.26 27.44 11.17
O1 CIT S . -1.51 26.46 11.36
O2 CIT S . -2.78 28.02 12.16
C2 CIT S . -2.56 27.95 9.76
C3 CIT S . -1.57 27.39 8.74
O7 CIT S . -2.83 27.26 8.02
C4 CIT S . -1.14 27.72 7.31
C5 CIT S . -0.26 26.63 6.72
O3 CIT S . -0.72 25.78 5.93
O4 CIT S . 0.95 26.58 6.99
C6 CIT S . -0.80 28.68 9.04
O5 CIT S . -1.32 29.79 8.87
O6 CIT S . 0.38 28.61 9.46
N SAH T . -10.38 16.87 -5.17
CA SAH T . -9.70 16.06 -6.17
CB SAH T . -10.58 15.91 -7.43
CG SAH T . -12.09 16.09 -7.32
SD SAH T . -12.94 16.13 -8.95
C SAH T . -8.30 16.63 -6.51
O SAH T . -7.68 16.31 -7.54
OXT SAH T . -7.74 17.44 -5.76
C5' SAH T . -14.02 14.73 -8.62
C4' SAH T . -13.37 13.45 -9.13
O4' SAH T . -14.24 12.35 -9.02
C3' SAH T . -12.93 13.50 -10.58
O3' SAH T . -11.54 13.23 -10.54
C2' SAH T . -13.67 12.37 -11.26
O2' SAH T . -12.91 11.71 -12.23
C1' SAH T . -13.92 11.45 -10.06
N9 SAH T . -15.03 10.52 -10.27
C8 SAH T . -16.09 10.65 -11.12
N7 SAH T . -16.87 9.56 -10.97
C5 SAH T . -16.32 8.74 -10.04
C6 SAH T . -16.73 7.51 -9.52
N6 SAH T . -17.84 6.93 -9.96
N1 SAH T . -15.94 6.89 -8.57
C2 SAH T . -14.78 7.49 -8.13
N3 SAH T . -14.39 8.72 -8.64
C4 SAH T . -15.16 9.33 -9.59
#